data_7MQO
#
_entry.id   7MQO
#
_cell.length_a   1.00
_cell.length_b   1.00
_cell.length_c   1.00
_cell.angle_alpha   90.00
_cell.angle_beta   90.00
_cell.angle_gamma   90.00
#
_symmetry.space_group_name_H-M   'P 1'
#
loop_
_entity.id
_entity.type
_entity.pdbx_description
1 polymer 'Insulin A chain'
2 polymer 'Insulin B chain'
3 polymer 'Isoform Short of Insulin receptor'
4 branched 2-acetamido-2-deoxy-beta-D-glucopyranose-(1-4)-2-acetamido-2-deoxy-beta-D-glucopyranose
5 non-polymer 2-acetamido-2-deoxy-beta-D-glucopyranose
#
loop_
_entity_poly.entity_id
_entity_poly.type
_entity_poly.pdbx_seq_one_letter_code
_entity_poly.pdbx_strand_id
1 'polypeptide(L)' GIVEQCCTSICSLYQLENYCHSLQ A,C
2 'polypeptide(L)' FVNQHLCGSELVEALYLVCLER B,D
3 'polypeptide(L)'
;HLYPGEVCPGMDIRNNLTRLHELENCSVIEGHLQILLMFKTRPEDFRDLSFPKLIMITDYLLLFRVYGLESLKDLFPNLT
VIRGSRLFFNYALVIFEMVHLKELGLYNLMNITRGSVRIEKNNELCYLATIDWSRILDSVEDNYIVLNKDDNEECGDICP
GTAKGKTNCPATVINGQFVERCWTHSHCQKVCPTICKSHGCTAEGLCCHSECLGNCSQPDDPTKCVACRNFYLDGRCVET
CPPPYYHFQDWRCVNFSFCQDLHHKCKNSRRQGCHQYVIHNNKCIPECPSGYTMNSSNLLCTPCLGPCPKVCHLLEGEKT
IDSVTSAQELRGCTVINGSLIINIRGGNNLAAELEANLGLIEEISGYLKIRRSYALVSLSFFRKLRLIRGETLEIGNYSF
YALDNQNLRQLWDWSKHNLTITQGKLFFHYNPKLCLSEIHKMEEVSGTKGRQERNDIALKTNGDQASCENELLKFSYIRT
SFDKILLRWEPYWPPDFRDLLGFMLFYKEAPYQNVTEFDGQDACGSNSWTVVDIDPPLRSNDPKSQNHPGWLMRGLKPWT
QYAIFVKTLVTFSDERRTYGAKSDIIYVQTDATNPSVPLDPISVSNSSSQIILKWKPPSDPNGNITHYLVFWERQAEDSE
LFELDYCLKGLKLPSRTWSPPFESEDSQKHNQSEYEDSAGECCSCPKTDSQILKELEESSFRKTFEDYLHNVVFVPRPSR
KRRSLGDVGNVTVAVPTVAAFPNTSSTSVPTSPEEHRPFEKVVNKESLVISGLRHFTGYRIELQACNQDTPEERCSVAAY
VSARTMPEAKADDIVGPVTHEIFENNVVHLMWQEPKEPNGLIVLYEVSYRRYGDEELHLCVSRKHFALERGCRLRGLSPG
NYSVRIRATSLAGNGSWTEPTYFYVTDYLDVPSNIAK
;
F,E
#
loop_
_chem_comp.id
_chem_comp.type
_chem_comp.name
_chem_comp.formula
NAG D-saccharide, beta linking 2-acetamido-2-deoxy-beta-D-glucopyranose 'C8 H15 N O6'
#
# COMPACT_ATOMS: atom_id res chain seq x y z
N GLY A 1 23.50 -18.86 16.86
CA GLY A 1 23.12 -17.54 16.38
C GLY A 1 23.79 -16.42 17.15
N ILE A 2 25.02 -16.08 16.77
CA ILE A 2 25.71 -14.99 17.47
C ILE A 2 25.15 -13.65 17.05
N VAL A 3 24.83 -13.48 15.77
CA VAL A 3 24.17 -12.25 15.33
C VAL A 3 22.85 -12.09 16.07
N GLU A 4 22.09 -13.18 16.19
CA GLU A 4 20.87 -13.19 17.00
C GLU A 4 21.08 -12.70 18.42
N GLN A 5 22.21 -13.02 19.05
CA GLN A 5 22.47 -12.83 20.47
C GLN A 5 23.21 -11.54 20.78
N CYS A 6 24.09 -11.08 19.89
CA CYS A 6 24.87 -9.88 20.14
C CYS A 6 24.43 -8.70 19.28
N CYS A 7 23.45 -8.85 18.40
CA CYS A 7 23.00 -7.68 17.67
C CYS A 7 21.57 -7.29 18.00
N THR A 8 20.62 -8.21 17.88
CA THR A 8 19.24 -7.87 18.20
C THR A 8 19.05 -7.68 19.69
N SER A 9 19.78 -8.43 20.50
CA SER A 9 19.75 -8.33 21.95
C SER A 9 21.12 -7.89 22.45
N ILE A 10 21.30 -7.91 23.76
CA ILE A 10 22.53 -7.49 24.40
C ILE A 10 23.20 -8.71 25.01
N CYS A 11 24.48 -8.91 24.68
CA CYS A 11 25.26 -10.04 25.12
C CYS A 11 26.37 -9.58 26.06
N SER A 12 26.55 -10.31 27.17
CA SER A 12 27.48 -9.91 28.21
C SER A 12 28.87 -10.46 27.94
N LEU A 13 29.78 -10.22 28.90
CA LEU A 13 31.16 -10.67 28.77
C LEU A 13 31.27 -12.18 28.76
N TYR A 14 30.47 -12.86 29.58
CA TYR A 14 30.57 -14.31 29.69
C TYR A 14 30.23 -14.99 28.38
N GLN A 15 29.22 -14.49 27.67
CA GLN A 15 28.82 -15.10 26.40
C GLN A 15 29.89 -14.90 25.34
N LEU A 16 30.54 -13.73 25.31
CA LEU A 16 31.65 -13.55 24.39
C LEU A 16 32.81 -14.47 24.73
N GLU A 17 33.10 -14.64 26.02
CA GLU A 17 34.14 -15.59 26.41
C GLU A 17 33.75 -17.01 26.01
N ASN A 18 32.44 -17.30 25.99
CA ASN A 18 31.97 -18.59 25.49
C ASN A 18 32.21 -18.74 24.00
N TYR A 19 31.96 -17.69 23.23
CA TYR A 19 32.16 -17.71 21.79
C TYR A 19 33.63 -17.63 21.40
N CYS A 20 34.52 -17.37 22.36
CA CYS A 20 35.96 -17.34 22.10
C CYS A 20 36.50 -18.61 21.44
N HIS A 21 35.78 -19.74 21.55
CA HIS A 21 36.24 -20.94 20.85
C HIS A 21 36.37 -20.72 19.36
N SER A 22 35.47 -19.93 18.79
CA SER A 22 35.48 -19.71 17.34
C SER A 22 36.76 -19.03 16.88
N LEU A 23 37.42 -18.26 17.73
CA LEU A 23 38.72 -17.70 17.40
C LEU A 23 39.88 -18.59 17.83
N GLN A 24 39.70 -19.38 18.88
CA GLN A 24 40.75 -20.32 19.26
C GLN A 24 40.55 -21.69 18.62
N ASN B 3 28.87 -1.23 26.52
CA ASN B 3 27.80 -2.17 26.22
C ASN B 3 26.91 -1.65 25.09
N GLN B 4 26.99 -2.29 23.94
CA GLN B 4 26.18 -1.89 22.79
C GLN B 4 26.12 -3.05 21.81
N HIS B 5 25.15 -2.98 20.89
CA HIS B 5 25.02 -3.96 19.82
C HIS B 5 26.24 -3.88 18.89
N LEU B 6 27.09 -4.90 18.90
CA LEU B 6 28.33 -4.81 18.14
C LEU B 6 28.08 -4.99 16.66
N CYS B 7 27.66 -6.20 16.25
CA CYS B 7 27.23 -6.50 14.88
C CYS B 7 28.33 -6.28 13.85
N GLY B 8 28.09 -6.76 12.63
CA GLY B 8 28.92 -6.44 11.48
C GLY B 8 30.41 -6.65 11.66
N SER B 9 31.19 -5.67 11.21
CA SER B 9 32.65 -5.74 11.30
C SER B 9 33.12 -5.52 12.73
N GLU B 10 32.22 -5.14 13.63
CA GLU B 10 32.58 -4.91 15.02
C GLU B 10 32.58 -6.18 15.87
N LEU B 11 31.76 -7.17 15.53
CA LEU B 11 31.83 -8.45 16.22
C LEU B 11 33.15 -9.16 16.02
N VAL B 12 33.66 -9.18 14.79
CA VAL B 12 34.90 -9.89 14.47
C VAL B 12 36.13 -9.19 15.01
N GLU B 13 35.99 -7.98 15.54
CA GLU B 13 37.10 -7.25 16.15
C GLU B 13 36.73 -6.85 17.57
N ALA B 14 35.63 -7.43 18.07
CA ALA B 14 35.34 -7.33 19.49
C ALA B 14 35.63 -8.66 20.16
N LEU B 15 35.27 -9.75 19.49
CA LEU B 15 35.65 -11.08 19.97
C LEU B 15 37.16 -11.20 20.10
N TYR B 16 37.89 -10.55 19.20
CA TYR B 16 39.35 -10.62 19.26
C TYR B 16 39.88 -10.08 20.57
N LEU B 17 39.32 -8.95 21.03
CA LEU B 17 39.79 -8.36 22.28
C LEU B 17 39.34 -9.17 23.49
N VAL B 18 38.09 -9.65 23.47
CA VAL B 18 37.59 -10.44 24.59
C VAL B 18 38.36 -11.76 24.68
N CYS B 19 38.64 -12.39 23.55
CA CYS B 19 39.35 -13.66 23.53
C CYS B 19 40.85 -13.52 23.67
N LEU B 20 41.33 -12.33 24.05
CA LEU B 20 42.77 -12.12 24.22
C LEU B 20 43.02 -11.17 25.39
N HIS C 1 -47.62 44.80 9.90
CA HIS C 1 -48.52 44.10 8.99
C HIS C 1 -47.82 42.91 8.33
N LEU C 2 -46.65 42.57 8.84
CA LEU C 2 -45.88 41.47 8.28
C LEU C 2 -46.55 40.13 8.58
N TYR C 3 -46.22 39.14 7.76
CA TYR C 3 -46.80 37.80 7.83
C TYR C 3 -48.34 37.81 7.83
N PRO C 4 -48.96 38.26 6.72
CA PRO C 4 -50.43 38.21 6.66
C PRO C 4 -50.95 36.84 6.26
N GLY C 5 -50.74 35.84 7.12
CA GLY C 5 -51.18 34.51 6.78
C GLY C 5 -51.00 33.56 7.95
N GLU C 6 -51.37 32.31 7.72
CA GLU C 6 -51.30 31.27 8.73
C GLU C 6 -49.87 30.71 8.79
N VAL C 7 -49.69 29.62 9.53
CA VAL C 7 -48.39 28.97 9.67
C VAL C 7 -48.50 27.52 9.22
N CYS C 8 -47.82 27.18 8.13
CA CYS C 8 -47.99 25.91 7.45
C CYS C 8 -47.02 24.87 7.99
N PRO C 9 -47.49 23.67 8.30
CA PRO C 9 -46.55 22.58 8.62
C PRO C 9 -45.74 22.16 7.42
N GLY C 10 -44.82 21.21 7.60
CA GLY C 10 -44.02 20.67 6.51
C GLY C 10 -44.90 19.87 5.58
N MET C 11 -44.56 19.87 4.29
CA MET C 11 -45.44 19.32 3.27
C MET C 11 -44.69 18.47 2.26
N ASP C 12 -45.31 17.35 1.89
CA ASP C 12 -44.91 16.56 0.73
C ASP C 12 -45.96 16.70 -0.35
N ILE C 13 -45.54 17.12 -1.54
CA ILE C 13 -46.49 17.33 -2.61
C ILE C 13 -46.12 16.46 -3.80
N ARG C 14 -46.73 15.29 -3.91
CA ARG C 14 -46.50 14.39 -5.01
C ARG C 14 -47.75 14.30 -5.89
N ASN C 15 -47.51 14.13 -7.19
CA ASN C 15 -48.46 13.63 -8.19
C ASN C 15 -49.12 14.77 -8.97
N ASN C 16 -49.84 15.66 -8.30
CA ASN C 16 -50.55 16.73 -9.00
C ASN C 16 -50.60 17.97 -8.12
N LEU C 17 -51.27 19.01 -8.65
CA LEU C 17 -51.10 20.39 -8.22
C LEU C 17 -52.08 20.84 -7.15
N THR C 18 -53.12 20.07 -6.86
CA THR C 18 -54.17 20.52 -5.94
C THR C 18 -53.61 20.85 -4.57
N ARG C 19 -52.61 20.13 -4.09
CA ARG C 19 -52.00 20.49 -2.82
C ARG C 19 -51.03 21.67 -2.96
N LEU C 20 -50.29 21.73 -4.07
CA LEU C 20 -49.46 22.90 -4.33
C LEU C 20 -50.25 24.18 -4.21
N HIS C 21 -51.51 24.21 -4.64
CA HIS C 21 -52.35 25.36 -4.35
C HIS C 21 -53.29 25.12 -3.16
N GLU C 22 -53.07 24.04 -2.41
CA GLU C 22 -53.47 24.03 -1.00
C GLU C 22 -52.55 24.99 -0.26
N LEU C 23 -51.45 25.38 -0.90
CA LEU C 23 -50.52 26.37 -0.32
C LEU C 23 -50.90 27.80 -0.66
N GLU C 24 -52.18 28.13 -0.86
CA GLU C 24 -52.52 29.53 -1.12
C GLU C 24 -52.36 30.42 0.12
N ASN C 25 -52.85 29.95 1.26
CA ASN C 25 -52.98 30.78 2.47
C ASN C 25 -51.79 30.49 3.36
N CYS C 26 -50.60 30.99 3.01
CA CYS C 26 -49.43 30.51 3.73
C CYS C 26 -48.34 31.57 3.65
N SER C 27 -48.09 32.26 4.77
CA SER C 27 -47.05 33.27 4.81
C SER C 27 -45.72 32.74 5.36
N VAL C 28 -45.73 31.56 5.98
CA VAL C 28 -44.52 30.97 6.52
C VAL C 28 -44.75 29.47 6.64
N ILE C 29 -43.70 28.69 6.42
CA ILE C 29 -43.73 27.24 6.52
C ILE C 29 -42.79 26.82 7.65
N GLU C 30 -43.32 26.09 8.61
CA GLU C 30 -42.55 25.63 9.75
C GLU C 30 -41.75 24.36 9.48
N GLY C 31 -41.95 23.72 8.33
CA GLY C 31 -41.27 22.49 8.01
C GLY C 31 -40.51 22.61 6.71
N HIS C 32 -40.60 21.55 5.91
CA HIS C 32 -39.92 21.47 4.62
C HIS C 32 -40.95 21.45 3.50
N LEU C 33 -40.59 22.06 2.37
CA LEU C 33 -41.42 22.05 1.17
C LEU C 33 -40.77 21.14 0.14
N GLN C 34 -41.49 20.13 -0.30
CA GLN C 34 -40.97 19.14 -1.25
C GLN C 34 -41.96 19.03 -2.43
N ILE C 35 -41.63 19.67 -3.54
CA ILE C 35 -42.40 19.53 -4.77
C ILE C 35 -41.79 18.34 -5.51
N LEU C 36 -42.27 17.16 -5.20
CA LEU C 36 -41.65 15.92 -5.64
C LEU C 36 -42.24 15.50 -6.99
N LEU C 37 -42.03 14.22 -7.37
CA LEU C 37 -42.21 13.78 -8.74
C LEU C 37 -43.63 14.03 -9.24
N MET C 38 -43.74 14.80 -10.32
CA MET C 38 -45.00 15.02 -11.02
C MET C 38 -44.76 14.80 -12.51
N PHE C 39 -45.55 13.92 -13.11
CA PHE C 39 -45.30 13.48 -14.48
C PHE C 39 -46.35 13.95 -15.48
N LYS C 40 -47.61 14.08 -15.08
CA LYS C 40 -48.69 14.41 -16.00
C LYS C 40 -48.94 15.92 -16.09
N THR C 41 -47.92 16.73 -15.83
CA THR C 41 -48.05 18.18 -15.91
C THR C 41 -47.13 18.71 -17.02
N ARG C 42 -47.62 19.69 -17.75
CA ARG C 42 -46.99 20.24 -18.93
C ARG C 42 -46.87 21.76 -18.79
N PRO C 43 -45.98 22.41 -19.54
CA PRO C 43 -45.76 23.84 -19.34
C PRO C 43 -46.90 24.73 -19.85
N GLU C 44 -48.13 24.42 -19.48
CA GLU C 44 -49.25 25.33 -19.69
C GLU C 44 -50.19 25.44 -18.50
N ASP C 45 -50.11 24.56 -17.51
CA ASP C 45 -50.91 24.66 -16.30
C ASP C 45 -50.12 25.25 -15.14
N PHE C 46 -48.91 25.76 -15.40
CA PHE C 46 -48.08 26.39 -14.39
C PHE C 46 -48.11 27.91 -14.46
N ARG C 47 -49.05 28.49 -15.21
CA ARG C 47 -49.13 29.93 -15.39
C ARG C 47 -50.17 30.60 -14.50
N ASP C 48 -51.35 29.99 -14.36
CA ASP C 48 -52.43 30.64 -13.62
C ASP C 48 -52.15 30.70 -12.12
N LEU C 49 -51.61 29.63 -11.55
CA LEU C 49 -51.38 29.58 -10.11
C LEU C 49 -50.12 30.35 -9.74
N SER C 50 -50.20 31.07 -8.62
CA SER C 50 -49.06 31.79 -8.07
C SER C 50 -49.26 31.97 -6.58
N PHE C 51 -48.16 32.00 -5.84
CA PHE C 51 -48.19 32.06 -4.38
C PHE C 51 -47.30 33.21 -3.91
N PRO C 52 -47.77 34.45 -4.03
CA PRO C 52 -46.96 35.60 -3.61
C PRO C 52 -47.00 35.86 -2.11
N LYS C 53 -47.72 35.05 -1.33
CA LYS C 53 -47.81 35.24 0.10
C LYS C 53 -46.73 34.48 0.88
N LEU C 54 -46.02 33.55 0.24
CA LEU C 54 -45.00 32.78 0.93
C LEU C 54 -43.76 33.64 1.13
N ILE C 55 -43.36 33.83 2.38
CA ILE C 55 -42.25 34.72 2.73
C ILE C 55 -40.98 33.94 3.05
N MET C 56 -41.08 32.89 3.87
CA MET C 56 -39.90 32.16 4.29
C MET C 56 -40.24 30.70 4.52
N ILE C 57 -39.23 29.85 4.37
CA ILE C 57 -39.32 28.42 4.64
C ILE C 57 -38.31 28.08 5.73
N THR C 58 -38.77 27.38 6.76
CA THR C 58 -37.95 27.20 7.96
C THR C 58 -36.84 26.17 7.78
N ASP C 59 -37.06 25.10 7.01
CA ASP C 59 -36.10 24.01 6.97
C ASP C 59 -35.35 23.94 5.65
N TYR C 60 -36.04 23.74 4.53
CA TYR C 60 -35.40 23.67 3.22
C TYR C 60 -36.49 23.52 2.16
N LEU C 61 -36.07 23.59 0.90
CA LEU C 61 -36.96 23.45 -0.24
C LEU C 61 -36.33 22.48 -1.22
N LEU C 62 -37.01 21.38 -1.51
CA LEU C 62 -36.50 20.35 -2.40
C LEU C 62 -37.42 20.22 -3.61
N LEU C 63 -36.85 20.27 -4.80
CA LEU C 63 -37.56 20.06 -6.04
C LEU C 63 -36.87 18.93 -6.80
N PHE C 64 -37.62 17.90 -7.15
CA PHE C 64 -37.06 16.67 -7.72
C PHE C 64 -37.99 16.13 -8.79
N ARG C 65 -37.55 16.21 -10.04
CA ARG C 65 -38.18 15.54 -11.18
C ARG C 65 -39.65 15.94 -11.32
N VAL C 66 -39.87 17.21 -11.61
CA VAL C 66 -41.18 17.73 -11.99
C VAL C 66 -41.05 18.37 -13.37
N TYR C 67 -41.91 17.96 -14.29
CA TYR C 67 -41.83 18.44 -15.66
C TYR C 67 -42.73 19.65 -15.86
N GLY C 68 -42.38 20.45 -16.86
CA GLY C 68 -43.14 21.63 -17.20
C GLY C 68 -42.88 22.84 -16.34
N LEU C 69 -42.00 22.73 -15.34
CA LEU C 69 -41.69 23.86 -14.47
C LEU C 69 -40.74 24.78 -15.21
N GLU C 70 -41.30 25.70 -15.98
CA GLU C 70 -40.48 26.61 -16.78
C GLU C 70 -39.62 27.49 -15.89
N SER C 71 -40.19 28.03 -14.82
CA SER C 71 -39.46 28.94 -13.94
C SER C 71 -40.14 28.94 -12.59
N LEU C 72 -39.39 29.40 -11.58
CA LEU C 72 -39.93 29.64 -10.24
C LEU C 72 -40.27 31.10 -10.02
N LYS C 73 -40.26 31.92 -11.09
CA LYS C 73 -40.52 33.34 -10.92
C LYS C 73 -41.93 33.61 -10.41
N ASP C 74 -42.91 32.86 -10.91
CA ASP C 74 -44.28 33.02 -10.46
C ASP C 74 -44.64 32.10 -9.29
N LEU C 75 -43.98 30.93 -9.20
CA LEU C 75 -44.32 29.98 -8.15
C LEU C 75 -43.94 30.52 -6.77
N PHE C 76 -42.73 31.04 -6.63
CA PHE C 76 -42.24 31.60 -5.37
C PHE C 76 -41.69 32.99 -5.65
N PRO C 77 -42.56 33.98 -5.82
CA PRO C 77 -42.10 35.34 -6.12
C PRO C 77 -41.73 36.16 -4.89
N ASN C 78 -42.09 35.71 -3.69
CA ASN C 78 -41.82 36.47 -2.47
C ASN C 78 -41.02 35.67 -1.45
N LEU C 79 -40.39 34.57 -1.87
CA LEU C 79 -39.56 33.79 -0.97
C LEU C 79 -38.32 34.60 -0.60
N THR C 80 -38.24 35.04 0.64
CA THR C 80 -37.17 35.94 1.07
C THR C 80 -35.98 35.17 1.66
N VAL C 81 -36.22 34.37 2.69
CA VAL C 81 -35.14 33.66 3.39
C VAL C 81 -35.54 32.21 3.57
N ILE C 82 -34.55 31.32 3.48
CA ILE C 82 -34.71 29.91 3.78
C ILE C 82 -33.78 29.59 4.94
N ARG C 83 -34.34 29.28 6.09
CA ARG C 83 -33.53 28.98 7.26
C ARG C 83 -32.98 27.56 7.18
N GLY C 84 -32.12 27.22 8.14
CA GLY C 84 -31.48 25.93 8.14
C GLY C 84 -31.66 25.14 9.41
N SER C 85 -32.86 25.19 10.00
CA SER C 85 -33.12 24.44 11.22
C SER C 85 -32.95 22.95 11.00
N ARG C 86 -33.47 22.43 9.90
CA ARG C 86 -33.31 21.03 9.53
C ARG C 86 -32.96 20.96 8.06
N LEU C 87 -31.89 20.25 7.72
CA LEU C 87 -31.38 20.20 6.37
C LEU C 87 -31.75 18.87 5.71
N PHE C 88 -31.35 18.75 4.44
CA PHE C 88 -31.54 17.55 3.63
C PHE C 88 -30.17 17.18 3.09
N PHE C 89 -29.43 16.35 3.82
CA PHE C 89 -28.06 15.98 3.45
C PHE C 89 -27.20 17.23 3.27
N ASN C 90 -27.04 17.94 4.38
CA ASN C 90 -26.30 19.20 4.51
C ASN C 90 -26.51 20.15 3.33
N TYR C 91 -27.75 20.23 2.83
CA TYR C 91 -28.10 21.15 1.76
C TYR C 91 -29.45 21.77 2.06
N ALA C 92 -29.51 23.10 2.07
CA ALA C 92 -30.74 23.83 2.39
C ALA C 92 -31.58 24.16 1.17
N LEU C 93 -31.09 23.89 -0.03
CA LEU C 93 -31.86 24.11 -1.25
C LEU C 93 -31.35 23.11 -2.29
N VAL C 94 -32.10 22.03 -2.48
CA VAL C 94 -31.72 20.95 -3.39
C VAL C 94 -32.54 21.09 -4.67
N ILE C 95 -31.86 21.07 -5.80
CA ILE C 95 -32.49 21.08 -7.12
C ILE C 95 -31.86 19.93 -7.91
N PHE C 96 -32.56 18.81 -7.99
CA PHE C 96 -32.05 17.61 -8.64
C PHE C 96 -32.49 17.61 -10.11
N GLU C 97 -32.43 16.45 -10.74
CA GLU C 97 -32.43 16.30 -12.19
C GLU C 97 -33.71 16.75 -12.87
N MET C 98 -34.62 17.41 -12.16
CA MET C 98 -35.81 17.93 -12.80
C MET C 98 -35.43 18.73 -14.03
N VAL C 99 -36.19 18.54 -15.11
CA VAL C 99 -35.87 19.15 -16.39
C VAL C 99 -36.91 20.21 -16.72
N HIS C 100 -36.72 20.88 -17.85
CA HIS C 100 -37.57 21.95 -18.35
C HIS C 100 -37.50 23.22 -17.51
N LEU C 101 -36.55 23.32 -16.59
CA LEU C 101 -36.38 24.52 -15.78
C LEU C 101 -35.41 25.44 -16.49
N LYS C 102 -35.94 26.40 -17.25
CA LYS C 102 -35.08 27.30 -18.02
C LYS C 102 -34.29 28.23 -17.12
N GLU C 103 -34.92 28.73 -16.06
CA GLU C 103 -34.27 29.71 -15.20
C GLU C 103 -34.75 29.51 -13.77
N LEU C 104 -33.92 29.96 -12.82
CA LEU C 104 -34.29 29.85 -11.41
C LEU C 104 -35.31 30.91 -11.03
N GLY C 105 -34.96 32.18 -11.20
CA GLY C 105 -35.91 33.27 -11.00
C GLY C 105 -36.38 33.46 -9.57
N LEU C 106 -35.52 33.20 -8.59
CA LEU C 106 -35.83 33.50 -7.19
C LEU C 106 -35.28 34.87 -6.81
N TYR C 107 -35.76 35.89 -7.51
CA TYR C 107 -35.20 37.24 -7.36
C TYR C 107 -35.42 37.80 -5.97
N ASN C 108 -36.40 37.30 -5.22
CA ASN C 108 -36.64 37.78 -3.87
C ASN C 108 -35.84 37.04 -2.82
N LEU C 109 -35.16 35.96 -3.18
CA LEU C 109 -34.33 35.22 -2.24
C LEU C 109 -33.10 36.05 -1.91
N MET C 110 -32.82 36.22 -0.62
CA MET C 110 -31.76 37.11 -0.19
C MET C 110 -30.75 36.47 0.75
N ASN C 111 -31.15 35.48 1.54
CA ASN C 111 -30.23 34.85 2.49
C ASN C 111 -30.67 33.43 2.77
N ILE C 112 -29.70 32.59 3.13
CA ILE C 112 -29.93 31.24 3.63
C ILE C 112 -29.12 31.13 4.92
N THR C 113 -29.81 31.05 6.06
CA THR C 113 -29.13 31.12 7.34
C THR C 113 -28.13 29.98 7.53
N ARG C 114 -28.52 28.76 7.17
CA ARG C 114 -27.68 27.59 7.37
C ARG C 114 -27.92 26.61 6.24
N GLY C 115 -26.85 26.08 5.69
CA GLY C 115 -26.93 25.07 4.64
C GLY C 115 -26.20 25.52 3.39
N SER C 116 -26.47 24.78 2.30
CA SER C 116 -25.84 25.04 1.01
C SER C 116 -26.87 24.81 -0.08
N VAL C 117 -26.40 24.81 -1.33
CA VAL C 117 -27.25 24.63 -2.51
C VAL C 117 -26.61 23.58 -3.40
N ARG C 118 -27.42 22.67 -3.93
CA ARG C 118 -26.93 21.59 -4.79
C ARG C 118 -27.74 21.51 -6.07
N ILE C 119 -27.83 22.63 -6.78
CA ILE C 119 -28.46 22.62 -8.10
C ILE C 119 -27.61 21.78 -9.04
N GLU C 120 -28.14 20.64 -9.48
CA GLU C 120 -27.36 19.76 -10.34
C GLU C 120 -28.27 18.97 -11.26
N LYS C 121 -27.68 18.47 -12.36
CA LYS C 121 -28.34 17.59 -13.32
C LYS C 121 -29.55 18.25 -13.97
N ASN C 122 -29.53 19.56 -14.11
CA ASN C 122 -30.57 20.29 -14.82
C ASN C 122 -30.13 20.44 -16.28
N ASN C 123 -30.80 19.73 -17.18
CA ASN C 123 -30.36 19.65 -18.57
C ASN C 123 -30.73 20.87 -19.39
N GLU C 124 -31.62 21.73 -18.91
CA GLU C 124 -32.10 22.87 -19.68
C GLU C 124 -32.17 24.11 -18.81
N LEU C 125 -31.14 24.33 -17.98
CA LEU C 125 -31.13 25.43 -17.03
C LEU C 125 -30.12 26.48 -17.44
N CYS C 126 -30.56 27.74 -17.47
CA CYS C 126 -29.73 28.89 -17.78
C CYS C 126 -29.81 29.88 -16.62
N TYR C 127 -29.14 31.03 -16.80
CA TYR C 127 -29.16 32.11 -15.81
C TYR C 127 -28.69 31.63 -14.45
N LEU C 128 -27.61 30.84 -14.45
CA LEU C 128 -27.09 30.24 -13.23
C LEU C 128 -25.72 30.75 -12.83
N ALA C 129 -24.92 31.22 -13.78
CA ALA C 129 -23.59 31.72 -13.47
C ALA C 129 -23.60 33.15 -12.92
N THR C 130 -24.76 33.82 -12.95
CA THR C 130 -24.86 35.19 -12.47
C THR C 130 -25.57 35.29 -11.12
N ILE C 131 -26.08 34.20 -10.59
CA ILE C 131 -26.71 34.24 -9.27
C ILE C 131 -25.64 34.56 -8.23
N ASP C 132 -26.05 35.26 -7.17
CA ASP C 132 -25.12 35.84 -6.20
C ASP C 132 -24.20 34.80 -5.58
N TRP C 133 -24.77 33.91 -4.77
CA TRP C 133 -24.03 32.93 -3.99
C TRP C 133 -22.93 33.58 -3.15
N SER C 134 -23.02 34.87 -2.90
CA SER C 134 -22.07 35.57 -2.05
C SER C 134 -22.82 36.38 -0.99
N ARG C 135 -23.99 36.88 -1.37
CA ARG C 135 -24.87 37.60 -0.45
C ARG C 135 -26.05 36.76 0.01
N ILE C 136 -26.24 35.58 -0.57
CA ILE C 136 -27.30 34.67 -0.15
C ILE C 136 -26.76 33.63 0.82
N LEU C 137 -25.57 33.11 0.56
CA LEU C 137 -24.92 32.14 1.41
C LEU C 137 -23.66 32.76 2.01
N ASP C 138 -23.49 32.60 3.32
CA ASP C 138 -22.30 33.08 4.02
C ASP C 138 -21.32 31.96 4.31
N SER C 139 -21.56 30.75 3.78
CA SER C 139 -20.76 29.57 4.06
C SER C 139 -20.45 28.84 2.76
N VAL C 140 -19.95 29.57 1.77
CA VAL C 140 -19.83 29.00 0.42
C VAL C 140 -18.57 28.15 0.35
N GLU C 141 -18.71 26.89 0.74
CA GLU C 141 -17.70 25.87 0.49
C GLU C 141 -18.30 24.54 0.05
N ASP C 142 -19.61 24.33 0.23
CA ASP C 142 -20.28 23.11 -0.18
C ASP C 142 -21.18 23.31 -1.38
N ASN C 143 -21.20 24.51 -1.95
CA ASN C 143 -22.02 24.77 -3.14
C ASN C 143 -21.57 23.85 -4.27
N TYR C 144 -22.54 23.24 -4.95
CA TYR C 144 -22.26 22.11 -5.82
C TYR C 144 -22.95 22.25 -7.17
N ILE C 145 -22.80 23.40 -7.81
CA ILE C 145 -23.26 23.59 -9.20
C ILE C 145 -22.27 22.88 -10.11
N VAL C 146 -22.69 21.77 -10.72
CA VAL C 146 -21.77 20.97 -11.54
C VAL C 146 -22.32 20.68 -12.93
N LEU C 147 -23.50 20.07 -13.02
CA LEU C 147 -23.96 19.43 -14.24
C LEU C 147 -25.19 20.10 -14.85
N ASN C 148 -25.19 21.43 -14.88
CA ASN C 148 -26.26 22.17 -15.51
C ASN C 148 -25.91 22.49 -16.96
N LYS C 149 -26.86 23.06 -17.68
CA LYS C 149 -26.64 23.33 -19.10
C LYS C 149 -25.59 24.40 -19.33
N ASP C 150 -25.33 25.26 -18.34
CA ASP C 150 -24.31 26.29 -18.50
C ASP C 150 -22.91 25.70 -18.66
N ASP C 151 -22.69 24.47 -18.21
CA ASP C 151 -21.40 23.81 -18.33
C ASP C 151 -21.33 22.86 -19.52
N ASN C 152 -22.37 22.81 -20.34
CA ASN C 152 -22.39 21.95 -21.52
C ASN C 152 -22.51 22.74 -22.82
N GLU C 153 -23.39 23.73 -22.87
CA GLU C 153 -23.51 24.60 -24.04
C GLU C 153 -23.33 26.05 -23.64
N GLU C 154 -23.53 26.95 -24.59
CA GLU C 154 -23.51 28.39 -24.33
C GLU C 154 -24.93 28.93 -24.45
N CYS C 155 -25.42 29.54 -23.36
CA CYS C 155 -26.77 30.07 -23.34
C CYS C 155 -26.85 31.52 -23.78
N GLY C 156 -25.79 32.29 -23.59
CA GLY C 156 -25.79 33.69 -23.96
C GLY C 156 -26.80 34.49 -23.15
N ASP C 157 -26.58 34.57 -21.85
CA ASP C 157 -27.51 35.26 -20.97
C ASP C 157 -27.57 36.75 -21.26
N ILE C 158 -28.76 37.31 -21.10
CA ILE C 158 -28.98 38.75 -21.20
C ILE C 158 -29.33 39.22 -19.79
N CYS C 159 -29.40 40.53 -19.58
CA CYS C 159 -29.80 40.97 -18.24
C CYS C 159 -30.38 42.37 -18.29
N PRO C 160 -31.45 42.62 -17.51
CA PRO C 160 -32.10 43.94 -17.52
C PRO C 160 -31.13 45.11 -17.41
N GLY C 161 -31.09 45.95 -18.45
CA GLY C 161 -30.26 47.12 -18.48
C GLY C 161 -31.02 48.36 -18.88
N THR C 162 -30.30 49.30 -19.48
CA THR C 162 -30.91 50.54 -19.95
C THR C 162 -30.76 50.67 -21.47
N ASN C 168 -27.98 47.82 -16.16
CA ASN C 168 -28.55 48.68 -15.13
C ASN C 168 -28.93 47.88 -13.90
N CYS C 169 -28.07 46.94 -13.51
CA CYS C 169 -28.17 46.27 -12.23
C CYS C 169 -26.79 45.79 -11.82
N PRO C 170 -26.28 46.27 -10.68
CA PRO C 170 -24.83 46.26 -10.43
C PRO C 170 -24.18 44.88 -10.40
N ALA C 171 -23.22 44.68 -11.29
CA ALA C 171 -22.32 43.55 -11.17
C ALA C 171 -21.32 43.79 -10.03
N THR C 172 -20.82 42.70 -9.47
CA THR C 172 -19.88 42.77 -8.36
C THR C 172 -18.70 41.85 -8.63
N VAL C 173 -17.54 42.23 -8.10
CA VAL C 173 -16.30 41.49 -8.31
C VAL C 173 -16.28 40.29 -7.37
N ILE C 174 -16.15 39.10 -7.95
CA ILE C 174 -15.95 37.88 -7.18
C ILE C 174 -14.69 37.13 -7.58
N ASN C 175 -14.19 37.33 -8.80
CA ASN C 175 -12.95 36.72 -9.25
C ASN C 175 -11.92 37.73 -9.71
N GLY C 176 -12.27 39.02 -9.79
CA GLY C 176 -11.33 40.03 -10.25
C GLY C 176 -11.89 40.90 -11.35
N GLN C 177 -13.18 40.70 -11.69
CA GLN C 177 -13.80 41.45 -12.76
C GLN C 177 -15.31 41.51 -12.53
N PHE C 178 -15.90 42.65 -12.91
CA PHE C 178 -17.35 42.79 -12.92
C PHE C 178 -17.92 41.97 -14.08
N VAL C 179 -18.77 40.98 -13.78
CA VAL C 179 -19.40 40.24 -14.86
C VAL C 179 -20.90 40.47 -14.89
N GLU C 180 -21.61 40.05 -13.85
CA GLU C 180 -23.05 40.20 -13.63
C GLU C 180 -23.40 39.62 -12.27
N ARG C 181 -24.51 40.08 -11.71
CA ARG C 181 -25.08 39.51 -10.49
C ARG C 181 -26.59 39.35 -10.73
N CYS C 182 -26.91 38.72 -11.85
CA CYS C 182 -28.23 38.74 -12.46
C CYS C 182 -29.03 37.50 -12.07
N TRP C 183 -30.35 37.65 -12.01
CA TRP C 183 -31.24 36.54 -11.68
C TRP C 183 -31.95 35.94 -12.89
N THR C 184 -32.43 36.75 -13.81
CA THR C 184 -33.22 36.28 -14.95
C THR C 184 -33.24 37.39 -15.99
N HIS C 185 -34.00 37.17 -17.07
CA HIS C 185 -34.09 38.10 -18.18
C HIS C 185 -34.86 39.37 -17.82
N SER C 186 -35.68 39.33 -16.78
CA SER C 186 -36.49 40.49 -16.40
C SER C 186 -36.20 41.00 -15.00
N HIS C 187 -35.34 40.36 -14.24
CA HIS C 187 -35.07 40.75 -12.86
C HIS C 187 -33.60 40.57 -12.53
N CYS C 188 -33.10 41.44 -11.67
CA CYS C 188 -31.79 41.32 -11.03
C CYS C 188 -31.97 41.25 -9.53
N GLN C 189 -30.87 41.12 -8.81
CA GLN C 189 -30.90 40.99 -7.35
C GLN C 189 -30.40 42.28 -6.73
N LYS C 190 -31.12 42.74 -5.69
CA LYS C 190 -30.73 43.93 -4.95
C LYS C 190 -29.46 43.71 -4.14
N VAL C 191 -28.38 44.38 -4.50
CA VAL C 191 -27.21 44.50 -3.64
C VAL C 191 -27.19 45.92 -3.09
N CYS C 192 -26.94 46.04 -1.80
CA CYS C 192 -26.99 47.31 -1.10
C CYS C 192 -25.73 47.48 -0.27
N PRO C 193 -25.39 48.72 0.12
CA PRO C 193 -24.13 48.98 0.84
C PRO C 193 -23.79 47.98 1.93
N THR C 194 -22.50 47.67 2.05
CA THR C 194 -22.02 46.61 2.93
C THR C 194 -21.82 47.07 4.37
N ILE C 195 -22.14 48.33 4.69
CA ILE C 195 -21.98 48.82 6.05
C ILE C 195 -22.86 48.04 7.03
N CYS C 196 -23.92 47.40 6.54
CA CYS C 196 -24.75 46.52 7.34
C CYS C 196 -24.74 45.13 6.73
N LYS C 197 -24.46 44.12 7.56
CA LYS C 197 -24.32 42.76 7.05
C LYS C 197 -25.62 42.25 6.45
N SER C 198 -26.66 42.13 7.27
CA SER C 198 -27.99 41.72 6.79
C SER C 198 -29.02 42.41 7.67
N HIS C 199 -29.48 43.58 7.23
CA HIS C 199 -30.47 44.34 7.98
C HIS C 199 -31.59 44.89 7.11
N GLY C 200 -31.53 44.74 5.79
CA GLY C 200 -32.58 45.26 4.93
C GLY C 200 -32.23 46.59 4.31
N CYS C 201 -32.52 46.74 3.02
CA CYS C 201 -32.24 47.97 2.28
C CYS C 201 -33.41 48.25 1.36
N THR C 202 -34.09 49.38 1.59
CA THR C 202 -35.34 49.69 0.91
C THR C 202 -35.09 50.43 -0.41
N ALA C 203 -34.42 49.74 -1.32
CA ALA C 203 -34.13 50.17 -2.69
C ALA C 203 -33.16 51.35 -2.75
N GLU C 204 -32.75 51.91 -1.61
CA GLU C 204 -31.76 52.97 -1.56
C GLU C 204 -30.72 52.62 -0.51
N GLY C 205 -29.84 53.55 -0.17
CA GLY C 205 -28.90 53.28 0.89
C GLY C 205 -29.50 53.63 2.23
N LEU C 206 -30.09 52.63 2.89
CA LEU C 206 -30.74 52.82 4.19
C LEU C 206 -30.79 51.46 4.87
N CYS C 207 -29.87 51.24 5.82
CA CYS C 207 -29.85 50.00 6.57
C CYS C 207 -30.88 50.07 7.70
N CYS C 208 -31.81 49.13 7.69
CA CYS C 208 -32.91 49.14 8.66
C CYS C 208 -32.40 48.65 10.01
N HIS C 209 -33.32 48.46 10.96
CA HIS C 209 -32.92 48.02 12.29
C HIS C 209 -32.32 46.62 12.23
N SER C 210 -31.52 46.29 13.24
CA SER C 210 -30.91 44.97 13.33
C SER C 210 -31.94 43.86 13.37
N GLU C 211 -33.17 44.16 13.79
CA GLU C 211 -34.22 43.15 13.88
C GLU C 211 -35.02 43.07 12.58
N CYS C 212 -34.32 42.94 11.46
CA CYS C 212 -34.97 42.78 10.15
C CYS C 212 -33.98 42.08 9.23
N LEU C 213 -34.45 41.08 8.50
CA LEU C 213 -33.59 40.24 7.69
C LEU C 213 -33.99 40.37 6.23
N GLY C 214 -33.01 40.62 5.37
CA GLY C 214 -33.22 40.64 3.94
C GLY C 214 -33.79 41.93 3.40
N ASN C 215 -35.07 42.17 3.66
CA ASN C 215 -35.79 43.29 3.05
C ASN C 215 -36.60 44.03 4.11
N CYS C 216 -36.69 45.34 3.94
CA CYS C 216 -37.54 46.21 4.74
C CYS C 216 -38.13 47.30 3.83
N SER C 217 -39.25 47.86 4.27
CA SER C 217 -39.97 48.84 3.46
C SER C 217 -39.91 50.26 4.00
N GLN C 218 -39.57 50.44 5.26
CA GLN C 218 -39.57 51.75 5.91
C GLN C 218 -38.18 52.02 6.49
N PRO C 219 -37.93 53.21 7.08
CA PRO C 219 -36.69 53.36 7.86
C PRO C 219 -36.72 52.50 9.11
N ASP C 220 -35.72 52.64 9.98
CA ASP C 220 -35.55 51.73 11.11
C ASP C 220 -36.87 51.53 11.86
N ASP C 221 -37.43 50.33 11.75
CA ASP C 221 -38.74 50.01 12.31
C ASP C 221 -38.89 48.51 12.43
N PRO C 222 -38.48 47.91 13.55
CA PRO C 222 -38.57 46.44 13.68
C PRO C 222 -39.93 45.86 13.36
N THR C 223 -41.00 46.65 13.44
CA THR C 223 -42.34 46.18 13.15
C THR C 223 -42.71 46.29 11.68
N LYS C 224 -41.81 46.80 10.84
CA LYS C 224 -42.08 46.99 9.41
C LYS C 224 -40.95 46.39 8.58
N CYS C 225 -41.03 45.09 8.33
CA CYS C 225 -40.17 44.39 7.39
C CYS C 225 -40.70 42.99 7.18
N VAL C 226 -40.35 42.40 6.04
CA VAL C 226 -40.97 41.14 5.63
C VAL C 226 -40.55 39.99 6.53
N ALA C 227 -39.31 39.96 6.98
CA ALA C 227 -38.79 38.86 7.78
C ALA C 227 -38.03 39.37 8.98
N CYS C 228 -37.97 38.54 10.03
CA CYS C 228 -37.22 38.84 11.24
C CYS C 228 -35.96 38.02 11.27
N ARG C 229 -34.82 38.68 11.51
CA ARG C 229 -33.59 37.96 11.80
C ARG C 229 -33.70 37.21 13.12
N ASN C 230 -34.19 37.87 14.16
CA ASN C 230 -34.38 37.27 15.47
C ASN C 230 -35.83 36.80 15.61
N PHE C 231 -36.25 36.48 16.83
CA PHE C 231 -37.58 35.92 17.06
C PHE C 231 -38.67 36.92 16.69
N TYR C 232 -39.84 36.37 16.35
CA TYR C 232 -40.98 37.16 15.90
C TYR C 232 -42.09 37.09 16.95
N LEU C 233 -42.64 38.24 17.29
CA LEU C 233 -43.66 38.32 18.34
C LEU C 233 -44.71 39.36 17.97
N ASP C 234 -45.96 38.89 17.82
CA ASP C 234 -47.13 39.76 17.67
C ASP C 234 -46.91 40.87 16.65
N GLY C 235 -46.45 40.53 15.46
CA GLY C 235 -46.26 41.53 14.42
C GLY C 235 -45.09 42.46 14.64
N ARG C 236 -44.08 42.05 15.41
CA ARG C 236 -42.89 42.85 15.60
C ARG C 236 -41.69 41.94 15.78
N CYS C 237 -40.57 42.32 15.18
CA CYS C 237 -39.35 41.53 15.19
C CYS C 237 -38.55 41.93 16.43
N VAL C 238 -38.34 40.99 17.35
CA VAL C 238 -37.86 41.30 18.70
C VAL C 238 -36.71 40.36 19.04
N GLU C 239 -35.94 40.75 20.07
CA GLU C 239 -34.91 39.90 20.67
C GLU C 239 -35.55 38.79 21.50
N THR C 240 -34.74 38.12 22.33
CA THR C 240 -35.22 37.07 23.22
C THR C 240 -36.57 37.43 23.82
N CYS C 241 -37.51 36.49 23.74
CA CYS C 241 -38.92 36.78 23.96
C CYS C 241 -39.14 37.39 25.34
N PRO C 242 -39.75 38.57 25.43
CA PRO C 242 -40.00 39.16 26.75
C PRO C 242 -41.02 38.34 27.51
N PRO C 243 -40.97 38.35 28.84
CA PRO C 243 -41.94 37.58 29.62
C PRO C 243 -43.34 38.15 29.45
N PRO C 244 -44.37 37.32 29.55
CA PRO C 244 -44.28 35.88 29.80
C PRO C 244 -44.33 35.04 28.53
N TYR C 245 -43.59 35.44 27.50
CA TYR C 245 -43.51 34.70 26.26
C TYR C 245 -42.25 33.83 26.25
N TYR C 246 -42.34 32.70 25.55
CA TYR C 246 -41.27 31.71 25.52
C TYR C 246 -40.83 31.44 24.08
N HIS C 247 -39.57 31.05 23.93
CA HIS C 247 -39.03 30.75 22.61
C HIS C 247 -39.71 29.51 22.03
N PHE C 248 -39.73 29.43 20.70
CA PHE C 248 -40.35 28.28 20.03
C PHE C 248 -39.76 28.16 18.63
N GLN C 249 -39.02 27.06 18.40
CA GLN C 249 -38.56 26.66 17.07
C GLN C 249 -37.76 27.77 16.39
N ASP C 250 -36.97 28.49 17.19
CA ASP C 250 -35.90 29.36 16.70
C ASP C 250 -36.47 30.59 15.98
N TRP C 251 -37.78 30.67 15.82
CA TRP C 251 -38.32 31.84 15.12
C TRP C 251 -39.60 32.42 15.69
N ARG C 252 -40.27 31.77 16.65
CA ARG C 252 -41.50 32.29 17.22
C ARG C 252 -41.35 32.58 18.70
N CYS C 253 -42.21 33.48 19.18
CA CYS C 253 -42.45 33.69 20.60
C CYS C 253 -43.89 33.28 20.87
N VAL C 254 -44.06 32.17 21.58
CA VAL C 254 -45.38 31.64 21.88
C VAL C 254 -45.69 31.89 23.35
N ASN C 255 -46.98 31.78 23.68
CA ASN C 255 -47.45 31.88 25.05
C ASN C 255 -47.71 30.49 25.62
N PHE C 256 -47.75 30.44 26.95
CA PHE C 256 -47.71 29.20 27.73
C PHE C 256 -48.83 28.27 27.23
N SER C 257 -49.99 28.84 26.90
CA SER C 257 -51.13 28.01 26.51
C SER C 257 -50.82 27.19 25.26
N PHE C 258 -50.02 27.74 24.35
CA PHE C 258 -49.69 26.99 23.14
C PHE C 258 -48.94 25.71 23.48
N CYS C 259 -47.94 25.80 24.37
CA CYS C 259 -47.19 24.61 24.74
C CYS C 259 -48.05 23.66 25.57
N GLN C 260 -48.94 24.20 26.41
CA GLN C 260 -49.90 23.34 27.12
C GLN C 260 -50.74 22.54 26.13
N ASP C 261 -51.27 23.21 25.12
CA ASP C 261 -52.13 22.53 24.15
C ASP C 261 -51.34 21.48 23.37
N LEU C 262 -50.11 21.81 22.98
CA LEU C 262 -49.30 20.83 22.26
C LEU C 262 -49.01 19.61 23.12
N HIS C 263 -48.64 19.83 24.39
CA HIS C 263 -48.35 18.71 25.28
C HIS C 263 -49.60 17.86 25.51
N HIS C 264 -50.75 18.51 25.70
CA HIS C 264 -51.99 17.75 25.91
C HIS C 264 -52.37 16.96 24.66
N LYS C 265 -52.12 17.53 23.47
CA LYS C 265 -52.46 16.84 22.25
C LYS C 265 -51.57 15.61 22.04
N CYS C 266 -50.26 15.75 22.26
CA CYS C 266 -49.38 14.60 22.06
C CYS C 266 -49.37 13.61 23.23
N LYS C 267 -49.87 13.99 24.41
CA LYS C 267 -49.81 13.08 25.54
C LYS C 267 -50.87 11.99 25.46
N ASN C 268 -51.97 12.24 24.75
CA ASN C 268 -53.08 11.30 24.71
C ASN C 268 -53.42 10.81 23.31
N SER C 269 -53.40 11.69 22.31
CA SER C 269 -53.79 11.28 20.96
C SER C 269 -52.80 10.26 20.39
N ARG C 270 -51.51 10.46 20.61
CA ARG C 270 -50.51 9.53 20.12
C ARG C 270 -49.53 9.14 21.22
N CYS C 274 -43.87 12.33 20.55
CA CYS C 274 -44.52 13.41 19.81
C CYS C 274 -43.88 14.76 20.11
N HIS C 275 -42.62 14.75 20.53
CA HIS C 275 -41.88 15.99 20.80
C HIS C 275 -42.64 16.82 21.85
N GLN C 276 -42.63 16.30 23.08
CA GLN C 276 -43.55 16.71 24.13
C GLN C 276 -43.64 18.22 24.35
N TYR C 277 -42.69 18.99 23.83
CA TYR C 277 -42.70 20.46 23.92
C TYR C 277 -42.73 20.91 25.38
N VAL C 278 -41.66 20.59 26.09
CA VAL C 278 -41.48 21.05 27.46
C VAL C 278 -40.68 22.34 27.46
N ILE C 279 -40.73 23.06 28.57
CA ILE C 279 -40.10 24.37 28.71
C ILE C 279 -38.90 24.22 29.63
N HIS C 280 -37.73 24.60 29.14
CA HIS C 280 -36.48 24.50 29.91
C HIS C 280 -35.87 25.86 30.22
N ASN C 281 -35.52 26.63 29.20
CA ASN C 281 -34.78 27.89 29.34
C ASN C 281 -35.52 29.00 28.61
N ASN C 282 -36.82 29.11 28.89
CA ASN C 282 -37.75 29.97 28.18
C ASN C 282 -37.94 29.53 26.72
N LYS C 283 -37.56 28.30 26.41
CA LYS C 283 -37.74 27.71 25.09
C LYS C 283 -38.62 26.48 25.22
N CYS C 284 -39.57 26.33 24.30
CA CYS C 284 -40.53 25.24 24.36
C CYS C 284 -39.92 24.02 23.67
N ILE C 285 -38.84 23.52 24.27
CA ILE C 285 -38.01 22.47 23.67
C ILE C 285 -38.81 21.18 23.60
N PRO C 286 -38.66 20.38 22.53
CA PRO C 286 -39.44 19.13 22.44
C PRO C 286 -39.21 18.18 23.59
N GLU C 287 -37.98 18.06 24.10
CA GLU C 287 -37.67 17.15 25.19
C GLU C 287 -36.72 17.83 26.17
N CYS C 288 -36.83 17.43 27.43
CA CYS C 288 -35.92 17.96 28.44
C CYS C 288 -34.50 17.51 28.14
N PRO C 289 -33.51 18.36 28.34
CA PRO C 289 -32.12 17.98 28.04
C PRO C 289 -31.57 17.07 29.13
N SER C 290 -30.30 16.68 28.96
CA SER C 290 -29.67 15.78 29.91
C SER C 290 -29.58 16.43 31.29
N GLY C 291 -29.84 15.64 32.32
CA GLY C 291 -29.79 16.12 33.69
C GLY C 291 -31.04 16.81 34.19
N TYR C 292 -32.13 16.80 33.41
CA TYR C 292 -33.37 17.42 33.82
C TYR C 292 -34.52 16.47 33.54
N THR C 293 -35.60 16.62 34.30
CA THR C 293 -36.73 15.72 34.21
C THR C 293 -38.03 16.51 34.29
N MET C 294 -39.09 15.91 33.77
CA MET C 294 -40.43 16.49 33.80
C MET C 294 -41.25 15.81 34.90
N ASN C 295 -41.81 16.61 35.80
CA ASN C 295 -42.56 16.06 36.93
C ASN C 295 -44.07 16.09 36.72
N SER C 296 -44.65 17.29 36.57
CA SER C 296 -46.10 17.44 36.45
C SER C 296 -46.42 18.92 36.29
N SER C 297 -47.71 19.20 36.04
CA SER C 297 -48.28 20.53 36.07
C SER C 297 -47.50 21.52 35.20
N ASN C 298 -46.82 22.47 35.85
CA ASN C 298 -46.04 23.46 35.14
C ASN C 298 -44.98 22.77 34.29
N LEU C 299 -44.93 23.12 33.01
CA LEU C 299 -43.99 22.52 32.07
C LEU C 299 -42.60 23.08 32.37
N LEU C 300 -41.84 22.37 33.19
CA LEU C 300 -40.48 22.76 33.54
C LEU C 300 -39.63 21.51 33.66
N CYS C 301 -38.35 21.64 33.27
CA CYS C 301 -37.38 20.56 33.37
C CYS C 301 -36.47 20.89 34.55
N THR C 302 -36.89 20.49 35.75
CA THR C 302 -36.09 20.72 36.94
C THR C 302 -34.88 19.77 36.96
N PRO C 303 -33.78 20.21 37.55
CA PRO C 303 -32.61 19.31 37.67
C PRO C 303 -32.97 18.08 38.47
N CYS C 304 -32.42 16.94 38.06
CA CYS C 304 -32.73 15.66 38.67
C CYS C 304 -31.60 15.24 39.61
N LEU C 305 -31.97 14.81 40.81
CA LEU C 305 -31.01 14.20 41.72
C LEU C 305 -30.74 12.77 41.27
N GLY C 306 -29.50 12.32 41.48
CA GLY C 306 -29.08 11.07 40.91
C GLY C 306 -28.95 11.19 39.42
N PRO C 307 -27.91 11.93 38.96
CA PRO C 307 -27.87 12.46 37.59
C PRO C 307 -28.44 11.56 36.51
N CYS C 308 -29.44 12.07 35.79
CA CYS C 308 -30.13 11.32 34.75
C CYS C 308 -29.57 11.69 33.40
N PRO C 309 -28.92 10.77 32.68
CA PRO C 309 -28.39 11.09 31.35
C PRO C 309 -29.40 10.80 30.25
N LYS C 310 -29.38 11.65 29.22
CA LYS C 310 -30.25 11.46 28.07
C LYS C 310 -29.60 10.48 27.10
N VAL C 311 -30.38 9.49 26.67
CA VAL C 311 -29.89 8.46 25.76
C VAL C 311 -30.62 8.57 24.44
N CYS C 312 -29.94 8.17 23.37
CA CYS C 312 -30.51 8.11 22.02
C CYS C 312 -30.51 6.64 21.61
N HIS C 313 -31.62 5.96 21.87
CA HIS C 313 -31.75 4.56 21.50
C HIS C 313 -31.83 4.44 19.99
N LEU C 314 -30.89 3.70 19.41
CA LEU C 314 -30.83 3.57 17.96
C LEU C 314 -31.97 2.67 17.46
N LEU C 315 -32.20 2.71 16.15
CA LEU C 315 -33.28 1.94 15.56
C LEU C 315 -33.08 0.44 15.77
N GLU C 316 -31.89 -0.06 15.41
CA GLU C 316 -31.57 -1.47 15.61
C GLU C 316 -30.14 -1.64 16.12
N GLY C 317 -29.59 -0.61 16.77
CA GLY C 317 -28.26 -0.71 17.33
C GLY C 317 -27.14 -0.39 16.37
N GLU C 318 -27.43 0.32 15.28
CA GLU C 318 -26.43 0.62 14.27
C GLU C 318 -26.85 1.87 13.52
N LYS C 319 -25.88 2.73 13.20
CA LYS C 319 -26.16 4.00 12.55
C LYS C 319 -24.99 4.39 11.68
N THR C 320 -25.30 4.88 10.48
CA THR C 320 -24.30 5.40 9.55
C THR C 320 -24.48 6.91 9.45
N ILE C 321 -23.39 7.65 9.67
CA ILE C 321 -23.40 9.11 9.64
C ILE C 321 -22.69 9.57 8.40
N ASP C 322 -23.37 10.35 7.58
CA ASP C 322 -22.85 10.81 6.30
C ASP C 322 -23.03 12.29 6.02
N SER C 323 -23.92 12.97 6.73
CA SER C 323 -24.14 14.40 6.54
C SER C 323 -24.56 14.99 7.88
N VAL C 324 -25.04 16.23 7.85
CA VAL C 324 -25.55 16.84 9.09
C VAL C 324 -26.99 16.45 9.35
N THR C 325 -27.73 16.05 8.32
CA THR C 325 -29.09 15.59 8.54
C THR C 325 -29.11 14.33 9.40
N SER C 326 -28.19 13.40 9.14
CA SER C 326 -28.14 12.17 9.92
C SER C 326 -27.54 12.41 11.30
N ALA C 327 -26.60 13.34 11.40
CA ALA C 327 -25.97 13.64 12.69
C ALA C 327 -26.84 14.51 13.59
N GLN C 328 -27.88 15.14 13.05
CA GLN C 328 -28.68 16.04 13.87
C GLN C 328 -29.60 15.30 14.82
N GLU C 329 -29.98 14.05 14.49
CA GLU C 329 -30.79 13.28 15.44
C GLU C 329 -30.00 12.88 16.68
N LEU C 330 -28.67 12.84 16.59
CA LEU C 330 -27.83 12.55 17.75
C LEU C 330 -27.40 13.86 18.41
N ARG C 331 -28.39 14.64 18.82
CA ARG C 331 -28.17 15.94 19.43
C ARG C 331 -28.83 15.97 20.80
N GLY C 332 -28.08 16.37 21.81
CA GLY C 332 -28.62 16.55 23.15
C GLY C 332 -28.51 15.34 24.05
N CYS C 333 -28.11 14.19 23.53
CA CYS C 333 -27.97 12.99 24.33
C CYS C 333 -26.50 12.64 24.54
N THR C 334 -26.19 12.10 25.72
CA THR C 334 -24.81 11.82 26.10
C THR C 334 -24.45 10.35 26.00
N VAL C 335 -25.43 9.45 25.96
CA VAL C 335 -25.18 8.02 25.90
C VAL C 335 -25.81 7.48 24.62
N ILE C 336 -25.01 6.77 23.82
CA ILE C 336 -25.47 6.17 22.58
C ILE C 336 -25.67 4.68 22.83
N ASN C 337 -26.90 4.20 22.64
CA ASN C 337 -27.21 2.79 22.85
C ASN C 337 -27.12 2.01 21.53
N GLY C 338 -25.93 2.07 20.94
CA GLY C 338 -25.69 1.43 19.67
C GLY C 338 -24.26 1.57 19.19
N SER C 339 -24.08 1.84 17.91
CA SER C 339 -22.75 1.99 17.33
C SER C 339 -22.77 3.09 16.28
N LEU C 340 -21.60 3.66 16.02
CA LEU C 340 -21.45 4.74 15.05
C LEU C 340 -20.52 4.29 13.93
N ILE C 341 -20.93 4.53 12.69
CA ILE C 341 -20.17 4.11 11.51
C ILE C 341 -19.87 5.33 10.66
N ILE C 342 -19.55 6.46 11.31
CA ILE C 342 -19.38 7.76 10.65
C ILE C 342 -18.59 7.62 9.35
N ASN C 343 -19.15 8.14 8.27
CA ASN C 343 -18.60 7.96 6.92
C ASN C 343 -18.90 9.23 6.14
N ILE C 344 -17.95 10.15 6.11
CA ILE C 344 -18.13 11.45 5.47
C ILE C 344 -17.54 11.37 4.07
N ARG C 345 -18.39 11.10 3.09
CA ARG C 345 -17.96 11.07 1.70
C ARG C 345 -17.96 12.49 1.13
N GLY C 346 -16.85 12.88 0.52
CA GLY C 346 -16.77 14.20 -0.09
C GLY C 346 -15.44 14.88 0.15
N GLY C 347 -15.31 16.12 -0.31
CA GLY C 347 -14.08 16.86 -0.15
C GLY C 347 -14.21 18.11 0.70
N ASN C 348 -15.16 18.08 1.63
CA ASN C 348 -15.41 19.22 2.52
C ASN C 348 -15.15 18.83 3.96
N ASN C 349 -14.65 19.80 4.73
CA ASN C 349 -14.30 19.58 6.13
C ASN C 349 -15.52 19.86 7.00
N LEU C 350 -16.39 18.84 7.10
CA LEU C 350 -17.59 18.93 7.93
C LEU C 350 -17.17 18.70 9.37
N ALA C 351 -16.76 19.77 10.03
CA ALA C 351 -16.24 19.70 11.39
C ALA C 351 -17.08 20.46 12.39
N ALA C 352 -17.47 21.70 12.08
CA ALA C 352 -18.21 22.51 13.04
C ALA C 352 -19.58 21.89 13.35
N GLU C 353 -20.30 21.45 12.31
CA GLU C 353 -21.63 20.89 12.53
C GLU C 353 -21.56 19.57 13.30
N LEU C 354 -20.60 18.71 12.95
CA LEU C 354 -20.44 17.47 13.70
C LEU C 354 -20.04 17.73 15.15
N GLU C 355 -19.18 18.73 15.37
CA GLU C 355 -18.80 19.08 16.73
C GLU C 355 -20.00 19.59 17.53
N ALA C 356 -20.85 20.39 16.90
CA ALA C 356 -22.00 20.96 17.60
C ALA C 356 -23.04 19.89 17.91
N ASN C 357 -23.29 18.98 16.96
CA ASN C 357 -24.31 17.95 17.14
C ASN C 357 -23.75 16.70 17.79
N LEU C 358 -22.75 16.10 17.19
CA LEU C 358 -22.15 14.84 17.65
C LEU C 358 -20.99 15.09 18.60
N GLY C 359 -21.20 15.90 19.64
CA GLY C 359 -20.11 16.26 20.51
C GLY C 359 -20.38 16.00 21.98
N LEU C 360 -21.64 15.87 22.35
CA LEU C 360 -22.00 15.67 23.75
C LEU C 360 -22.12 14.20 24.14
N ILE C 361 -21.92 13.28 23.21
CA ILE C 361 -22.06 11.86 23.52
C ILE C 361 -20.81 11.38 24.26
N GLU C 362 -21.02 10.72 25.39
CA GLU C 362 -19.92 10.27 26.25
C GLU C 362 -19.70 8.77 26.20
N GLU C 363 -20.77 7.97 26.10
CA GLU C 363 -20.67 6.52 26.10
C GLU C 363 -21.26 5.96 24.81
N ILE C 364 -20.47 5.14 24.11
CA ILE C 364 -20.94 4.44 22.93
C ILE C 364 -20.95 2.96 23.26
N SER C 365 -22.14 2.40 23.46
CA SER C 365 -22.29 0.99 23.83
C SER C 365 -22.26 0.11 22.58
N GLY C 366 -21.11 0.14 21.90
CA GLY C 366 -20.94 -0.60 20.67
C GLY C 366 -19.57 -0.44 20.08
N TYR C 367 -19.47 -0.21 18.77
CA TYR C 367 -18.20 -0.03 18.10
C TYR C 367 -18.20 1.29 17.34
N LEU C 368 -17.07 1.99 17.39
CA LEU C 368 -16.89 3.25 16.67
C LEU C 368 -16.13 2.94 15.38
N LYS C 369 -16.90 2.68 14.31
CA LYS C 369 -16.32 2.35 13.02
C LYS C 369 -16.15 3.61 12.18
N ILE C 370 -15.01 3.74 11.52
CA ILE C 370 -14.72 4.88 10.65
C ILE C 370 -14.44 4.33 9.26
N ARG C 371 -15.44 4.42 8.38
CA ARG C 371 -15.34 3.96 6.99
C ARG C 371 -14.58 4.96 6.14
N ARG C 372 -14.74 4.86 4.82
CA ARG C 372 -13.93 5.65 3.90
C ARG C 372 -14.30 7.14 3.97
N SER C 373 -14.02 7.78 5.11
CA SER C 373 -14.39 9.17 5.32
C SER C 373 -13.25 10.06 4.85
N TYR C 374 -13.32 10.47 3.59
CA TYR C 374 -12.32 11.37 3.03
C TYR C 374 -12.47 12.76 3.64
N ALA C 375 -11.38 13.52 3.59
CA ALA C 375 -11.33 14.90 4.06
C ALA C 375 -11.61 15.04 5.55
N LEU C 376 -11.46 13.95 6.31
CA LEU C 376 -11.58 13.98 7.76
C LEU C 376 -10.20 14.21 8.35
N VAL C 377 -10.01 15.35 9.01
CA VAL C 377 -8.67 15.75 9.44
C VAL C 377 -8.36 15.29 10.86
N SER C 378 -9.36 15.16 11.73
CA SER C 378 -9.11 14.82 13.12
C SER C 378 -10.34 14.17 13.71
N LEU C 379 -10.18 13.61 14.91
CA LEU C 379 -11.27 12.97 15.64
C LEU C 379 -11.67 13.74 16.89
N SER C 380 -11.43 15.04 16.89
CA SER C 380 -11.82 15.87 18.03
C SER C 380 -13.32 16.10 18.13
N PHE C 381 -14.11 15.43 17.27
CA PHE C 381 -15.56 15.61 17.28
C PHE C 381 -16.15 15.18 18.62
N PHE C 382 -15.73 14.01 19.11
CA PHE C 382 -16.22 13.49 20.38
C PHE C 382 -15.34 14.01 21.51
N ARG C 383 -15.46 15.32 21.75
CA ARG C 383 -14.63 15.95 22.77
C ARG C 383 -15.02 15.55 24.18
N LYS C 384 -16.14 14.86 24.37
CA LYS C 384 -16.55 14.38 25.68
C LYS C 384 -16.68 12.87 25.73
N LEU C 385 -16.04 12.16 24.81
CA LEU C 385 -16.11 10.70 24.78
C LEU C 385 -15.11 10.13 25.78
N ARG C 386 -15.63 9.45 26.81
CA ARG C 386 -14.78 8.86 27.83
C ARG C 386 -14.92 7.34 27.94
N LEU C 387 -15.85 6.72 27.23
CA LEU C 387 -16.09 5.29 27.39
C LEU C 387 -16.64 4.72 26.10
N ILE C 388 -15.91 3.81 25.49
CA ILE C 388 -16.39 3.05 24.33
C ILE C 388 -16.51 1.60 24.80
N ARG C 389 -17.73 1.17 25.11
CA ARG C 389 -17.93 -0.19 25.59
C ARG C 389 -17.76 -1.19 24.45
N GLY C 390 -18.02 -2.45 24.75
CA GLY C 390 -17.86 -3.49 23.75
C GLY C 390 -18.95 -4.54 23.77
N GLU C 391 -20.16 -4.15 24.18
CA GLU C 391 -21.25 -5.12 24.27
C GLU C 391 -21.61 -5.68 22.90
N THR C 392 -21.62 -4.84 21.87
CA THR C 392 -21.98 -5.24 20.51
C THR C 392 -20.83 -4.86 19.58
N LEU C 393 -19.95 -5.81 19.30
CA LEU C 393 -18.82 -5.58 18.41
C LEU C 393 -19.20 -5.92 16.97
N GLU C 394 -18.22 -5.93 16.09
CA GLU C 394 -18.37 -6.27 14.69
C GLU C 394 -17.69 -7.60 14.40
N ILE C 395 -17.65 -7.98 13.12
CA ILE C 395 -16.94 -9.19 12.73
C ILE C 395 -15.45 -8.99 12.98
N GLY C 396 -14.82 -9.99 13.60
CA GLY C 396 -13.46 -9.86 14.05
C GLY C 396 -13.29 -9.33 15.46
N ASN C 397 -14.39 -8.99 16.13
CA ASN C 397 -14.37 -8.48 17.50
C ASN C 397 -13.46 -7.26 17.64
N TYR C 398 -13.63 -6.32 16.72
CA TYR C 398 -13.00 -5.01 16.84
C TYR C 398 -13.96 -4.02 17.48
N SER C 399 -13.40 -3.09 18.24
CA SER C 399 -14.18 -2.03 18.87
C SER C 399 -13.85 -0.65 18.31
N PHE C 400 -12.81 -0.52 17.50
CA PHE C 400 -12.43 0.75 16.88
C PHE C 400 -11.93 0.44 15.47
N TYR C 401 -12.83 0.51 14.50
CA TYR C 401 -12.49 0.26 13.11
C TYR C 401 -12.04 1.57 12.47
N ALA C 402 -11.04 1.49 11.60
CA ALA C 402 -10.54 2.70 10.94
C ALA C 402 -10.04 2.32 9.55
N LEU C 403 -10.88 2.53 8.54
CA LEU C 403 -10.51 2.33 7.15
C LEU C 403 -9.74 3.54 6.61
N ASP C 404 -9.55 3.60 5.29
CA ASP C 404 -8.63 4.55 4.68
C ASP C 404 -9.17 6.00 4.77
N ASN C 405 -8.99 6.58 5.95
CA ASN C 405 -9.26 8.00 6.13
C ASN C 405 -8.05 8.75 5.59
N GLN C 406 -8.14 9.20 4.33
CA GLN C 406 -6.96 9.69 3.63
C GLN C 406 -6.35 10.91 4.32
N ASN C 407 -7.19 11.84 4.79
CA ASN C 407 -6.71 13.08 5.38
C ASN C 407 -6.63 13.03 6.90
N LEU C 408 -6.77 11.85 7.50
CA LEU C 408 -6.66 11.71 8.95
C LEU C 408 -5.20 11.79 9.35
N ARG C 409 -4.89 12.74 10.24
CA ARG C 409 -3.52 12.93 10.70
C ARG C 409 -3.38 12.86 12.21
N GLN C 410 -4.36 13.36 12.95
CA GLN C 410 -4.23 13.51 14.40
C GLN C 410 -5.53 13.07 15.06
N LEU C 411 -5.45 12.05 15.91
CA LEU C 411 -6.60 11.55 16.65
C LEU C 411 -6.87 12.43 17.86
N TRP C 412 -7.66 11.95 18.81
CA TRP C 412 -7.93 12.70 20.03
C TRP C 412 -6.62 13.19 20.66
N ASP C 413 -6.63 14.45 21.09
CA ASP C 413 -5.45 15.03 21.73
C ASP C 413 -5.20 14.32 23.04
N TRP C 414 -4.16 13.49 23.09
CA TRP C 414 -3.91 12.63 24.25
C TRP C 414 -3.21 13.35 25.38
N SER C 415 -3.16 14.68 25.35
CA SER C 415 -2.66 15.45 26.48
C SER C 415 -3.78 15.92 27.40
N LYS C 416 -5.02 15.95 26.91
CA LYS C 416 -6.14 16.40 27.73
C LYS C 416 -7.41 15.58 27.51
N HIS C 417 -7.30 14.39 26.93
CA HIS C 417 -8.47 13.57 26.61
C HIS C 417 -8.34 12.18 27.21
N ASN C 418 -9.40 11.71 27.85
CA ASN C 418 -9.41 10.43 28.53
C ASN C 418 -9.92 9.38 27.54
N LEU C 419 -9.90 8.11 27.94
CA LEU C 419 -10.61 7.08 27.20
C LEU C 419 -10.55 5.75 27.95
N THR C 420 -11.62 4.98 27.83
CA THR C 420 -11.76 3.74 28.60
C THR C 420 -12.33 2.63 27.70
N ILE C 421 -11.72 2.41 26.53
CA ILE C 421 -12.16 1.33 25.65
C ILE C 421 -12.14 0.01 26.41
N THR C 422 -13.25 -0.70 26.40
CA THR C 422 -13.40 -1.95 27.16
C THR C 422 -13.97 -3.04 26.26
N GLN C 423 -13.40 -4.24 26.37
CA GLN C 423 -13.85 -5.42 25.63
C GLN C 423 -13.85 -5.18 24.12
N GLY C 424 -12.65 -4.96 23.58
CA GLY C 424 -12.51 -4.78 22.15
C GLY C 424 -11.06 -4.54 21.78
N LYS C 425 -10.84 -4.44 20.47
CA LYS C 425 -9.50 -4.26 19.91
C LYS C 425 -9.48 -3.02 19.02
N LEU C 426 -8.38 -2.83 18.30
CA LEU C 426 -8.22 -1.71 17.39
C LEU C 426 -8.04 -2.22 15.97
N PHE C 427 -8.15 -1.30 15.02
CA PHE C 427 -8.12 -1.66 13.59
C PHE C 427 -7.61 -0.45 12.83
N PHE C 428 -6.29 -0.38 12.61
CA PHE C 428 -5.67 0.74 11.92
C PHE C 428 -4.76 0.17 10.83
N HIS C 429 -5.24 0.14 9.59
CA HIS C 429 -4.49 -0.47 8.50
C HIS C 429 -4.00 0.53 7.46
N TYR C 430 -4.90 1.30 6.85
CA TYR C 430 -4.60 1.92 5.56
C TYR C 430 -4.88 3.41 5.63
N ASN C 431 -4.61 4.02 6.78
CA ASN C 431 -4.71 5.46 6.91
C ASN C 431 -3.40 6.08 6.43
N PRO C 432 -3.40 6.71 5.27
CA PRO C 432 -2.13 7.19 4.70
C PRO C 432 -1.42 8.24 5.53
N LYS C 433 -2.11 9.32 5.87
CA LYS C 433 -1.46 10.45 6.52
C LYS C 433 -1.39 10.32 8.04
N LEU C 434 -1.91 9.23 8.60
CA LEU C 434 -1.75 8.97 10.03
C LEU C 434 -0.33 8.48 10.31
N CYS C 435 0.02 8.44 11.60
CA CYS C 435 1.33 7.97 12.03
C CYS C 435 1.17 6.99 13.19
N LEU C 436 2.09 6.03 13.27
CA LEU C 436 2.00 4.98 14.28
C LEU C 436 2.17 5.50 15.69
N SER C 437 2.84 6.64 15.86
CA SER C 437 3.03 7.20 17.20
C SER C 437 1.69 7.53 17.85
N GLU C 438 0.78 8.13 17.09
CA GLU C 438 -0.54 8.47 17.63
C GLU C 438 -1.31 7.21 18.02
N ILE C 439 -1.23 6.17 17.20
CA ILE C 439 -1.93 4.92 17.52
C ILE C 439 -1.37 4.30 18.79
N HIS C 440 -0.04 4.29 18.93
CA HIS C 440 0.55 3.72 20.13
C HIS C 440 0.23 4.56 21.37
N LYS C 441 0.17 5.88 21.22
CA LYS C 441 -0.25 6.73 22.33
C LYS C 441 -1.71 6.45 22.71
N MET C 442 -2.56 6.24 21.72
CA MET C 442 -3.94 5.83 21.99
C MET C 442 -3.96 4.51 22.76
N GLU C 443 -3.09 3.58 22.39
CA GLU C 443 -3.02 2.31 23.09
C GLU C 443 -2.61 2.50 24.55
N GLU C 444 -1.61 3.34 24.78
CA GLU C 444 -1.11 3.57 26.13
C GLU C 444 -2.17 4.24 27.00
N VAL C 445 -2.86 5.24 26.45
CA VAL C 445 -3.81 6.01 27.25
C VAL C 445 -5.10 5.23 27.47
N SER C 446 -5.66 4.69 26.39
CA SER C 446 -6.96 4.01 26.48
C SER C 446 -6.85 2.73 27.31
N GLY C 447 -5.76 1.98 27.14
CA GLY C 447 -5.64 0.71 27.81
C GLY C 447 -6.60 -0.31 27.24
N THR C 448 -6.36 -0.71 25.98
CA THR C 448 -7.27 -1.63 25.30
C THR C 448 -7.37 -2.95 26.04
N LYS C 449 -8.60 -3.46 26.16
CA LYS C 449 -8.86 -4.70 26.88
C LYS C 449 -8.76 -5.94 26.00
N GLY C 450 -8.48 -5.77 24.70
CA GLY C 450 -8.46 -6.90 23.80
C GLY C 450 -7.08 -7.40 23.45
N ARG C 451 -6.08 -6.51 23.50
CA ARG C 451 -4.69 -6.84 23.18
C ARG C 451 -4.62 -7.45 21.77
N GLN C 452 -4.95 -6.61 20.79
CA GLN C 452 -5.05 -7.01 19.40
C GLN C 452 -3.84 -7.83 18.98
N GLU C 453 -4.07 -8.79 18.08
CA GLU C 453 -3.02 -9.70 17.67
C GLU C 453 -2.20 -9.07 16.55
N ARG C 454 -1.37 -9.89 15.91
CA ARG C 454 -0.51 -9.38 14.84
C ARG C 454 -1.33 -8.94 13.64
N ASN C 455 -0.82 -7.92 12.94
CA ASN C 455 -1.40 -7.39 11.71
C ASN C 455 -2.78 -6.77 11.91
N ASP C 456 -3.16 -6.49 13.16
CA ASP C 456 -4.36 -5.70 13.40
C ASP C 456 -4.10 -4.24 13.11
N ILE C 457 -2.94 -3.72 13.51
CA ILE C 457 -2.50 -2.38 13.17
C ILE C 457 -1.35 -2.52 12.19
N ALA C 458 -1.54 -2.06 10.96
CA ALA C 458 -0.51 -2.17 9.94
C ALA C 458 0.72 -1.37 10.34
N LEU C 459 1.89 -2.02 10.34
CA LEU C 459 3.09 -1.37 10.83
C LEU C 459 3.66 -0.38 9.83
N LYS C 460 3.58 -0.68 8.54
CA LYS C 460 4.31 0.06 7.53
C LYS C 460 3.41 0.82 6.56
N THR C 461 2.33 0.22 6.07
CA THR C 461 1.43 0.94 5.16
C THR C 461 0.40 1.78 5.92
N ASN C 462 0.87 2.51 6.92
CA ASN C 462 -0.01 3.31 7.76
C ASN C 462 0.56 4.69 8.06
N GLY C 463 1.76 4.99 7.59
CA GLY C 463 2.36 6.29 7.85
C GLY C 463 3.18 6.83 6.70
N ASP C 464 3.04 6.23 5.52
CA ASP C 464 3.85 6.62 4.37
C ASP C 464 3.22 7.76 3.58
N GLN C 465 2.79 8.80 4.30
CA GLN C 465 2.42 10.07 3.66
C GLN C 465 2.87 11.29 4.44
N ALA C 466 3.27 11.16 5.70
CA ALA C 466 3.73 12.28 6.52
C ALA C 466 4.97 11.84 7.28
N SER C 467 5.96 12.72 7.33
CA SER C 467 7.24 12.41 7.98
C SER C 467 7.09 12.57 9.48
N CYS C 468 7.13 11.46 10.20
CA CYS C 468 7.04 11.43 11.66
C CYS C 468 8.11 10.53 12.24
N GLU C 469 9.35 10.72 11.79
CA GLU C 469 10.48 9.90 12.23
C GLU C 469 10.82 10.09 13.69
N ASN C 470 10.09 10.95 14.41
CA ASN C 470 10.20 11.12 15.87
C ASN C 470 11.65 11.27 16.33
N GLU C 471 12.44 12.04 15.57
CA GLU C 471 13.79 12.37 16.01
C GLU C 471 14.25 13.61 15.27
N LEU C 472 15.23 14.30 15.85
CA LEU C 472 15.74 15.56 15.33
C LEU C 472 17.24 15.45 15.08
N LEU C 473 17.69 16.03 13.97
CA LEU C 473 19.11 16.11 13.62
C LEU C 473 19.53 17.56 13.70
N LYS C 474 20.16 17.93 14.81
CA LYS C 474 20.54 19.31 15.03
C LYS C 474 21.67 19.71 14.08
N PHE C 475 21.48 20.83 13.38
CA PHE C 475 22.52 21.34 12.51
C PHE C 475 23.67 21.90 13.33
N SER C 476 24.90 21.69 12.88
CA SER C 476 26.09 22.09 13.61
C SER C 476 26.83 23.24 12.96
N TYR C 477 27.17 23.12 11.67
CA TYR C 477 27.98 24.13 10.99
C TYR C 477 27.33 24.52 9.68
N ILE C 478 27.15 25.82 9.49
CA ILE C 478 26.62 26.38 8.24
C ILE C 478 27.51 27.54 7.82
N ARG C 479 27.95 27.53 6.56
CA ARG C 479 28.81 28.60 6.04
C ARG C 479 28.49 28.79 4.57
N THR C 480 27.87 29.92 4.24
CA THR C 480 27.48 30.24 2.86
C THR C 480 28.03 31.61 2.53
N SER C 481 28.85 31.69 1.48
CA SER C 481 29.45 32.96 1.09
C SER C 481 28.98 33.47 -0.26
N PHE C 482 29.23 32.74 -1.34
CA PHE C 482 28.72 33.22 -2.62
C PHE C 482 28.01 32.15 -3.45
N ASP C 483 28.55 30.93 -3.48
CA ASP C 483 27.97 29.87 -4.31
C ASP C 483 27.91 28.51 -3.64
N LYS C 484 28.61 28.29 -2.53
CA LYS C 484 28.69 26.99 -1.90
C LYS C 484 27.92 27.00 -0.58
N ILE C 485 27.17 25.93 -0.34
CA ILE C 485 26.45 25.73 0.90
C ILE C 485 27.06 24.52 1.59
N LEU C 486 27.57 24.72 2.80
CA LEU C 486 28.25 23.67 3.55
C LEU C 486 27.40 23.28 4.75
N LEU C 487 27.21 21.98 4.96
CA LEU C 487 26.38 21.47 6.03
C LEU C 487 27.18 20.49 6.88
N ARG C 488 26.99 20.57 8.19
CA ARG C 488 27.59 19.62 9.13
C ARG C 488 26.57 19.32 10.20
N TRP C 489 26.36 18.03 10.49
CA TRP C 489 25.33 17.59 11.41
C TRP C 489 25.96 16.78 12.54
N GLU C 490 25.11 16.39 13.50
CA GLU C 490 25.50 15.40 14.49
C GLU C 490 25.17 14.02 13.96
N PRO C 491 26.13 13.11 13.85
CA PRO C 491 25.86 11.82 13.18
C PRO C 491 24.84 11.00 13.96
N TYR C 492 24.01 10.27 13.21
CA TYR C 492 22.98 9.41 13.78
C TYR C 492 23.19 7.99 13.31
N TRP C 493 23.13 7.03 14.24
CA TRP C 493 23.35 5.63 13.94
C TRP C 493 22.22 4.81 14.55
N PRO C 494 21.49 4.03 13.76
CA PRO C 494 20.47 3.13 14.32
C PRO C 494 21.13 2.03 15.13
N PRO C 495 20.35 1.19 15.81
CA PRO C 495 20.97 0.11 16.60
C PRO C 495 21.87 -0.79 15.78
N ASP C 496 21.52 -1.04 14.51
CA ASP C 496 22.38 -1.75 13.58
C ASP C 496 22.85 -0.74 12.53
N PHE C 497 24.13 -0.39 12.58
CA PHE C 497 24.64 0.65 11.70
C PHE C 497 24.60 0.25 10.23
N ARG C 498 24.45 -1.04 9.94
CA ARG C 498 24.41 -1.49 8.55
C ARG C 498 23.09 -1.17 7.86
N ASP C 499 22.06 -0.78 8.62
CA ASP C 499 20.76 -0.47 8.04
C ASP C 499 20.69 0.94 7.46
N LEU C 500 21.63 1.82 7.79
CA LEU C 500 21.58 3.20 7.33
C LEU C 500 22.13 3.29 5.92
N LEU C 501 21.24 3.49 4.94
CA LEU C 501 21.69 3.66 3.56
C LEU C 501 22.29 5.05 3.32
N GLY C 502 21.85 6.05 4.07
CA GLY C 502 22.35 7.39 3.89
C GLY C 502 21.27 8.40 4.21
N PHE C 503 21.60 9.67 3.95
CA PHE C 503 20.70 10.78 4.18
C PHE C 503 20.26 11.36 2.85
N MET C 504 18.99 11.76 2.76
CA MET C 504 18.39 12.26 1.53
C MET C 504 18.10 13.75 1.72
N LEU C 505 19.07 14.58 1.33
CA LEU C 505 18.95 16.02 1.51
C LEU C 505 17.92 16.60 0.55
N PHE C 506 17.17 17.58 1.03
CA PHE C 506 16.15 18.27 0.24
C PHE C 506 16.43 19.77 0.27
N TYR C 507 16.27 20.41 -0.88
CA TYR C 507 16.42 21.86 -0.97
C TYR C 507 15.57 22.38 -2.12
N LYS C 508 15.00 23.56 -1.94
CA LYS C 508 14.12 24.15 -2.92
C LYS C 508 14.32 25.66 -2.96
N GLU C 509 14.33 26.21 -4.16
CA GLU C 509 14.45 27.66 -4.36
C GLU C 509 13.15 28.31 -3.90
N ALA C 510 13.17 28.93 -2.73
CA ALA C 510 11.98 29.57 -2.19
C ALA C 510 12.35 30.74 -1.29
N PRO C 511 12.12 31.98 -1.73
CA PRO C 511 12.35 33.14 -0.87
C PRO C 511 11.22 33.45 0.10
N TYR C 512 10.29 32.52 0.29
CA TYR C 512 9.11 32.75 1.12
C TYR C 512 9.17 31.88 2.37
N GLN C 513 8.70 32.43 3.48
CA GLN C 513 8.97 31.88 4.81
C GLN C 513 7.99 30.79 5.25
N ASN C 514 6.94 30.52 4.49
CA ASN C 514 5.99 29.47 4.84
C ASN C 514 6.26 28.26 3.95
N VAL C 515 7.12 27.37 4.43
CA VAL C 515 7.49 26.15 3.72
C VAL C 515 7.17 24.97 4.61
N THR C 516 6.48 23.98 4.06
CA THR C 516 6.06 22.79 4.81
C THR C 516 6.84 21.57 4.31
N GLU C 517 6.47 20.40 4.82
CA GLU C 517 7.13 19.17 4.43
C GLU C 517 6.78 18.81 2.99
N PHE C 518 7.41 17.74 2.49
CA PHE C 518 7.17 17.28 1.13
C PHE C 518 5.73 16.81 0.95
N SER C 528 9.65 19.73 -8.01
CA SER C 528 9.97 20.43 -6.77
C SER C 528 10.67 19.49 -5.78
N TRP C 529 11.37 20.08 -4.81
CA TRP C 529 12.09 19.33 -3.78
C TRP C 529 13.10 18.37 -4.41
N THR C 530 14.09 18.97 -5.07
CA THR C 530 15.17 18.20 -5.68
C THR C 530 15.88 17.36 -4.63
N VAL C 531 16.11 16.09 -4.95
CA VAL C 531 16.64 15.11 -4.01
C VAL C 531 18.08 14.77 -4.38
N VAL C 532 18.94 14.68 -3.37
CA VAL C 532 20.31 14.20 -3.53
C VAL C 532 20.56 13.14 -2.48
N ASP C 533 21.54 12.28 -2.76
CA ASP C 533 21.88 11.17 -1.87
C ASP C 533 23.33 11.31 -1.42
N ILE C 534 23.55 11.12 -0.12
CA ILE C 534 24.88 11.19 0.46
C ILE C 534 25.16 9.88 1.18
N ASP C 535 26.39 9.38 1.03
CA ASP C 535 26.76 8.12 1.66
C ASP C 535 26.90 8.28 3.16
N PRO C 536 26.63 7.22 3.93
CA PRO C 536 26.80 7.31 5.37
C PRO C 536 28.27 7.47 5.74
N PRO C 537 28.56 8.07 6.90
CA PRO C 537 29.96 8.23 7.30
C PRO C 537 30.63 6.92 7.68
N LEU C 538 31.88 7.00 8.11
CA LEU C 538 32.62 5.81 8.56
C LEU C 538 32.36 5.58 10.04
N ARG C 539 32.05 4.34 10.40
CA ARG C 539 31.79 3.97 11.79
C ARG C 539 33.12 3.90 12.52
N SER C 540 33.56 5.07 13.00
CA SER C 540 34.84 5.16 13.69
C SER C 540 34.81 4.52 15.06
N ASN C 541 33.64 4.48 15.70
CA ASN C 541 33.46 3.94 17.04
C ASN C 541 34.29 4.67 18.09
N ASP C 542 34.72 5.88 17.77
CA ASP C 542 35.54 6.72 18.65
C ASP C 542 34.95 8.12 18.71
N PRO C 543 35.19 8.85 19.79
CA PRO C 543 34.68 10.23 19.87
C PRO C 543 35.41 11.18 18.92
N LYS C 544 35.35 10.89 17.63
CA LYS C 544 35.99 11.68 16.60
C LYS C 544 34.94 12.53 15.89
N SER C 545 35.36 13.24 14.84
CA SER C 545 34.44 14.06 14.08
C SER C 545 33.41 13.21 13.33
N GLN C 546 33.78 11.99 12.96
CA GLN C 546 32.92 11.07 12.21
C GLN C 546 32.49 11.67 10.87
N ASN C 547 33.27 12.63 10.37
CA ASN C 547 33.15 13.21 9.04
C ASN C 547 31.93 14.13 8.90
N HIS C 548 31.03 14.14 9.89
CA HIS C 548 29.88 15.04 9.94
C HIS C 548 29.20 15.13 8.57
N PRO C 549 28.42 14.11 8.18
CA PRO C 549 28.20 13.80 6.75
C PRO C 549 28.02 15.01 5.84
N GLY C 550 26.99 15.82 6.07
CA GLY C 550 26.76 17.02 5.30
C GLY C 550 26.74 16.85 3.79
N TRP C 551 26.84 17.96 3.08
CA TRP C 551 26.90 17.98 1.62
C TRP C 551 27.24 19.40 1.17
N LEU C 552 27.70 19.51 -0.06
CA LEU C 552 28.03 20.80 -0.68
C LEU C 552 27.29 20.88 -2.00
N MET C 553 26.14 21.53 -2.00
CA MET C 553 25.34 21.64 -3.21
C MET C 553 25.96 22.61 -4.19
N ARG C 554 25.79 22.34 -5.48
CA ARG C 554 26.33 23.16 -6.56
C ARG C 554 25.20 23.96 -7.20
N GLY C 555 25.41 25.26 -7.35
CA GLY C 555 24.42 26.12 -7.97
C GLY C 555 23.73 27.06 -7.00
N LEU C 556 24.01 28.35 -7.11
CA LEU C 556 23.45 29.33 -6.21
C LEU C 556 23.59 30.72 -6.82
N LYS C 557 22.58 31.56 -6.61
CA LYS C 557 22.66 32.96 -6.97
C LYS C 557 22.53 33.82 -5.72
N PRO C 558 23.19 34.98 -5.66
CA PRO C 558 23.19 35.77 -4.43
C PRO C 558 21.81 36.32 -4.10
N TRP C 559 21.60 36.59 -2.81
CA TRP C 559 20.40 37.24 -2.29
C TRP C 559 19.14 36.40 -2.57
N THR C 560 19.12 35.21 -1.99
CA THR C 560 17.94 34.36 -2.06
C THR C 560 17.85 33.55 -0.77
N GLN C 561 16.67 32.96 -0.55
CA GLN C 561 16.40 32.14 0.62
C GLN C 561 16.22 30.69 0.20
N TYR C 562 16.64 29.77 1.06
CA TYR C 562 16.53 28.34 0.82
C TYR C 562 15.80 27.67 1.97
N ALA C 563 15.15 26.55 1.66
CA ALA C 563 14.49 25.71 2.66
C ALA C 563 15.07 24.31 2.55
N ILE C 564 15.55 23.78 3.67
CA ILE C 564 16.27 22.51 3.68
C ILE C 564 15.81 21.67 4.86
N PHE C 565 15.59 20.38 4.62
CA PHE C 565 15.35 19.42 5.69
C PHE C 565 15.80 18.05 5.21
N VAL C 566 16.40 17.27 6.10
CA VAL C 566 17.09 16.03 5.75
C VAL C 566 16.37 14.86 6.38
N LYS C 567 16.15 13.81 5.61
CA LYS C 567 15.52 12.58 6.08
C LYS C 567 16.49 11.43 5.92
N THR C 568 16.42 10.47 6.84
CA THR C 568 17.31 9.31 6.85
C THR C 568 16.63 8.14 6.15
N LEU C 569 17.37 7.48 5.26
CA LEU C 569 16.88 6.32 4.53
C LEU C 569 17.46 5.05 5.17
N VAL C 570 16.57 4.19 5.68
CA VAL C 570 16.99 2.96 6.35
C VAL C 570 16.15 1.81 5.83
N THR C 571 16.65 0.59 6.02
CA THR C 571 15.92 -0.60 5.65
C THR C 571 14.75 -0.85 6.60
N PHE C 572 13.72 -1.51 6.09
CA PHE C 572 12.54 -1.80 6.88
C PHE C 572 12.78 -3.03 7.76
N SER C 573 12.33 -2.95 9.01
CA SER C 573 12.38 -4.06 9.95
C SER C 573 10.96 -4.36 10.41
N ASP C 574 10.52 -5.60 10.20
CA ASP C 574 9.14 -5.96 10.51
C ASP C 574 8.89 -5.99 12.00
N GLU C 575 9.78 -6.64 12.76
CA GLU C 575 9.59 -6.80 14.20
C GLU C 575 10.17 -5.61 14.98
N ARG C 576 9.82 -4.41 14.53
CA ARG C 576 10.29 -3.17 15.15
C ARG C 576 9.64 -1.98 14.47
N ARG C 577 9.36 -0.91 15.21
CA ARG C 577 9.02 0.36 14.58
C ARG C 577 10.27 0.94 13.93
N THR C 578 10.23 1.08 12.60
CA THR C 578 11.41 1.47 11.85
C THR C 578 11.93 2.82 12.32
N TYR C 579 13.22 2.86 12.63
CA TYR C 579 13.84 4.09 13.11
C TYR C 579 14.00 5.10 11.98
N GLY C 580 14.22 6.35 12.36
CA GLY C 580 14.41 7.40 11.39
C GLY C 580 14.71 8.71 12.10
N ALA C 581 15.02 9.71 11.30
CA ALA C 581 15.31 11.04 11.82
C ALA C 581 15.00 12.08 10.76
N LYS C 582 14.62 13.27 11.21
CA LYS C 582 14.31 14.36 10.29
C LYS C 582 14.60 15.67 11.00
N SER C 583 15.47 16.49 10.42
CA SER C 583 15.76 17.80 10.98
C SER C 583 14.60 18.75 10.73
N ASP C 584 14.47 19.74 11.59
CA ASP C 584 13.46 20.78 11.39
C ASP C 584 13.80 21.61 10.16
N ILE C 585 12.76 22.13 9.52
CA ILE C 585 12.93 22.88 8.28
C ILE C 585 13.53 24.23 8.61
N ILE C 586 14.84 24.36 8.45
CA ILE C 586 15.53 25.62 8.70
C ILE C 586 15.68 26.34 7.36
N TYR C 587 15.93 27.64 7.44
CA TYR C 587 16.04 28.49 6.26
C TYR C 587 17.43 29.12 6.21
N VAL C 588 18.09 28.99 5.07
CA VAL C 588 19.34 29.69 4.83
C VAL C 588 19.02 31.13 4.47
N GLN C 589 19.67 32.07 5.16
CA GLN C 589 19.31 33.48 5.02
C GLN C 589 19.60 34.01 3.61
N THR C 590 20.85 33.96 3.19
CA THR C 590 21.26 34.51 1.90
C THR C 590 22.68 34.02 1.61
N ASP C 591 23.29 34.57 0.56
CA ASP C 591 24.68 34.29 0.19
C ASP C 591 24.90 32.80 -0.06
N GLN C 691 14.70 2.91 -9.42
CA GLN C 691 15.74 2.20 -8.72
C GLN C 691 15.83 2.66 -7.26
N ILE C 692 14.79 2.36 -6.49
CA ILE C 692 14.77 2.69 -5.08
C ILE C 692 14.63 1.46 -4.18
N LEU C 693 14.12 0.34 -4.70
CA LEU C 693 14.03 -0.88 -3.92
C LEU C 693 15.15 -1.87 -4.22
N LYS C 694 15.79 -1.76 -5.39
CA LYS C 694 16.90 -2.64 -5.71
C LYS C 694 18.08 -2.38 -4.76
N GLU C 695 18.34 -1.13 -4.43
CA GLU C 695 19.40 -0.82 -3.47
C GLU C 695 19.08 -1.36 -2.09
N LEU C 696 17.81 -1.25 -1.66
CA LEU C 696 17.41 -1.84 -0.39
C LEU C 696 17.61 -3.35 -0.41
N GLU C 697 17.25 -4.00 -1.51
CA GLU C 697 17.42 -5.45 -1.60
C GLU C 697 18.89 -5.83 -1.56
N GLU C 698 19.75 -5.05 -2.24
CA GLU C 698 21.18 -5.36 -2.22
C GLU C 698 21.76 -5.17 -0.82
N SER C 699 21.37 -4.11 -0.12
CA SER C 699 21.84 -3.91 1.24
C SER C 699 21.37 -5.04 2.16
N SER C 700 20.11 -5.46 2.00
CA SER C 700 19.60 -6.57 2.80
C SER C 700 20.32 -7.86 2.48
N PHE C 701 20.67 -8.08 1.22
CA PHE C 701 21.45 -9.26 0.85
C PHE C 701 22.83 -9.24 1.48
N ARG C 702 23.48 -8.07 1.47
CA ARG C 702 24.78 -7.95 2.13
C ARG C 702 24.68 -8.30 3.61
N LYS C 703 23.67 -7.71 4.28
CA LYS C 703 23.47 -7.98 5.69
C LYS C 703 23.17 -9.46 5.93
N THR C 704 22.37 -10.07 5.06
CA THR C 704 22.01 -11.48 5.24
C THR C 704 23.22 -12.38 5.12
N PHE C 705 24.05 -12.15 4.10
CA PHE C 705 25.24 -12.98 3.95
C PHE C 705 26.21 -12.78 5.11
N GLU C 706 26.40 -11.54 5.54
CA GLU C 706 27.33 -11.31 6.65
C GLU C 706 26.83 -11.97 7.92
N ASP C 707 25.51 -11.91 8.17
CA ASP C 707 24.95 -12.60 9.33
C ASP C 707 25.11 -14.11 9.22
N TYR C 708 24.90 -14.66 8.03
CA TYR C 708 25.06 -16.10 7.85
C TYR C 708 26.51 -16.52 8.10
N LEU C 709 27.45 -15.73 7.60
CA LEU C 709 28.87 -16.05 7.80
C LEU C 709 29.23 -16.00 9.28
N HIS C 710 28.74 -14.97 9.99
CA HIS C 710 29.03 -14.89 11.42
C HIS C 710 28.39 -16.04 12.18
N ASN C 711 27.16 -16.42 11.82
CA ASN C 711 26.51 -17.53 12.51
C ASN C 711 27.23 -18.84 12.28
N VAL C 712 27.67 -19.10 11.05
CA VAL C 712 28.33 -20.36 10.73
C VAL C 712 29.70 -20.43 11.38
N VAL C 713 30.49 -19.37 11.25
CA VAL C 713 31.86 -19.40 11.75
C VAL C 713 31.88 -19.37 13.28
N PHE C 714 31.07 -18.51 13.89
CA PHE C 714 31.07 -18.33 15.35
C PHE C 714 30.06 -19.29 15.98
N VAL C 715 30.56 -20.30 16.67
CA VAL C 715 29.73 -21.26 17.39
C VAL C 715 30.26 -21.39 18.81
N PRO C 716 29.41 -21.71 19.79
CA PRO C 716 29.90 -21.84 21.17
C PRO C 716 30.66 -23.14 21.39
N ARG C 717 31.07 -23.38 22.63
CA ARG C 717 31.75 -24.60 23.01
C ARG C 717 30.83 -25.80 22.76
N PRO C 718 31.25 -26.78 21.96
CA PRO C 718 30.47 -28.00 21.67
C PRO C 718 29.94 -28.69 22.92
N HIS D 1 50.01 -40.93 -13.93
CA HIS D 1 50.77 -40.47 -12.77
C HIS D 1 50.04 -39.32 -12.07
N LEU D 2 48.78 -39.11 -12.43
CA LEU D 2 48.00 -38.04 -11.85
C LEU D 2 47.64 -38.36 -10.40
N TYR D 3 47.36 -37.30 -9.64
CA TYR D 3 47.05 -37.38 -8.23
C TYR D 3 48.13 -38.13 -7.42
N PRO D 4 49.35 -37.60 -7.35
CA PRO D 4 50.39 -38.27 -6.54
C PRO D 4 50.28 -37.91 -5.06
N GLY D 5 49.19 -38.33 -4.43
CA GLY D 5 49.00 -37.99 -3.03
C GLY D 5 47.80 -38.71 -2.45
N GLU D 6 47.56 -38.44 -1.17
CA GLU D 6 46.46 -39.06 -0.44
C GLU D 6 45.17 -38.29 -0.72
N VAL D 7 44.11 -38.61 0.03
CA VAL D 7 42.82 -37.95 -0.12
C VAL D 7 42.41 -37.34 1.21
N CYS D 8 42.34 -36.02 1.26
CA CYS D 8 42.19 -35.26 2.50
C CYS D 8 40.71 -35.04 2.81
N PRO D 9 40.28 -35.29 4.04
CA PRO D 9 38.92 -34.88 4.43
C PRO D 9 38.78 -33.37 4.49
N GLY D 10 37.57 -32.88 4.78
CA GLY D 10 37.33 -31.47 4.93
C GLY D 10 38.02 -30.95 6.18
N MET D 11 38.46 -29.69 6.13
CA MET D 11 39.33 -29.15 7.16
C MET D 11 38.91 -27.75 7.60
N ASP D 12 38.98 -27.52 8.91
CA ASP D 12 38.91 -26.19 9.49
C ASP D 12 40.28 -25.83 10.04
N ILE D 13 40.82 -24.69 9.59
CA ILE D 13 42.16 -24.29 10.03
C ILE D 13 42.08 -22.93 10.69
N ARG D 14 41.98 -22.92 12.02
CA ARG D 14 41.95 -21.68 12.78
C ARG D 14 43.22 -21.54 13.60
N ASN D 15 43.66 -20.29 13.75
CA ASN D 15 44.59 -19.81 14.77
C ASN D 15 46.02 -19.71 14.24
N ASN D 16 46.61 -20.81 13.80
CA ASN D 16 48.00 -20.77 13.34
C ASN D 16 48.20 -21.80 12.22
N LEU D 17 49.44 -21.89 11.76
CA LEU D 17 49.79 -22.45 10.46
C LEU D 17 50.14 -23.93 10.47
N THR D 18 50.33 -24.53 11.65
CA THR D 18 50.79 -25.91 11.70
C THR D 18 49.86 -26.87 10.98
N ARG D 19 48.55 -26.63 11.02
CA ARG D 19 47.65 -27.48 10.27
C ARG D 19 47.62 -27.11 8.77
N LEU D 20 47.72 -25.82 8.46
CA LEU D 20 47.87 -25.42 7.06
C LEU D 20 48.99 -26.18 6.37
N HIS D 21 50.10 -26.44 7.06
CA HIS D 21 51.10 -27.33 6.49
C HIS D 21 51.00 -28.75 7.07
N GLU D 22 49.93 -29.06 7.79
CA GLU D 22 49.47 -30.44 7.85
C GLU D 22 48.92 -30.81 6.47
N LEU D 23 48.68 -29.81 5.65
CA LEU D 23 48.23 -30.03 4.26
C LEU D 23 49.39 -30.22 3.28
N GLU D 24 50.54 -30.77 3.69
CA GLU D 24 51.60 -30.98 2.71
C GLU D 24 51.29 -32.13 1.76
N ASN D 25 50.79 -33.24 2.28
CA ASN D 25 50.67 -34.49 1.52
C ASN D 25 49.22 -34.60 1.05
N CYS D 26 48.84 -33.82 0.04
CA CYS D 26 47.41 -33.75 -0.24
C CYS D 26 47.22 -33.36 -1.71
N SER D 27 46.80 -34.32 -2.53
CA SER D 27 46.55 -34.04 -3.94
C SER D 27 45.10 -33.74 -4.24
N VAL D 28 44.19 -34.02 -3.31
CA VAL D 28 42.76 -33.78 -3.51
C VAL D 28 42.12 -33.69 -2.13
N ILE D 29 41.12 -32.82 -2.01
CA ILE D 29 40.38 -32.65 -0.77
C ILE D 29 38.93 -33.05 -1.02
N GLU D 30 38.42 -33.98 -0.23
CA GLU D 30 37.06 -34.47 -0.37
C GLU D 30 36.03 -33.58 0.30
N GLY D 31 36.44 -32.59 1.07
CA GLY D 31 35.53 -31.73 1.80
C GLY D 31 35.74 -30.28 1.44
N HIS D 32 35.71 -29.43 2.46
CA HIS D 32 35.86 -28.00 2.32
C HIS D 32 37.15 -27.55 2.99
N LEU D 33 37.79 -26.54 2.41
CA LEU D 33 38.99 -25.94 2.98
C LEU D 33 38.63 -24.56 3.51
N GLN D 34 38.86 -24.34 4.80
CA GLN D 34 38.51 -23.08 5.47
C GLN D 34 39.74 -22.56 6.19
N ILE D 35 40.42 -21.58 5.60
CA ILE D 35 41.53 -20.89 6.25
C ILE D 35 40.90 -19.72 7.01
N LEU D 36 40.49 -19.99 8.24
CA LEU D 36 39.67 -19.06 9.02
C LEU D 36 40.58 -18.12 9.81
N LEU D 37 40.00 -17.45 10.81
CA LEU D 37 40.63 -16.29 11.44
C LEU D 37 41.99 -16.62 12.02
N MET D 38 43.00 -15.91 11.56
CA MET D 38 44.36 -15.99 12.09
C MET D 38 44.86 -14.58 12.31
N PHE D 39 45.29 -14.27 13.54
CA PHE D 39 45.61 -12.90 13.92
C PHE D 39 47.09 -12.67 14.18
N LYS D 40 47.82 -13.66 14.69
CA LYS D 40 49.22 -13.48 15.07
C LYS D 40 50.19 -13.82 13.94
N THR D 41 49.75 -13.71 12.69
CA THR D 41 50.61 -13.98 11.54
C THR D 41 50.80 -12.70 10.73
N ARG D 42 52.01 -12.52 10.23
CA ARG D 42 52.46 -11.32 9.56
C ARG D 42 53.07 -11.68 8.21
N PRO D 43 53.15 -10.73 7.27
CA PRO D 43 53.62 -11.09 5.92
C PRO D 43 55.10 -11.40 5.82
N GLU D 44 55.61 -12.26 6.69
CA GLU D 44 56.95 -12.82 6.54
C GLU D 44 57.04 -14.31 6.80
N ASP D 45 56.03 -14.93 7.41
CA ASP D 45 56.01 -16.38 7.60
C ASP D 45 55.14 -17.08 6.57
N PHE D 46 54.69 -16.36 5.53
CA PHE D 46 53.90 -16.93 4.46
C PHE D 46 54.72 -17.20 3.20
N ARG D 47 56.04 -17.14 3.28
CA ARG D 47 56.90 -17.31 2.12
C ARG D 47 57.50 -18.71 2.01
N ASP D 48 57.93 -19.29 3.13
CA ASP D 48 58.62 -20.58 3.06
C ASP D 48 57.67 -21.72 2.71
N LEU D 49 56.47 -21.73 3.27
CA LEU D 49 55.54 -22.82 3.03
C LEU D 49 54.84 -22.67 1.68
N SER D 50 54.67 -23.80 1.00
CA SER D 50 53.95 -23.84 -0.27
C SER D 50 53.40 -25.25 -0.46
N PHE D 51 52.27 -25.33 -1.15
CA PHE D 51 51.56 -26.60 -1.35
C PHE D 51 51.26 -26.77 -2.83
N PRO D 52 52.26 -27.16 -3.62
CA PRO D 52 52.06 -27.34 -5.06
C PRO D 52 51.43 -28.69 -5.42
N LYS D 53 51.12 -29.53 -4.43
CA LYS D 53 50.52 -30.82 -4.71
C LYS D 53 48.99 -30.81 -4.71
N LEU D 54 48.37 -29.73 -4.23
CA LEU D 54 46.92 -29.65 -4.19
C LEU D 54 46.39 -29.37 -5.59
N ILE D 55 45.55 -30.27 -6.08
CA ILE D 55 45.04 -30.19 -7.46
C ILE D 55 43.61 -29.68 -7.50
N MET D 56 42.73 -30.22 -6.66
CA MET D 56 41.33 -29.84 -6.70
C MET D 56 40.71 -29.92 -5.30
N ILE D 57 39.66 -29.12 -5.11
CA ILE D 57 38.89 -29.10 -3.87
C ILE D 57 37.46 -29.46 -4.24
N THR D 58 36.88 -30.42 -3.51
CA THR D 58 35.60 -30.98 -3.92
C THR D 58 34.41 -30.09 -3.61
N ASP D 59 34.44 -29.34 -2.51
CA ASP D 59 33.25 -28.60 -2.09
C ASP D 59 33.38 -27.09 -2.28
N TYR D 60 34.35 -26.45 -1.63
CA TYR D 60 34.55 -25.01 -1.77
C TYR D 60 35.78 -24.63 -0.95
N LEU D 61 36.19 -23.37 -1.10
CA LEU D 61 37.33 -22.81 -0.39
C LEU D 61 36.93 -21.48 0.19
N LEU D 62 37.01 -21.36 1.52
CA LEU D 62 36.61 -20.14 2.21
C LEU D 62 37.82 -19.56 2.93
N LEU D 63 38.05 -18.26 2.73
CA LEU D 63 39.10 -17.52 3.41
C LEU D 63 38.46 -16.32 4.08
N PHE D 64 38.65 -16.19 5.39
CA PHE D 64 37.95 -15.18 6.18
C PHE D 64 38.88 -14.63 7.24
N ARG D 65 39.28 -13.37 7.08
CA ARG D 65 39.97 -12.59 8.09
C ARG D 65 41.27 -13.27 8.55
N VAL D 66 42.20 -13.40 7.61
CA VAL D 66 43.56 -13.82 7.90
C VAL D 66 44.51 -12.71 7.44
N TYR D 67 45.38 -12.27 8.34
CA TYR D 67 46.29 -11.18 8.03
C TYR D 67 47.61 -11.69 7.50
N GLY D 68 48.28 -10.83 6.75
CA GLY D 68 49.59 -11.17 6.19
C GLY D 68 49.55 -12.01 4.94
N LEU D 69 48.37 -12.39 4.46
CA LEU D 69 48.25 -13.21 3.26
C LEU D 69 48.43 -12.29 2.06
N GLU D 70 49.69 -12.09 1.66
CA GLU D 70 49.98 -11.20 0.55
C GLU D 70 49.37 -11.70 -0.74
N SER D 71 49.47 -13.00 -1.02
CA SER D 71 48.96 -13.56 -2.25
C SER D 71 48.71 -15.05 -2.05
N LEU D 72 47.89 -15.62 -2.94
CA LEU D 72 47.69 -17.06 -3.01
C LEU D 72 48.54 -17.71 -4.09
N LYS D 73 49.49 -16.97 -4.67
CA LYS D 73 50.29 -17.52 -5.75
C LYS D 73 51.13 -18.70 -5.28
N ASP D 74 51.70 -18.61 -4.09
CA ASP D 74 52.50 -19.71 -3.56
C ASP D 74 51.68 -20.69 -2.71
N LEU D 75 50.60 -20.21 -2.08
CA LEU D 75 49.81 -21.07 -1.21
C LEU D 75 49.09 -22.16 -2.01
N PHE D 76 48.44 -21.78 -3.10
CA PHE D 76 47.72 -22.71 -3.97
C PHE D 76 48.17 -22.48 -5.40
N PRO D 77 49.36 -22.97 -5.76
CA PRO D 77 49.86 -22.76 -7.12
C PRO D 77 49.38 -23.79 -8.13
N ASN D 78 48.76 -24.89 -7.70
CA ASN D 78 48.33 -25.94 -8.60
C ASN D 78 46.83 -26.24 -8.46
N LEU D 79 46.08 -25.36 -7.82
CA LEU D 79 44.64 -25.55 -7.69
C LEU D 79 44.00 -25.41 -9.06
N THR D 80 43.50 -26.51 -9.61
CA THR D 80 42.98 -26.53 -10.97
C THR D 80 41.48 -26.28 -11.02
N VAL D 81 40.70 -27.10 -10.32
CA VAL D 81 39.24 -27.03 -10.36
C VAL D 81 38.69 -27.09 -8.95
N ILE D 82 37.62 -26.34 -8.70
CA ILE D 82 36.88 -26.39 -7.46
C ILE D 82 35.47 -26.84 -7.80
N ARG D 83 35.10 -28.05 -7.36
CA ARG D 83 33.78 -28.57 -7.67
C ARG D 83 32.73 -27.94 -6.74
N GLY D 84 31.47 -28.26 -7.01
CA GLY D 84 30.38 -27.69 -6.24
C GLY D 84 29.45 -28.70 -5.62
N SER D 85 30.01 -29.80 -5.10
CA SER D 85 29.17 -30.82 -4.47
C SER D 85 28.43 -30.25 -3.27
N ARG D 86 29.11 -29.47 -2.43
CA ARG D 86 28.50 -28.79 -1.30
C ARG D 86 29.00 -27.36 -1.27
N LEU D 87 28.07 -26.41 -1.18
CA LEU D 87 28.39 -24.99 -1.27
C LEU D 87 28.34 -24.35 0.11
N PHE D 88 28.67 -23.06 0.14
CA PHE D 88 28.62 -22.23 1.34
C PHE D 88 27.78 -21.01 0.99
N PHE D 89 26.47 -21.10 1.23
CA PHE D 89 25.54 -20.04 0.86
C PHE D 89 25.65 -19.71 -0.63
N ASN D 90 25.31 -20.72 -1.43
CA ASN D 90 25.35 -20.71 -2.90
C ASN D 90 26.59 -20.01 -3.47
N TYR D 91 27.74 -20.21 -2.84
CA TYR D 91 29.01 -19.66 -3.31
C TYR D 91 30.09 -20.72 -3.16
N ALA D 92 30.79 -21.01 -4.24
CA ALA D 92 31.83 -22.04 -4.25
C ALA D 92 33.21 -21.50 -3.97
N LEU D 93 33.36 -20.17 -3.86
CA LEU D 93 34.65 -19.57 -3.51
C LEU D 93 34.35 -18.24 -2.83
N VAL D 94 34.44 -18.23 -1.50
CA VAL D 94 34.11 -17.07 -0.69
C VAL D 94 35.41 -16.41 -0.24
N ILE D 95 35.52 -15.11 -0.46
CA ILE D 95 36.65 -14.31 0.00
C ILE D 95 36.06 -13.10 0.72
N PHE D 96 36.03 -13.16 2.05
CA PHE D 96 35.43 -12.12 2.87
C PHE D 96 36.50 -11.09 3.25
N GLU D 97 36.21 -10.29 4.27
CA GLU D 97 36.89 -9.04 4.55
C GLU D 97 38.36 -9.18 4.90
N MET D 98 38.94 -10.37 4.75
CA MET D 98 40.37 -10.52 5.01
C MET D 98 41.14 -9.45 4.27
N VAL D 99 42.14 -8.88 4.94
CA VAL D 99 42.88 -7.76 4.39
C VAL D 99 44.30 -8.20 4.08
N HIS D 100 45.09 -7.28 3.52
CA HIS D 100 46.49 -7.50 3.12
C HIS D 100 46.62 -8.43 1.93
N LEU D 101 45.53 -8.75 1.24
CA LEU D 101 45.59 -9.60 0.06
C LEU D 101 45.74 -8.70 -1.16
N LYS D 102 46.98 -8.51 -1.61
CA LYS D 102 47.23 -7.61 -2.73
C LYS D 102 46.67 -8.18 -4.04
N GLU D 103 46.80 -9.49 -4.24
CA GLU D 103 46.39 -10.09 -5.50
C GLU D 103 45.87 -11.50 -5.23
N LEU D 104 45.03 -11.98 -6.15
CA LEU D 104 44.49 -13.32 -6.02
C LEU D 104 45.53 -14.37 -6.41
N GLY D 105 46.01 -14.30 -7.65
CA GLY D 105 47.09 -15.16 -8.10
C GLY D 105 46.77 -16.64 -8.16
N LEU D 106 45.54 -16.99 -8.50
CA LEU D 106 45.17 -18.39 -8.73
C LEU D 106 45.27 -18.72 -10.22
N TYR D 107 46.48 -18.56 -10.76
CA TYR D 107 46.67 -18.68 -12.20
C TYR D 107 46.38 -20.08 -12.72
N ASN D 108 46.42 -21.09 -11.85
CA ASN D 108 46.12 -22.45 -12.28
C ASN D 108 44.65 -22.80 -12.19
N LEU D 109 43.83 -21.94 -11.58
CA LEU D 109 42.39 -22.19 -11.50
C LEU D 109 41.78 -22.02 -12.89
N MET D 110 41.00 -23.00 -13.31
CA MET D 110 40.48 -23.02 -14.67
C MET D 110 38.96 -23.19 -14.76
N ASN D 111 38.33 -23.85 -13.79
CA ASN D 111 36.90 -24.08 -13.85
C ASN D 111 36.34 -24.25 -12.44
N ILE D 112 35.07 -23.91 -12.28
CA ILE D 112 34.30 -24.17 -11.07
C ILE D 112 33.02 -24.83 -11.54
N THR D 113 32.85 -26.13 -11.23
CA THR D 113 31.73 -26.89 -11.79
C THR D 113 30.39 -26.34 -11.36
N ARG D 114 30.25 -25.98 -10.09
CA ARG D 114 28.98 -25.49 -9.57
C ARG D 114 29.25 -24.46 -8.49
N GLY D 115 28.53 -23.35 -8.54
CA GLY D 115 28.63 -22.31 -7.54
C GLY D 115 29.01 -20.98 -8.16
N SER D 116 29.39 -20.04 -7.29
CA SER D 116 29.76 -18.69 -7.69
C SER D 116 30.93 -18.23 -6.84
N VAL D 117 31.26 -16.94 -6.96
CA VAL D 117 32.37 -16.33 -6.24
C VAL D 117 31.86 -15.05 -5.58
N ARG D 118 32.27 -14.82 -4.33
CA ARG D 118 31.83 -13.64 -3.60
C ARG D 118 33.03 -12.94 -2.96
N ILE D 119 34.01 -12.60 -3.79
CA ILE D 119 35.14 -11.80 -3.30
C ILE D 119 34.62 -10.41 -2.94
N GLU D 120 34.66 -10.07 -1.66
CA GLU D 120 34.13 -8.79 -1.23
C GLU D 120 34.85 -8.30 0.02
N LYS D 121 34.75 -6.99 0.25
CA LYS D 121 35.28 -6.32 1.43
C LYS D 121 36.79 -6.49 1.58
N ASN D 122 37.50 -6.64 0.47
CA ASN D 122 38.95 -6.69 0.48
C ASN D 122 39.49 -5.27 0.28
N ASN D 123 40.07 -4.70 1.33
CA ASN D 123 40.45 -3.30 1.31
C ASN D 123 41.75 -3.02 0.57
N GLU D 124 42.53 -4.04 0.26
CA GLU D 124 43.83 -3.85 -0.38
C GLU D 124 44.04 -4.88 -1.49
N LEU D 125 43.02 -5.10 -2.30
CA LEU D 125 43.04 -6.13 -3.33
C LEU D 125 43.09 -5.48 -4.71
N CYS D 126 44.02 -5.93 -5.53
CA CYS D 126 44.17 -5.49 -6.91
C CYS D 126 44.12 -6.71 -7.83
N TYR D 127 44.32 -6.45 -9.13
CA TYR D 127 44.36 -7.51 -10.14
C TYR D 127 43.07 -8.34 -10.12
N LEU D 128 41.93 -7.65 -10.02
CA LEU D 128 40.65 -8.31 -9.91
C LEU D 128 39.74 -8.07 -11.10
N ALA D 129 39.91 -6.97 -11.83
CA ALA D 129 39.08 -6.67 -12.99
C ALA D 129 39.51 -7.43 -14.23
N THR D 130 40.65 -8.10 -14.20
CA THR D 130 41.16 -8.84 -15.35
C THR D 130 41.00 -10.34 -15.22
N ILE D 131 40.53 -10.83 -14.07
CA ILE D 131 40.30 -12.27 -13.93
C ILE D 131 39.17 -12.69 -14.86
N ASP D 132 39.25 -13.91 -15.35
CA ASP D 132 38.38 -14.39 -16.43
C ASP D 132 36.90 -14.26 -16.11
N TRP D 133 36.44 -15.05 -15.14
CA TRP D 133 35.02 -15.15 -14.78
C TRP D 133 34.14 -15.43 -15.99
N SER D 134 34.73 -15.97 -17.07
CA SER D 134 33.95 -16.36 -18.25
C SER D 134 34.33 -17.77 -18.66
N ARG D 135 35.59 -18.14 -18.42
CA ARG D 135 36.07 -19.48 -18.66
C ARG D 135 36.24 -20.29 -17.38
N ILE D 136 36.10 -19.66 -16.22
CA ILE D 136 36.15 -20.36 -14.94
C ILE D 136 34.76 -20.71 -14.45
N LEU D 137 33.81 -19.79 -14.61
CA LEU D 137 32.42 -20.00 -14.23
C LEU D 137 31.54 -20.01 -15.47
N ASP D 138 30.67 -21.00 -15.56
CA ASP D 138 29.72 -21.09 -16.66
C ASP D 138 28.32 -20.63 -16.26
N SER D 139 28.18 -20.07 -15.06
CA SER D 139 26.89 -19.66 -14.51
C SER D 139 26.98 -18.27 -13.92
N VAL D 140 27.53 -17.32 -14.69
CA VAL D 140 27.86 -16.03 -14.14
C VAL D 140 26.61 -15.16 -14.06
N GLU D 141 25.87 -15.31 -12.97
CA GLU D 141 24.79 -14.39 -12.60
C GLU D 141 24.79 -14.05 -11.12
N ASP D 142 25.48 -14.81 -10.28
CA ASP D 142 25.56 -14.56 -8.85
C ASP D 142 26.92 -14.02 -8.42
N ASN D 143 27.83 -13.79 -9.36
CA ASN D 143 29.14 -13.24 -9.02
C ASN D 143 28.97 -11.88 -8.36
N TYR D 144 29.69 -11.65 -7.27
CA TYR D 144 29.39 -10.55 -6.37
C TYR D 144 30.65 -9.79 -5.98
N ILE D 145 31.45 -9.40 -6.97
CA ILE D 145 32.58 -8.50 -6.73
C ILE D 145 32.02 -7.09 -6.56
N VAL D 146 32.07 -6.55 -5.34
CA VAL D 146 31.48 -5.26 -5.06
C VAL D 146 32.43 -4.28 -4.37
N LEU D 147 33.00 -4.68 -3.23
CA LEU D 147 33.64 -3.74 -2.31
C LEU D 147 35.14 -3.96 -2.17
N ASN D 148 35.82 -4.21 -3.29
CA ASN D 148 37.26 -4.36 -3.29
C ASN D 148 37.92 -3.03 -3.59
N LYS D 149 39.26 -2.99 -3.49
CA LYS D 149 39.98 -1.74 -3.69
C LYS D 149 39.90 -1.24 -5.12
N ASP D 150 39.62 -2.12 -6.09
CA ASP D 150 39.51 -1.69 -7.48
C ASP D 150 38.34 -0.74 -7.70
N ASP D 151 37.33 -0.76 -6.82
CA ASP D 151 36.18 0.11 -6.92
C ASP D 151 36.28 1.34 -6.03
N ASN D 152 37.41 1.52 -5.35
CA ASN D 152 37.61 2.68 -4.50
C ASN D 152 38.75 3.57 -4.96
N GLU D 153 39.89 2.98 -5.33
CA GLU D 153 41.01 3.74 -5.87
C GLU D 153 41.40 3.20 -7.24
N GLU D 154 42.49 3.72 -7.80
CA GLU D 154 43.05 3.22 -9.05
C GLU D 154 44.35 2.50 -8.74
N CYS D 155 44.43 1.23 -9.12
CA CYS D 155 45.63 0.43 -8.86
C CYS D 155 46.63 0.47 -10.01
N GLY D 156 46.17 0.69 -11.24
CA GLY D 156 47.07 0.73 -12.37
C GLY D 156 47.74 -0.62 -12.61
N ASP D 157 46.94 -1.62 -12.93
CA ASP D 157 47.47 -2.97 -13.11
C ASP D 157 48.41 -3.05 -14.31
N ILE D 158 49.43 -3.90 -14.18
CA ILE D 158 50.34 -4.20 -15.28
C ILE D 158 50.07 -5.65 -15.64
N CYS D 159 50.66 -6.14 -16.73
CA CYS D 159 50.47 -7.54 -17.03
C CYS D 159 51.59 -8.08 -17.90
N PRO D 160 52.05 -9.32 -17.65
CA PRO D 160 53.16 -9.89 -18.42
C PRO D 160 53.00 -9.74 -19.92
N GLY D 161 53.93 -9.01 -20.54
CA GLY D 161 53.96 -8.80 -21.96
C GLY D 161 55.31 -9.09 -22.57
N THR D 162 55.59 -8.42 -23.68
CA THR D 162 56.87 -8.56 -24.36
C THR D 162 57.62 -7.24 -24.38
N ASN D 168 51.50 -9.79 -24.00
CA ASN D 168 51.80 -11.11 -24.54
C ASN D 168 51.02 -12.19 -23.79
N CYS D 169 49.76 -11.89 -23.49
CA CYS D 169 48.82 -12.90 -23.00
C CYS D 169 47.41 -12.46 -23.36
N PRO D 170 46.71 -13.27 -24.17
CA PRO D 170 45.56 -12.77 -24.94
C PRO D 170 44.41 -12.20 -24.12
N ALA D 171 44.11 -10.93 -24.35
CA ALA D 171 42.85 -10.35 -23.89
C ALA D 171 41.70 -10.88 -24.73
N THR D 172 40.51 -10.89 -24.14
CA THR D 172 39.31 -11.37 -24.80
C THR D 172 38.18 -10.37 -24.62
N VAL D 173 37.28 -10.33 -25.60
CA VAL D 173 36.17 -9.39 -25.60
C VAL D 173 35.07 -9.93 -24.70
N ILE D 174 34.70 -9.14 -23.70
CA ILE D 174 33.55 -9.45 -22.86
C ILE D 174 32.51 -8.33 -22.84
N ASN D 175 32.90 -7.09 -23.13
CA ASN D 175 31.97 -5.98 -23.23
C ASN D 175 32.00 -5.28 -24.58
N GLY D 176 32.92 -5.64 -25.47
CA GLY D 176 33.02 -5.00 -26.77
C GLY D 176 34.42 -4.51 -27.08
N GLN D 177 35.38 -4.83 -26.22
CA GLN D 177 36.74 -4.37 -26.41
C GLN D 177 37.70 -5.32 -25.70
N PHE D 178 38.86 -5.53 -26.30
CA PHE D 178 39.96 -6.26 -25.66
C PHE D 178 40.55 -5.40 -24.55
N VAL D 179 40.49 -5.87 -23.31
CA VAL D 179 41.13 -5.11 -22.22
C VAL D 179 42.30 -5.89 -21.64
N GLU D 180 42.03 -7.04 -21.02
CA GLU D 180 42.99 -7.96 -20.41
C GLU D 180 42.23 -9.17 -19.88
N ARG D 181 42.94 -10.29 -19.74
CA ARG D 181 42.42 -11.48 -19.10
C ARG D 181 43.50 -11.99 -18.15
N CYS D 182 44.00 -11.08 -17.32
CA CYS D 182 45.25 -11.22 -16.58
C CYS D 182 44.98 -11.70 -15.16
N TRP D 183 45.94 -12.43 -14.60
CA TRP D 183 45.84 -12.93 -13.23
C TRP D 183 46.66 -12.14 -12.22
N THR D 184 47.88 -11.76 -12.56
CA THR D 184 48.79 -11.09 -11.63
C THR D 184 49.89 -10.43 -12.44
N HIS D 185 50.87 -9.86 -11.73
CA HIS D 185 51.98 -9.15 -12.37
C HIS D 185 52.96 -10.08 -13.07
N SER D 186 52.97 -11.37 -12.72
CA SER D 186 53.90 -12.32 -13.31
C SER D 186 53.23 -13.47 -14.04
N HIS D 187 51.90 -13.56 -14.04
CA HIS D 187 51.21 -14.67 -14.66
C HIS D 187 49.91 -14.18 -15.30
N CYS D 188 49.54 -14.84 -16.39
CA CYS D 188 48.25 -14.70 -17.04
C CYS D 188 47.56 -16.06 -17.06
N GLN D 189 46.35 -16.09 -17.61
CA GLN D 189 45.55 -17.31 -17.63
C GLN D 189 45.51 -17.86 -19.05
N LYS D 190 45.70 -19.17 -19.17
CA LYS D 190 45.63 -19.84 -20.46
C LYS D 190 44.21 -19.87 -21.02
N VAL D 191 43.99 -19.16 -22.12
CA VAL D 191 42.79 -19.34 -22.93
C VAL D 191 43.20 -20.08 -24.20
N CYS D 192 42.40 -21.07 -24.57
CA CYS D 192 42.71 -21.94 -25.69
C CYS D 192 41.47 -22.05 -26.58
N PRO D 193 41.66 -22.45 -27.85
CA PRO D 193 40.53 -22.50 -28.81
C PRO D 193 39.23 -23.05 -28.25
N THR D 194 38.12 -22.45 -28.68
CA THR D 194 36.81 -22.74 -28.13
C THR D 194 36.14 -23.95 -28.77
N ILE D 195 36.82 -24.63 -29.70
CA ILE D 195 36.23 -25.81 -30.34
C ILE D 195 35.95 -26.91 -29.34
N CYS D 196 36.62 -26.90 -28.19
CA CYS D 196 36.36 -27.81 -27.09
C CYS D 196 35.97 -27.01 -25.86
N LYS D 197 34.84 -27.36 -25.24
CA LYS D 197 34.33 -26.59 -24.11
C LYS D 197 35.30 -26.63 -22.94
N SER D 198 35.53 -27.82 -22.38
CA SER D 198 36.49 -27.98 -21.29
C SER D 198 37.09 -29.38 -21.42
N HIS D 199 38.22 -29.46 -22.12
CA HIS D 199 38.90 -30.74 -22.32
C HIS D 199 40.41 -30.67 -22.10
N GLY D 200 40.98 -29.50 -21.87
CA GLY D 200 42.41 -29.40 -21.67
C GLY D 200 43.16 -28.94 -22.91
N CYS D 201 44.10 -28.03 -22.74
CA CYS D 201 44.90 -27.52 -23.85
C CYS D 201 46.34 -27.38 -23.38
N THR D 202 47.24 -28.13 -24.00
CA THR D 202 48.63 -28.23 -23.53
C THR D 202 49.51 -27.14 -24.15
N ALA D 203 49.17 -25.89 -23.82
CA ALA D 203 49.89 -24.69 -24.20
C ALA D 203 49.85 -24.40 -25.69
N GLU D 204 49.24 -25.28 -26.50
CA GLU D 204 49.05 -25.03 -27.92
C GLU D 204 47.61 -25.34 -28.29
N GLY D 205 47.29 -25.37 -29.57
CA GLY D 205 45.95 -25.76 -29.94
C GLY D 205 45.83 -27.26 -30.07
N LEU D 206 45.40 -27.90 -28.98
CA LEU D 206 45.28 -29.36 -28.94
C LEU D 206 44.27 -29.69 -27.84
N CYS D 207 43.04 -30.00 -28.24
CA CYS D 207 42.01 -30.38 -27.29
C CYS D 207 42.17 -31.85 -26.92
N CYS D 208 42.36 -32.12 -25.63
CA CYS D 208 42.61 -33.47 -25.16
C CYS D 208 41.31 -34.27 -25.17
N HIS D 209 41.35 -35.49 -24.63
CA HIS D 209 40.16 -36.33 -24.61
C HIS D 209 39.08 -35.71 -23.73
N SER D 210 37.84 -36.10 -23.98
CA SER D 210 36.72 -35.61 -23.19
C SER D 210 36.85 -35.94 -21.72
N GLU D 211 37.64 -36.95 -21.38
CA GLU D 211 37.83 -37.35 -19.98
C GLU D 211 39.02 -36.63 -19.36
N CYS D 212 39.06 -35.30 -19.49
CA CYS D 212 40.10 -34.49 -18.87
C CYS D 212 39.55 -33.09 -18.71
N LEU D 213 39.76 -32.49 -17.53
CA LEU D 213 39.18 -31.21 -17.19
C LEU D 213 40.28 -30.20 -16.93
N GLY D 214 40.17 -29.04 -17.57
CA GLY D 214 41.08 -27.94 -17.32
C GLY D 214 42.41 -28.02 -18.06
N ASN D 215 43.28 -28.92 -17.62
CA ASN D 215 44.64 -28.99 -18.13
C ASN D 215 45.02 -30.43 -18.43
N CYS D 216 45.82 -30.60 -19.48
CA CYS D 216 46.43 -31.88 -19.85
C CYS D 216 47.84 -31.61 -20.36
N SER D 217 48.67 -32.64 -20.31
CA SER D 217 50.09 -32.52 -20.66
C SER D 217 50.46 -33.22 -21.96
N GLN D 218 49.66 -34.16 -22.42
CA GLN D 218 49.97 -34.97 -23.59
C GLN D 218 48.84 -34.83 -24.61
N PRO D 219 48.94 -35.44 -25.81
CA PRO D 219 47.74 -35.51 -26.67
C PRO D 219 46.68 -36.43 -26.06
N ASP D 220 45.61 -36.68 -26.80
CA ASP D 220 44.45 -37.37 -26.23
C ASP D 220 44.87 -38.62 -25.46
N ASP D 221 44.72 -38.57 -24.14
CA ASP D 221 45.18 -39.62 -23.24
C ASP D 221 44.48 -39.49 -21.90
N PRO D 222 43.31 -40.13 -21.72
CA PRO D 222 42.58 -39.99 -20.46
C PRO D 222 43.40 -40.27 -19.22
N THR D 223 44.49 -41.03 -19.34
CA THR D 223 45.34 -41.36 -18.20
C THR D 223 46.41 -40.31 -17.94
N LYS D 224 46.49 -39.26 -18.76
CA LYS D 224 47.52 -38.22 -18.63
C LYS D 224 46.87 -36.85 -18.62
N CYS D 225 46.41 -36.41 -17.46
CA CYS D 225 45.96 -35.04 -17.23
C CYS D 225 45.74 -34.86 -15.73
N VAL D 226 45.79 -33.60 -15.30
CA VAL D 226 45.82 -33.30 -13.87
C VAL D 226 44.49 -33.63 -13.20
N ALA D 227 43.37 -33.39 -13.89
CA ALA D 227 42.05 -33.58 -13.30
C ALA D 227 41.15 -34.33 -14.27
N CYS D 228 40.16 -35.02 -13.71
CA CYS D 228 39.15 -35.74 -14.48
C CYS D 228 37.83 -34.97 -14.45
N ARG D 229 37.26 -34.75 -15.64
CA ARG D 229 35.90 -34.24 -15.70
C ARG D 229 34.91 -35.25 -15.14
N ASN D 230 35.04 -36.50 -15.57
CA ASN D 230 34.19 -37.59 -15.10
C ASN D 230 34.88 -38.33 -13.96
N PHE D 231 34.38 -39.50 -13.59
CA PHE D 231 34.90 -40.25 -12.46
C PHE D 231 36.36 -40.67 -12.68
N TYR D 232 37.08 -40.85 -11.57
CA TYR D 232 38.49 -41.20 -11.58
C TYR D 232 38.67 -42.61 -11.06
N LEU D 233 39.45 -43.42 -11.78
CA LEU D 233 39.65 -44.82 -11.42
C LEU D 233 41.08 -45.24 -11.71
N ASP D 234 41.79 -45.63 -10.65
CA ASP D 234 43.12 -46.26 -10.75
C ASP D 234 44.05 -45.52 -11.70
N GLY D 235 44.19 -44.20 -11.52
CA GLY D 235 45.09 -43.44 -12.36
C GLY D 235 44.62 -43.22 -13.78
N ARG D 236 43.32 -43.30 -14.04
CA ARG D 236 42.79 -43.02 -15.36
C ARG D 236 41.41 -42.40 -15.24
N CYS D 237 41.14 -41.42 -16.08
CA CYS D 237 39.89 -40.67 -16.06
C CYS D 237 38.89 -41.40 -16.95
N VAL D 238 37.79 -41.88 -16.36
CA VAL D 238 36.91 -42.86 -17.01
C VAL D 238 35.47 -42.38 -16.86
N GLU D 239 34.58 -42.95 -17.70
CA GLU D 239 33.14 -42.79 -17.59
C GLU D 239 32.60 -43.58 -16.41
N THR D 240 31.28 -43.74 -16.35
CA THR D 240 30.62 -44.52 -15.31
C THR D 240 31.42 -45.77 -14.97
N CYS D 241 31.64 -45.98 -13.67
CA CYS D 241 32.65 -46.92 -13.20
C CYS D 241 32.38 -48.32 -13.76
N PRO D 242 33.35 -48.94 -14.44
CA PRO D 242 33.13 -50.29 -14.95
C PRO D 242 33.02 -51.28 -13.79
N PRO D 243 32.30 -52.38 -13.98
CA PRO D 243 32.19 -53.37 -12.90
C PRO D 243 33.53 -54.03 -12.64
N PRO D 244 33.79 -54.46 -11.40
CA PRO D 244 32.88 -54.33 -10.26
C PRO D 244 33.15 -53.11 -9.38
N TYR D 245 33.36 -51.96 -10.01
CA TYR D 245 33.60 -50.71 -9.29
C TYR D 245 32.31 -49.91 -9.20
N TYR D 246 32.17 -49.15 -8.13
CA TYR D 246 30.95 -48.39 -7.86
C TYR D 246 31.28 -46.91 -7.71
N HIS D 247 30.29 -46.08 -8.02
CA HIS D 247 30.45 -44.64 -7.90
C HIS D 247 30.60 -44.23 -6.44
N PHE D 248 31.28 -43.09 -6.22
CA PHE D 248 31.48 -42.61 -4.86
C PHE D 248 31.73 -41.10 -4.91
N GLN D 249 30.81 -40.33 -4.35
CA GLN D 249 30.99 -38.90 -4.11
C GLN D 249 31.34 -38.14 -5.39
N ASP D 250 30.74 -38.57 -6.50
CA ASP D 250 30.67 -37.80 -7.75
C ASP D 250 32.05 -37.72 -8.42
N TRP D 251 33.10 -38.25 -7.78
CA TRP D 251 34.41 -38.16 -8.41
C TRP D 251 35.29 -39.40 -8.27
N ARG D 252 34.92 -40.40 -7.49
CA ARG D 252 35.74 -41.59 -7.34
C ARG D 252 35.01 -42.83 -7.83
N CYS D 253 35.80 -43.84 -8.19
CA CYS D 253 35.33 -45.19 -8.39
C CYS D 253 35.97 -46.06 -7.32
N VAL D 254 35.17 -46.53 -6.36
CA VAL D 254 35.67 -47.33 -5.27
C VAL D 254 35.25 -48.78 -5.45
N ASN D 255 35.91 -49.67 -4.74
CA ASN D 255 35.57 -51.08 -4.72
C ASN D 255 34.77 -51.42 -3.47
N PHE D 256 34.06 -52.54 -3.54
CA PHE D 256 33.02 -52.94 -2.60
C PHE D 256 33.59 -52.88 -1.18
N SER D 257 34.85 -53.29 -1.01
CA SER D 257 35.44 -53.36 0.32
C SER D 257 35.48 -51.99 1.00
N PHE D 258 35.66 -50.94 0.21
CA PHE D 258 35.70 -49.60 0.80
C PHE D 258 34.36 -49.25 1.45
N CYS D 259 33.26 -49.53 0.75
CA CYS D 259 31.95 -49.24 1.33
C CYS D 259 31.64 -50.18 2.49
N GLN D 260 32.09 -51.44 2.41
CA GLN D 260 31.96 -52.33 3.56
C GLN D 260 32.66 -51.75 4.79
N ASP D 261 33.89 -51.29 4.62
CA ASP D 261 34.65 -50.76 5.73
C ASP D 261 34.00 -49.51 6.29
N LEU D 262 33.51 -48.63 5.42
CA LEU D 262 32.83 -47.42 5.90
C LEU D 262 31.57 -47.76 6.68
N HIS D 263 30.76 -48.69 6.17
CA HIS D 263 29.55 -49.09 6.87
C HIS D 263 29.87 -49.73 8.21
N HIS D 264 30.88 -50.59 8.25
CA HIS D 264 31.26 -51.22 9.52
C HIS D 264 31.79 -50.20 10.51
N LYS D 265 32.52 -49.19 10.03
CA LYS D 265 33.05 -48.17 10.92
C LYS D 265 31.93 -47.31 11.51
N CYS D 266 30.98 -46.89 10.70
CA CYS D 266 29.89 -46.06 11.22
C CYS D 266 28.79 -46.84 11.92
N LYS D 267 28.71 -48.16 11.73
CA LYS D 267 27.63 -48.89 12.36
C LYS D 267 27.86 -49.14 13.85
N ASN D 268 29.12 -49.14 14.28
CA ASN D 268 29.45 -49.46 15.67
C ASN D 268 30.17 -48.33 16.41
N SER D 269 31.12 -47.67 15.76
CA SER D 269 31.88 -46.63 16.45
C SER D 269 31.00 -45.47 16.86
N ARG D 270 30.09 -45.05 16.00
CA ARG D 270 29.18 -43.95 16.31
C ARG D 270 27.73 -44.33 16.00
N CYS D 274 25.75 -41.59 10.42
CA CYS D 274 27.11 -41.50 9.92
C CYS D 274 27.19 -41.72 8.42
N HIS D 275 26.09 -41.44 7.71
CA HIS D 275 26.05 -41.56 6.26
C HIS D 275 26.44 -42.98 5.83
N GLN D 276 25.52 -43.90 6.14
CA GLN D 276 25.82 -45.35 6.16
C GLN D 276 26.52 -45.87 4.92
N TYR D 277 26.51 -45.11 3.81
CA TYR D 277 27.20 -45.49 2.57
C TYR D 277 26.69 -46.84 2.05
N VAL D 278 25.42 -46.84 1.68
CA VAL D 278 24.80 -47.99 1.06
C VAL D 278 24.89 -47.87 -0.46
N ILE D 279 24.70 -48.98 -1.16
CA ILE D 279 24.83 -49.04 -2.60
C ILE D 279 23.44 -49.20 -3.21
N HIS D 280 23.08 -48.28 -4.10
CA HIS D 280 21.77 -48.29 -4.75
C HIS D 280 21.86 -48.53 -6.25
N ASN D 281 22.52 -47.64 -6.97
CA ASN D 281 22.57 -47.64 -8.44
C ASN D 281 24.01 -47.62 -8.90
N ASN D 282 24.82 -48.52 -8.35
CA ASN D 282 26.27 -48.54 -8.51
C ASN D 282 26.94 -47.33 -7.89
N LYS D 283 26.22 -46.63 -7.02
CA LYS D 283 26.75 -45.48 -6.29
C LYS D 283 26.68 -45.78 -4.79
N CYS D 284 27.75 -45.43 -4.08
CA CYS D 284 27.84 -45.75 -2.65
C CYS D 284 27.17 -44.62 -1.87
N ILE D 285 25.87 -44.50 -2.08
CA ILE D 285 25.08 -43.37 -1.56
C ILE D 285 25.03 -43.44 -0.04
N PRO D 286 25.09 -42.31 0.67
CA PRO D 286 25.05 -42.36 2.15
C PRO D 286 23.81 -43.04 2.71
N GLU D 287 22.65 -42.83 2.11
CA GLU D 287 21.42 -43.42 2.59
C GLU D 287 20.57 -43.91 1.42
N CYS D 288 19.79 -44.96 1.67
CA CYS D 288 18.90 -45.47 0.65
C CYS D 288 17.84 -44.42 0.32
N PRO D 289 17.47 -44.26 -0.94
CA PRO D 289 16.48 -43.25 -1.32
C PRO D 289 15.08 -43.72 -0.95
N SER D 290 14.10 -42.87 -1.26
CA SER D 290 12.71 -43.19 -0.94
C SER D 290 12.25 -44.42 -1.69
N GLY D 291 11.51 -45.28 -0.99
CA GLY D 291 10.99 -46.50 -1.58
C GLY D 291 11.94 -47.68 -1.55
N TYR D 292 13.09 -47.56 -0.90
CA TYR D 292 14.06 -48.65 -0.81
C TYR D 292 14.53 -48.78 0.63
N THR D 293 14.95 -50.00 0.98
CA THR D 293 15.34 -50.29 2.35
C THR D 293 16.59 -51.17 2.35
N MET D 294 17.30 -51.13 3.47
CA MET D 294 18.50 -51.93 3.68
C MET D 294 18.16 -53.12 4.57
N ASN D 295 18.47 -54.33 4.10
CA ASN D 295 18.12 -55.54 4.82
C ASN D 295 19.30 -56.11 5.61
N SER D 296 20.37 -56.52 4.93
CA SER D 296 21.51 -57.16 5.57
C SER D 296 22.55 -57.49 4.50
N SER D 297 23.71 -57.97 4.98
CA SER D 297 24.76 -58.54 4.14
C SER D 297 25.15 -57.63 2.99
N ASN D 298 24.81 -58.03 1.77
CA ASN D 298 25.14 -57.23 0.59
C ASN D 298 24.51 -55.85 0.70
N LEU D 299 25.33 -54.83 0.52
CA LEU D 299 24.86 -53.44 0.63
C LEU D 299 24.02 -53.11 -0.60
N LEU D 300 22.70 -53.30 -0.48
CA LEU D 300 21.79 -52.98 -1.56
C LEU D 300 20.50 -52.42 -0.97
N CYS D 301 19.89 -51.49 -1.69
CA CYS D 301 18.62 -50.88 -1.31
C CYS D 301 17.54 -51.49 -2.19
N THR D 302 17.00 -52.63 -1.75
CA THR D 302 15.94 -53.29 -2.50
C THR D 302 14.63 -52.52 -2.33
N PRO D 303 13.77 -52.55 -3.35
CA PRO D 303 12.45 -51.91 -3.21
C PRO D 303 11.66 -52.52 -2.07
N CYS D 304 10.94 -51.66 -1.35
CA CYS D 304 10.20 -52.08 -0.16
C CYS D 304 8.72 -52.23 -0.51
N LEU D 305 8.13 -53.34 -0.09
CA LEU D 305 6.69 -53.52 -0.16
C LEU D 305 6.03 -52.71 0.95
N GLY D 306 4.84 -52.19 0.66
CA GLY D 306 4.21 -51.25 1.55
C GLY D 306 4.97 -49.95 1.54
N PRO D 307 4.86 -49.20 0.42
CA PRO D 307 5.82 -48.12 0.10
C PRO D 307 6.32 -47.31 1.28
N CYS D 308 7.65 -47.30 1.44
CA CYS D 308 8.28 -46.61 2.55
C CYS D 308 8.79 -45.26 2.09
N PRO D 309 8.26 -44.15 2.60
CA PRO D 309 8.75 -42.83 2.19
C PRO D 309 9.88 -42.33 3.09
N LYS D 310 10.83 -41.63 2.47
CA LYS D 310 11.94 -41.04 3.21
C LYS D 310 11.51 -39.72 3.80
N VAL D 311 11.78 -39.53 5.09
CA VAL D 311 11.40 -38.32 5.81
C VAL D 311 12.66 -37.58 6.22
N CYS D 312 12.54 -36.26 6.32
CA CYS D 312 13.61 -35.39 6.82
C CYS D 312 13.11 -34.75 8.10
N HIS D 313 13.40 -35.38 9.23
CA HIS D 313 13.00 -34.86 10.52
C HIS D 313 13.77 -33.58 10.83
N LEU D 314 13.05 -32.48 11.02
CA LEU D 314 13.71 -31.20 11.27
C LEU D 314 14.32 -31.17 12.67
N LEU D 315 15.18 -30.17 12.89
CA LEU D 315 15.85 -30.07 14.18
C LEU D 315 14.86 -29.84 15.31
N GLU D 316 13.97 -28.85 15.15
CA GLU D 316 12.96 -28.57 16.15
C GLU D 316 11.61 -28.26 15.49
N GLY D 317 11.40 -28.74 14.27
CA GLY D 317 10.13 -28.54 13.60
C GLY D 317 10.02 -27.24 12.83
N GLU D 318 11.13 -26.61 12.51
CA GLU D 318 11.12 -25.32 11.84
C GLU D 318 12.43 -25.14 11.07
N LYS D 319 12.34 -24.56 9.88
CA LYS D 319 13.51 -24.41 9.03
C LYS D 319 13.35 -23.16 8.17
N THR D 320 14.43 -22.40 8.05
CA THR D 320 14.49 -21.23 7.18
C THR D 320 15.41 -21.53 6.01
N ILE D 321 14.91 -21.32 4.80
CA ILE D 321 15.66 -21.61 3.57
C ILE D 321 16.04 -20.29 2.94
N ASP D 322 17.34 -20.09 2.72
CA ASP D 322 17.85 -18.84 2.20
C ASP D 322 18.87 -18.99 1.08
N SER D 323 19.46 -20.17 0.89
CA SER D 323 20.42 -20.40 -0.18
C SER D 323 20.29 -21.86 -0.60
N VAL D 324 21.26 -22.32 -1.40
CA VAL D 324 21.26 -23.74 -1.79
C VAL D 324 21.92 -24.60 -0.73
N THR D 325 22.79 -24.01 0.11
CA THR D 325 23.39 -24.78 1.20
C THR D 325 22.33 -25.26 2.17
N SER D 326 21.37 -24.41 2.50
CA SER D 326 20.32 -24.80 3.43
C SER D 326 19.29 -25.71 2.77
N ALA D 327 19.05 -25.52 1.48
CA ALA D 327 18.09 -26.36 0.77
C ALA D 327 18.66 -27.72 0.38
N GLN D 328 19.97 -27.91 0.46
CA GLN D 328 20.55 -29.17 0.02
C GLN D 328 20.31 -30.29 1.03
N GLU D 329 20.13 -29.95 2.32
CA GLU D 329 19.82 -30.99 3.29
C GLU D 329 18.42 -31.57 3.09
N LEU D 330 17.52 -30.83 2.44
CA LEU D 330 16.20 -31.33 2.12
C LEU D 330 16.19 -31.95 0.71
N ARG D 331 17.06 -32.94 0.53
CA ARG D 331 17.22 -33.60 -0.75
C ARG D 331 17.00 -35.09 -0.57
N GLY D 332 16.15 -35.66 -1.42
CA GLY D 332 15.90 -37.09 -1.43
C GLY D 332 14.76 -37.56 -0.55
N CYS D 333 14.17 -36.68 0.26
CA CYS D 333 13.06 -37.06 1.13
C CYS D 333 11.77 -36.44 0.61
N THR D 334 10.68 -37.17 0.79
CA THR D 334 9.38 -36.76 0.27
C THR D 334 8.45 -36.21 1.32
N VAL D 335 8.70 -36.48 2.60
CA VAL D 335 7.86 -36.01 3.70
C VAL D 335 8.69 -35.13 4.62
N ILE D 336 8.20 -33.93 4.88
CA ILE D 336 8.87 -32.98 5.76
C ILE D 336 8.14 -32.99 7.10
N ASN D 337 8.85 -33.34 8.17
CA ASN D 337 8.26 -33.40 9.50
C ASN D 337 8.49 -32.08 10.25
N GLY D 338 8.02 -31.00 9.63
CA GLY D 338 8.20 -29.67 10.19
C GLY D 338 7.53 -28.60 9.37
N SER D 339 8.20 -27.47 9.18
CA SER D 339 7.66 -26.36 8.42
C SER D 339 8.76 -25.70 7.62
N LEU D 340 8.38 -25.01 6.55
CA LEU D 340 9.30 -24.34 5.66
C LEU D 340 9.03 -22.84 5.68
N ILE D 341 10.08 -22.04 5.83
CA ILE D 341 9.96 -20.58 5.90
C ILE D 341 10.80 -19.96 4.80
N ILE D 342 10.81 -20.58 3.62
CA ILE D 342 11.66 -20.19 2.50
C ILE D 342 11.73 -18.68 2.33
N ASN D 343 12.95 -18.14 2.31
CA ASN D 343 13.18 -16.70 2.32
C ASN D 343 14.43 -16.43 1.48
N ILE D 344 14.23 -16.13 0.20
CA ILE D 344 15.34 -15.94 -0.74
C ILE D 344 15.62 -14.44 -0.82
N ARG D 345 16.59 -13.97 -0.04
CA ARG D 345 17.01 -12.58 -0.10
C ARG D 345 18.01 -12.38 -1.23
N GLY D 346 17.76 -11.39 -2.08
CA GLY D 346 18.66 -11.11 -3.17
C GLY D 346 17.96 -10.79 -4.46
N GLY D 347 18.72 -10.59 -5.54
CA GLY D 347 18.15 -10.26 -6.82
C GLY D 347 18.42 -11.29 -7.90
N ASN D 348 18.57 -12.55 -7.49
CA ASN D 348 18.85 -13.64 -8.41
C ASN D 348 17.73 -14.66 -8.37
N ASN D 349 17.45 -15.26 -9.53
CA ASN D 349 16.37 -16.23 -9.68
C ASN D 349 16.91 -17.62 -9.36
N LEU D 350 16.94 -17.93 -8.07
CA LEU D 350 17.38 -19.24 -7.58
C LEU D 350 16.23 -20.21 -7.77
N ALA D 351 16.13 -20.78 -8.97
CA ALA D 351 15.02 -21.66 -9.31
C ALA D 351 15.46 -23.08 -9.63
N ALA D 352 16.51 -23.25 -10.44
CA ALA D 352 16.93 -24.59 -10.83
C ALA D 352 17.40 -25.40 -9.64
N GLU D 353 18.22 -24.80 -8.78
CA GLU D 353 18.75 -25.52 -7.62
C GLU D 353 17.65 -25.88 -6.63
N LEU D 354 16.74 -24.94 -6.36
CA LEU D 354 15.62 -25.25 -5.48
C LEU D 354 14.72 -26.32 -6.07
N GLU D 355 14.50 -26.28 -7.38
CA GLU D 355 13.70 -27.32 -8.02
C GLU D 355 14.37 -28.69 -7.91
N ALA D 356 15.70 -28.73 -8.08
CA ALA D 356 16.40 -30.01 -8.02
C ALA D 356 16.43 -30.57 -6.61
N ASN D 357 16.65 -29.71 -5.61
CA ASN D 357 16.76 -30.17 -4.23
C ASN D 357 15.40 -30.20 -3.53
N LEU D 358 14.72 -29.05 -3.48
CA LEU D 358 13.45 -28.90 -2.79
C LEU D 358 12.26 -29.18 -3.71
N GLY D 359 12.27 -30.32 -4.38
CA GLY D 359 11.24 -30.60 -5.36
C GLY D 359 10.53 -31.92 -5.15
N LEU D 360 11.14 -32.84 -4.41
CA LEU D 360 10.56 -34.16 -4.21
C LEU D 360 9.71 -34.25 -2.95
N ILE D 361 9.59 -33.18 -2.18
CA ILE D 361 8.83 -33.23 -0.93
C ILE D 361 7.35 -33.15 -1.26
N GLU D 362 6.57 -34.06 -0.72
CA GLU D 362 5.14 -34.16 -1.00
C GLU D 362 4.26 -33.71 0.16
N GLU D 363 4.66 -33.98 1.40
CA GLU D 363 3.87 -33.65 2.57
C GLU D 363 4.68 -32.74 3.48
N ILE D 364 4.10 -31.60 3.85
CA ILE D 364 4.69 -30.69 4.81
C ILE D 364 3.79 -30.68 6.03
N SER D 365 4.22 -31.33 7.11
CA SER D 365 3.45 -31.43 8.33
C SER D 365 3.63 -30.18 9.20
N GLY D 366 3.21 -29.05 8.65
CA GLY D 366 3.38 -27.77 9.31
C GLY D 366 2.80 -26.62 8.52
N TYR D 367 3.54 -25.52 8.41
CA TYR D 367 3.10 -24.35 7.66
C TYR D 367 4.14 -23.97 6.63
N LEU D 368 3.68 -23.60 5.45
CA LEU D 368 4.55 -23.15 4.36
C LEU D 368 4.56 -21.63 4.36
N LYS D 369 5.51 -21.05 5.10
CA LYS D 369 5.62 -19.60 5.21
C LYS D 369 6.58 -19.07 4.14
N ILE D 370 6.19 -17.96 3.51
CA ILE D 370 7.02 -17.32 2.49
C ILE D 370 7.27 -15.90 2.95
N ARG D 371 8.47 -15.65 3.48
CA ARG D 371 8.89 -14.35 3.98
C ARG D 371 9.32 -13.46 2.82
N ARG D 372 10.05 -12.39 3.12
CA ARG D 372 10.38 -11.38 2.13
C ARG D 372 11.33 -11.91 1.07
N SER D 373 10.86 -12.86 0.26
CA SER D 373 11.70 -13.51 -0.75
C SER D 373 11.59 -12.72 -2.05
N TYR D 374 12.50 -11.76 -2.22
CA TYR D 374 12.55 -10.98 -3.44
C TYR D 374 13.02 -11.84 -4.61
N ALA D 375 12.67 -11.42 -5.82
CA ALA D 375 13.07 -12.07 -7.06
C ALA D 375 12.55 -13.50 -7.18
N LEU D 376 11.51 -13.84 -6.42
CA LEU D 376 10.86 -15.14 -6.55
C LEU D 376 9.70 -15.00 -7.53
N VAL D 377 9.80 -15.70 -8.66
CA VAL D 377 8.83 -15.48 -9.73
C VAL D 377 7.64 -16.44 -9.67
N SER D 378 7.82 -17.63 -9.13
CA SER D 378 6.74 -18.62 -9.12
C SER D 378 6.98 -19.60 -7.98
N LEU D 379 5.97 -20.42 -7.72
CA LEU D 379 6.02 -21.45 -6.69
C LEU D 379 6.03 -22.85 -7.27
N SER D 380 6.51 -23.00 -8.50
CA SER D 380 6.60 -24.32 -9.11
C SER D 380 7.70 -25.19 -8.52
N PHE D 381 8.36 -24.73 -7.45
CA PHE D 381 9.44 -25.49 -6.85
C PHE D 381 8.94 -26.83 -6.32
N PHE D 382 7.81 -26.80 -5.61
CA PHE D 382 7.22 -28.01 -5.03
C PHE D 382 6.29 -28.64 -6.07
N ARG D 383 6.89 -29.15 -7.13
CA ARG D 383 6.10 -29.73 -8.21
C ARG D 383 5.43 -31.04 -7.82
N LYS D 384 5.78 -31.61 -6.67
CA LYS D 384 5.14 -32.83 -6.19
C LYS D 384 4.45 -32.64 -4.85
N LEU D 385 4.14 -31.40 -4.48
CA LEU D 385 3.48 -31.12 -3.21
C LEU D 385 1.98 -31.36 -3.36
N ARG D 386 1.46 -32.35 -2.62
CA ARG D 386 0.05 -32.68 -2.67
C ARG D 386 -0.67 -32.53 -1.34
N LEU D 387 0.03 -32.26 -0.24
CA LEU D 387 -0.59 -32.23 1.07
C LEU D 387 0.19 -31.30 1.98
N ILE D 388 -0.45 -30.24 2.44
CA ILE D 388 0.10 -29.35 3.46
C ILE D 388 -0.77 -29.52 4.69
N ARG D 389 -0.30 -30.29 5.66
CA ARG D 389 -1.09 -30.53 6.86
C ARG D 389 -1.11 -29.29 7.74
N GLY D 390 -1.71 -29.41 8.91
CA GLY D 390 -1.80 -28.27 9.81
C GLY D 390 -1.59 -28.62 11.27
N GLU D 391 -0.77 -29.64 11.53
CA GLU D 391 -0.54 -30.06 12.90
C GLU D 391 0.15 -28.97 13.72
N THR D 392 1.11 -28.27 13.12
CA THR D 392 1.87 -27.22 13.80
C THR D 392 1.75 -25.94 12.97
N LEU D 393 0.81 -25.08 13.34
CA LEU D 393 0.61 -23.82 12.64
C LEU D 393 1.46 -22.72 13.29
N GLU D 394 1.23 -21.48 12.87
CA GLU D 394 1.91 -20.31 13.40
C GLU D 394 0.92 -19.46 14.18
N ILE D 395 1.38 -18.29 14.63
CA ILE D 395 0.48 -17.36 15.32
C ILE D 395 -0.59 -16.88 14.34
N GLY D 396 -1.83 -16.89 14.79
CA GLY D 396 -2.96 -16.62 13.92
C GLY D 396 -3.53 -17.83 13.24
N ASN D 397 -2.96 -19.01 13.45
CA ASN D 397 -3.44 -20.26 12.86
C ASN D 397 -3.53 -20.18 11.34
N TYR D 398 -2.47 -19.67 10.73
CA TYR D 398 -2.32 -19.72 9.29
C TYR D 398 -1.50 -20.94 8.89
N SER D 399 -1.82 -21.50 7.72
CA SER D 399 -1.08 -22.61 7.17
C SER D 399 -0.34 -22.27 5.89
N PHE D 400 -0.58 -21.08 5.32
CA PHE D 400 0.12 -20.63 4.12
C PHE D 400 0.35 -19.12 4.26
N TYR D 401 1.51 -18.76 4.77
CA TYR D 401 1.89 -17.37 4.96
C TYR D 401 2.56 -16.87 3.69
N ALA D 402 2.28 -15.61 3.32
CA ALA D 402 2.87 -15.05 2.10
C ALA D 402 3.07 -13.56 2.31
N LEU D 403 4.29 -13.17 2.68
CA LEU D 403 4.65 -11.76 2.80
C LEU D 403 5.00 -11.17 1.44
N ASP D 404 5.59 -9.97 1.43
CA ASP D 404 5.74 -9.19 0.20
C ASP D 404 6.78 -9.82 -0.74
N ASN D 405 6.34 -10.85 -1.45
CA ASN D 405 7.14 -11.42 -2.54
C ASN D 405 6.95 -10.52 -3.74
N GLN D 406 7.89 -9.59 -3.94
CA GLN D 406 7.69 -8.51 -4.90
C GLN D 406 7.51 -9.03 -6.33
N ASN D 407 8.30 -10.02 -6.71
CA ASN D 407 8.27 -10.53 -8.07
C ASN D 407 7.41 -11.77 -8.23
N LEU D 408 6.60 -12.12 -7.23
CA LEU D 408 5.71 -13.26 -7.33
C LEU D 408 4.51 -12.90 -8.21
N ARG D 409 4.30 -13.67 -9.26
CA ARG D 409 3.22 -13.43 -10.20
C ARG D 409 2.29 -14.62 -10.37
N GLN D 410 2.83 -15.84 -10.36
CA GLN D 410 2.06 -17.03 -10.70
C GLN D 410 2.40 -18.15 -9.72
N LEU D 411 1.39 -18.62 -9.00
CA LEU D 411 1.54 -19.71 -8.05
C LEU D 411 1.54 -21.04 -8.78
N TRP D 412 1.36 -22.15 -8.06
CA TRP D 412 1.27 -23.46 -8.67
C TRP D 412 0.28 -23.44 -9.85
N ASP D 413 0.68 -24.05 -10.95
CA ASP D 413 -0.17 -24.13 -12.13
C ASP D 413 -1.39 -24.98 -11.80
N TRP D 414 -2.54 -24.34 -11.65
CA TRP D 414 -3.75 -25.03 -11.18
C TRP D 414 -4.48 -25.78 -12.27
N SER D 415 -3.84 -26.00 -13.42
CA SER D 415 -4.39 -26.86 -14.45
C SER D 415 -3.86 -28.29 -14.35
N LYS D 416 -2.73 -28.50 -13.68
CA LYS D 416 -2.15 -29.83 -13.57
C LYS D 416 -1.57 -30.11 -12.18
N HIS D 417 -1.93 -29.32 -11.16
CA HIS D 417 -1.35 -29.47 -9.83
C HIS D 417 -2.45 -29.62 -8.79
N ASN D 418 -2.28 -30.60 -7.90
CA ASN D 418 -3.26 -30.93 -6.90
C ASN D 418 -2.92 -30.13 -5.63
N LEU D 419 -3.77 -30.20 -4.62
CA LEU D 419 -3.40 -29.72 -3.28
C LEU D 419 -4.49 -30.05 -2.28
N THR D 420 -4.07 -30.33 -1.05
CA THR D 420 -4.98 -30.80 -0.01
C THR D 420 -4.67 -30.11 1.32
N ILE D 421 -4.60 -28.77 1.30
CA ILE D 421 -4.36 -28.03 2.55
C ILE D 421 -5.44 -28.39 3.56
N THR D 422 -5.01 -28.80 4.76
CA THR D 422 -5.92 -29.25 5.80
C THR D 422 -5.60 -28.55 7.12
N GLN D 423 -6.65 -28.14 7.82
CA GLN D 423 -6.53 -27.50 9.14
C GLN D 423 -5.63 -26.26 9.09
N GLY D 424 -6.07 -25.27 8.34
CA GLY D 424 -5.32 -24.02 8.25
C GLY D 424 -6.03 -23.04 7.35
N LYS D 425 -5.45 -21.84 7.28
CA LYS D 425 -5.98 -20.74 6.49
C LYS D 425 -4.92 -20.23 5.52
N LEU D 426 -5.21 -19.11 4.87
CA LEU D 426 -4.29 -18.48 3.92
C LEU D 426 -3.92 -17.10 4.42
N PHE D 427 -2.89 -16.52 3.80
CA PHE D 427 -2.35 -15.24 4.24
C PHE D 427 -1.70 -14.57 3.03
N PHE D 428 -2.47 -13.76 2.31
CA PHE D 428 -1.99 -13.08 1.10
C PHE D 428 -2.33 -11.60 1.22
N HIS D 429 -1.36 -10.78 1.64
CA HIS D 429 -1.62 -9.37 1.87
C HIS D 429 -0.92 -8.45 0.89
N TYR D 430 0.42 -8.53 0.77
CA TYR D 430 1.18 -7.42 0.23
C TYR D 430 2.08 -7.91 -0.89
N ASN D 431 1.59 -8.87 -1.67
CA ASN D 431 2.30 -9.32 -2.85
C ASN D 431 1.96 -8.38 -4.00
N PRO D 432 2.88 -7.53 -4.42
CA PRO D 432 2.54 -6.51 -5.43
C PRO D 432 2.14 -7.08 -6.78
N LYS D 433 2.97 -7.93 -7.38
CA LYS D 433 2.74 -8.39 -8.74
C LYS D 433 1.83 -9.61 -8.82
N LEU D 434 1.34 -10.12 -7.69
CA LEU D 434 0.37 -11.19 -7.70
C LEU D 434 -1.01 -10.64 -8.05
N CYS D 435 -1.94 -11.54 -8.34
CA CYS D 435 -3.31 -11.17 -8.67
C CYS D 435 -4.29 -12.04 -7.90
N LEU D 436 -5.44 -11.45 -7.57
CA LEU D 436 -6.43 -12.13 -6.74
C LEU D 436 -7.03 -13.36 -7.43
N SER D 437 -7.01 -13.40 -8.76
CA SER D 437 -7.58 -14.55 -9.47
C SER D 437 -6.82 -15.83 -9.13
N GLU D 438 -5.48 -15.75 -9.07
CA GLU D 438 -4.70 -16.93 -8.72
C GLU D 438 -4.99 -17.38 -7.30
N ILE D 439 -5.14 -16.44 -6.37
CA ILE D 439 -5.42 -16.81 -4.99
C ILE D 439 -6.80 -17.49 -4.88
N HIS D 440 -7.79 -16.95 -5.59
CA HIS D 440 -9.11 -17.56 -5.55
C HIS D 440 -9.12 -18.93 -6.22
N LYS D 441 -8.34 -19.09 -7.29
CA LYS D 441 -8.21 -20.42 -7.90
C LYS D 441 -7.55 -21.40 -6.94
N MET D 442 -6.53 -20.94 -6.21
CA MET D 442 -5.93 -21.77 -5.17
C MET D 442 -6.97 -22.17 -4.13
N GLU D 443 -7.83 -21.23 -3.77
CA GLU D 443 -8.88 -21.53 -2.80
C GLU D 443 -9.82 -22.61 -3.33
N GLU D 444 -10.23 -22.48 -4.59
CA GLU D 444 -11.17 -23.42 -5.18
C GLU D 444 -10.56 -24.80 -5.30
N VAL D 445 -9.30 -24.88 -5.73
CA VAL D 445 -8.67 -26.19 -5.96
C VAL D 445 -8.27 -26.85 -4.65
N SER D 446 -7.59 -26.11 -3.78
CA SER D 446 -7.08 -26.69 -2.53
C SER D 446 -8.22 -27.08 -1.60
N GLY D 447 -9.26 -26.27 -1.52
CA GLY D 447 -10.32 -26.51 -0.58
C GLY D 447 -9.87 -26.29 0.85
N THR D 448 -9.58 -25.04 1.20
CA THR D 448 -9.05 -24.72 2.52
C THR D 448 -10.02 -25.14 3.61
N LYS D 449 -9.48 -25.73 4.67
CA LYS D 449 -10.28 -26.23 5.78
C LYS D 449 -10.51 -25.18 6.87
N GLY D 450 -9.94 -24.00 6.72
CA GLY D 450 -10.04 -22.98 7.76
C GLY D 450 -11.07 -21.91 7.49
N ARG D 451 -11.35 -21.64 6.21
CA ARG D 451 -12.30 -20.60 5.80
C ARG D 451 -11.92 -19.26 6.42
N GLN D 452 -10.77 -18.77 5.99
CA GLN D 452 -10.17 -17.56 6.53
C GLN D 452 -11.19 -16.44 6.64
N GLU D 453 -11.04 -15.61 7.65
CA GLU D 453 -12.00 -14.56 7.93
C GLU D 453 -11.67 -13.32 7.09
N ARG D 454 -12.31 -12.21 7.40
CA ARG D 454 -12.11 -10.98 6.64
C ARG D 454 -10.69 -10.46 6.83
N ASN D 455 -10.18 -9.82 5.77
CA ASN D 455 -8.86 -9.17 5.76
C ASN D 455 -7.72 -10.15 5.93
N ASP D 456 -7.96 -11.45 5.77
CA ASP D 456 -6.87 -12.40 5.71
C ASP D 456 -6.16 -12.33 4.35
N ILE D 457 -6.92 -12.19 3.28
CA ILE D 457 -6.37 -11.95 1.95
C ILE D 457 -6.74 -10.52 1.57
N ALA D 458 -5.73 -9.67 1.40
CA ALA D 458 -5.98 -8.27 1.07
C ALA D 458 -6.64 -8.17 -0.30
N LEU D 459 -7.76 -7.46 -0.35
CA LEU D 459 -8.55 -7.42 -1.58
C LEU D 459 -7.92 -6.49 -2.62
N LYS D 460 -7.34 -5.37 -2.17
CA LYS D 460 -6.94 -4.30 -3.08
C LYS D 460 -5.44 -4.08 -3.16
N THR D 461 -4.73 -4.08 -2.03
CA THR D 461 -3.28 -3.91 -2.06
C THR D 461 -2.54 -5.21 -2.31
N ASN D 462 -3.03 -5.98 -3.29
CA ASN D 462 -2.45 -7.28 -3.58
C ASN D 462 -2.33 -7.52 -5.09
N GLY D 463 -2.77 -6.60 -5.93
CA GLY D 463 -2.67 -6.78 -7.36
C GLY D 463 -2.37 -5.51 -8.12
N ASP D 464 -1.95 -4.46 -7.42
CA ASP D 464 -1.73 -3.17 -8.06
C ASP D 464 -0.30 -3.05 -8.60
N GLN D 465 0.13 -4.06 -9.33
CA GLN D 465 1.35 -3.98 -10.14
C GLN D 465 1.23 -4.65 -11.50
N ALA D 466 0.23 -5.49 -11.72
CA ALA D 466 0.05 -6.17 -12.99
C ALA D 466 -1.43 -6.13 -13.36
N SER D 467 -1.71 -5.85 -14.63
CA SER D 467 -3.09 -5.70 -15.09
C SER D 467 -3.69 -7.08 -15.32
N CYS D 468 -4.65 -7.45 -14.48
CA CYS D 468 -5.36 -8.72 -14.57
C CYS D 468 -6.85 -8.50 -14.42
N GLU D 469 -7.39 -7.54 -15.18
CA GLU D 469 -8.80 -7.20 -15.13
C GLU D 469 -9.72 -8.31 -15.62
N ASN D 470 -9.15 -9.44 -16.05
CA ASN D 470 -9.90 -10.66 -16.41
C ASN D 470 -11.07 -10.36 -17.34
N GLU D 471 -10.85 -9.49 -18.31
CA GLU D 471 -11.85 -9.26 -19.35
C GLU D 471 -11.16 -8.65 -20.57
N LEU D 472 -11.81 -8.79 -21.73
CA LEU D 472 -11.26 -8.36 -23.00
C LEU D 472 -12.22 -7.38 -23.67
N LEU D 473 -11.67 -6.33 -24.27
CA LEU D 473 -12.43 -5.34 -25.04
C LEU D 473 -12.04 -5.50 -26.51
N LYS D 474 -12.88 -6.20 -27.27
CA LYS D 474 -12.57 -6.48 -28.66
C LYS D 474 -12.66 -5.20 -29.48
N PHE D 475 -11.62 -4.91 -30.25
CA PHE D 475 -11.63 -3.77 -31.14
C PHE D 475 -12.57 -4.01 -32.31
N SER D 476 -13.28 -2.96 -32.71
CA SER D 476 -14.30 -3.09 -33.75
C SER D 476 -13.91 -2.40 -35.05
N TYR D 477 -13.52 -1.12 -35.00
CA TYR D 477 -13.24 -0.35 -36.19
C TYR D 477 -11.90 0.36 -36.04
N ILE D 478 -11.02 0.18 -37.03
CA ILE D 478 -9.74 0.86 -37.09
C ILE D 478 -9.56 1.43 -38.49
N ARG D 479 -9.21 2.71 -38.58
CA ARG D 479 -9.00 3.35 -39.87
C ARG D 479 -7.92 4.41 -39.71
N THR D 480 -6.75 4.16 -40.31
CA THR D 480 -5.61 5.06 -40.22
C THR D 480 -5.13 5.35 -41.64
N SER D 481 -5.11 6.62 -42.03
CA SER D 481 -4.71 7.00 -43.37
C SER D 481 -3.42 7.80 -43.40
N PHE D 482 -3.39 8.99 -42.81
CA PHE D 482 -2.13 9.72 -42.81
C PHE D 482 -1.73 10.28 -41.45
N ASP D 483 -2.69 10.82 -40.69
CA ASP D 483 -2.38 11.44 -39.41
C ASP D 483 -3.37 11.12 -38.30
N LYS D 484 -4.54 10.58 -38.60
CA LYS D 484 -5.58 10.34 -37.61
C LYS D 484 -5.72 8.85 -37.35
N ILE D 485 -5.86 8.49 -36.08
CA ILE D 485 -6.11 7.11 -35.66
C ILE D 485 -7.50 7.08 -35.04
N LEU D 486 -8.38 6.27 -35.61
CA LEU D 486 -9.76 6.17 -35.16
C LEU D 486 -9.98 4.81 -34.51
N LEU D 487 -10.62 4.81 -33.34
CA LEU D 487 -10.85 3.60 -32.58
C LEU D 487 -12.33 3.47 -32.26
N ARG D 488 -12.85 2.25 -32.37
CA ARG D 488 -14.22 1.95 -31.98
C ARG D 488 -14.22 0.58 -31.30
N TRP D 489 -14.87 0.50 -30.15
CA TRP D 489 -14.85 -0.70 -29.32
C TRP D 489 -16.29 -1.19 -29.09
N GLU D 490 -16.39 -2.33 -28.42
CA GLU D 490 -17.67 -2.78 -27.90
C GLU D 490 -17.84 -2.22 -26.48
N PRO D 491 -18.91 -1.47 -26.21
CA PRO D 491 -19.01 -0.78 -24.91
C PRO D 491 -19.12 -1.78 -23.76
N TYR D 492 -18.50 -1.42 -22.64
CA TYR D 492 -18.52 -2.23 -21.43
C TYR D 492 -19.12 -1.43 -20.29
N TRP D 493 -20.04 -2.07 -19.55
CA TRP D 493 -20.74 -1.42 -18.45
C TRP D 493 -20.68 -2.33 -17.23
N PRO D 494 -20.14 -1.87 -16.11
CA PRO D 494 -20.18 -2.66 -14.88
C PRO D 494 -21.60 -2.80 -14.37
N PRO D 495 -21.83 -3.60 -13.33
CA PRO D 495 -23.21 -3.75 -12.82
C PRO D 495 -23.85 -2.43 -12.44
N ASP D 496 -23.08 -1.48 -11.92
CA ASP D 496 -23.53 -0.12 -11.67
C ASP D 496 -22.81 0.80 -12.66
N PHE D 497 -23.56 1.32 -13.63
CA PHE D 497 -22.93 2.11 -14.69
C PHE D 497 -22.34 3.41 -14.17
N ARG D 498 -22.72 3.85 -12.97
CA ARG D 498 -22.19 5.08 -12.41
C ARG D 498 -20.75 4.94 -11.92
N ASP D 499 -20.24 3.72 -11.78
CA ASP D 499 -18.88 3.50 -11.31
C ASP D 499 -17.83 3.67 -12.41
N LEU D 500 -18.22 3.70 -13.68
CA LEU D 500 -17.26 3.78 -14.77
C LEU D 500 -16.86 5.22 -14.98
N LEU D 501 -15.63 5.58 -14.59
CA LEU D 501 -15.14 6.92 -14.81
C LEU D 501 -14.74 7.15 -16.26
N GLY D 502 -14.33 6.11 -16.97
CA GLY D 502 -13.92 6.23 -18.34
C GLY D 502 -12.84 5.22 -18.67
N PHE D 503 -12.31 5.35 -19.88
CA PHE D 503 -11.24 4.48 -20.37
C PHE D 503 -9.95 5.29 -20.49
N MET D 504 -8.84 4.65 -20.15
CA MET D 504 -7.52 5.30 -20.13
C MET D 504 -6.68 4.69 -21.26
N LEU D 505 -6.75 5.33 -22.43
CA LEU D 505 -6.04 4.83 -23.60
C LEU D 505 -4.53 5.02 -23.45
N PHE D 506 -3.78 4.05 -23.93
CA PHE D 506 -2.32 4.07 -23.91
C PHE D 506 -1.78 3.89 -25.32
N TYR D 507 -0.75 4.65 -25.66
CA TYR D 507 -0.09 4.52 -26.95
C TYR D 507 1.36 4.96 -26.82
N LYS D 508 2.25 4.29 -27.53
CA LYS D 508 3.67 4.57 -27.46
C LYS D 508 4.29 4.41 -28.84
N GLU D 509 5.19 5.32 -29.19
CA GLU D 509 5.93 5.24 -30.44
C GLU D 509 6.92 4.09 -30.37
N ALA D 510 6.58 2.98 -31.03
CA ALA D 510 7.45 1.81 -31.00
C ALA D 510 7.30 0.99 -32.28
N PRO D 511 8.30 1.01 -33.16
CA PRO D 511 8.27 0.16 -34.35
C PRO D 511 8.70 -1.28 -34.13
N TYR D 512 8.78 -1.72 -32.87
CA TYR D 512 9.29 -3.04 -32.54
C TYR D 512 8.15 -3.89 -31.97
N GLN D 513 8.18 -5.19 -32.31
CA GLN D 513 7.03 -6.06 -32.12
C GLN D 513 6.94 -6.70 -30.74
N ASN D 514 7.93 -6.52 -29.87
CA ASN D 514 7.89 -7.08 -28.53
C ASN D 514 7.56 -5.95 -27.56
N VAL D 515 6.27 -5.76 -27.30
CA VAL D 515 5.78 -4.73 -26.39
C VAL D 515 4.94 -5.40 -25.32
N THR D 516 5.22 -5.09 -24.06
CA THR D 516 4.53 -5.68 -22.92
C THR D 516 3.65 -4.63 -22.25
N GLU D 517 3.05 -5.02 -21.12
CA GLU D 517 2.19 -4.11 -20.38
C GLU D 517 3.01 -2.99 -19.74
N PHE D 518 2.31 -2.05 -19.12
CA PHE D 518 2.95 -0.92 -18.45
C PHE D 518 3.82 -1.39 -17.28
N SER D 528 7.23 7.54 -20.85
CA SER D 528 6.70 6.51 -21.74
C SER D 528 5.24 6.22 -21.41
N TRP D 529 4.54 5.62 -22.38
CA TRP D 529 3.13 5.26 -22.25
C TRP D 529 2.27 6.48 -21.89
N THR D 530 2.24 7.41 -22.84
CA THR D 530 1.43 8.61 -22.69
C THR D 530 -0.04 8.24 -22.47
N VAL D 531 -0.66 8.89 -21.48
CA VAL D 531 -2.00 8.54 -21.04
C VAL D 531 -2.97 9.64 -21.45
N VAL D 532 -4.14 9.22 -21.95
CA VAL D 532 -5.24 10.13 -22.24
C VAL D 532 -6.50 9.58 -21.58
N ASP D 533 -7.46 10.47 -21.34
CA ASP D 533 -8.70 10.12 -20.68
C ASP D 533 -9.87 10.42 -21.60
N ILE D 534 -10.81 9.47 -21.70
CA ILE D 534 -12.00 9.63 -22.52
C ILE D 534 -13.23 9.41 -21.63
N ASP D 535 -14.24 10.25 -21.84
CA ASP D 535 -15.45 10.16 -21.03
C ASP D 535 -16.25 8.91 -21.41
N PRO D 536 -16.99 8.35 -20.44
CA PRO D 536 -17.82 7.19 -20.77
C PRO D 536 -18.94 7.58 -21.70
N PRO D 537 -19.46 6.63 -22.48
CA PRO D 537 -20.57 6.94 -23.40
C PRO D 537 -21.87 7.21 -22.69
N LEU D 538 -22.93 7.45 -23.45
CA LEU D 538 -24.26 7.67 -22.88
C LEU D 538 -24.98 6.35 -22.72
N ARG D 539 -25.56 6.13 -21.53
CA ARG D 539 -26.29 4.90 -21.23
C ARG D 539 -27.62 4.96 -21.96
N SER D 540 -27.60 4.53 -23.22
CA SER D 540 -28.82 4.58 -24.05
C SER D 540 -29.83 3.51 -23.63
N ASN D 541 -29.36 2.41 -23.06
CA ASN D 541 -30.21 1.28 -22.64
C ASN D 541 -30.97 0.67 -23.82
N ASP D 542 -30.50 0.91 -25.03
CA ASP D 542 -31.11 0.41 -26.25
C ASP D 542 -30.04 -0.22 -27.14
N PRO D 543 -30.42 -1.16 -28.00
CA PRO D 543 -29.42 -1.76 -28.91
C PRO D 543 -28.96 -0.79 -29.99
N LYS D 544 -28.38 0.34 -29.57
CA LYS D 544 -27.90 1.36 -30.47
C LYS D 544 -26.37 1.28 -30.57
N SER D 545 -25.77 2.23 -31.27
CA SER D 545 -24.31 2.26 -31.40
C SER D 545 -23.64 2.55 -30.07
N GLN D 546 -24.31 3.29 -29.18
CA GLN D 546 -23.77 3.68 -27.88
C GLN D 546 -22.48 4.48 -28.01
N ASN D 547 -22.28 5.10 -29.18
CA ASN D 547 -21.20 6.04 -29.47
C ASN D 547 -19.84 5.38 -29.59
N HIS D 548 -19.73 4.09 -29.23
CA HIS D 548 -18.50 3.31 -29.39
C HIS D 548 -17.27 4.10 -28.97
N PRO D 549 -17.04 4.26 -27.65
CA PRO D 549 -16.29 5.42 -27.13
C PRO D 549 -15.09 5.86 -27.96
N GLY D 550 -14.10 4.99 -28.13
CA GLY D 550 -12.94 5.29 -28.94
C GLY D 550 -12.23 6.60 -28.62
N TRP D 551 -11.37 7.02 -29.54
CA TRP D 551 -10.63 8.28 -29.43
C TRP D 551 -9.94 8.54 -30.75
N LEU D 552 -9.55 9.80 -30.97
CA LEU D 552 -8.82 10.22 -32.16
C LEU D 552 -7.58 10.96 -31.69
N MET D 553 -6.45 10.26 -31.65
CA MET D 553 -5.22 10.86 -31.18
C MET D 553 -4.64 11.81 -32.24
N ARG D 554 -3.99 12.86 -31.77
CA ARG D 554 -3.40 13.88 -32.63
C ARG D 554 -1.88 13.69 -32.65
N GLY D 555 -1.30 13.67 -33.85
CA GLY D 555 0.13 13.53 -33.99
C GLY D 555 0.56 12.18 -34.52
N LEU D 556 1.07 12.16 -35.75
CA LEU D 556 1.48 10.92 -36.38
C LEU D 556 2.40 11.24 -37.57
N LYS D 557 3.39 10.39 -37.77
CA LYS D 557 4.21 10.45 -38.96
C LYS D 557 4.09 9.15 -39.75
N PRO D 558 4.17 9.21 -41.07
CA PRO D 558 3.92 8.00 -41.88
C PRO D 558 4.98 6.93 -41.66
N TRP D 559 4.58 5.69 -41.92
CA TRP D 559 5.47 4.53 -41.88
C TRP D 559 6.07 4.31 -40.49
N THR D 560 5.19 4.04 -39.53
CA THR D 560 5.62 3.69 -38.18
C THR D 560 4.62 2.71 -37.59
N GLN D 561 5.02 2.06 -36.50
CA GLN D 561 4.19 1.11 -35.79
C GLN D 561 3.82 1.66 -34.42
N TYR D 562 2.62 1.32 -33.96
CA TYR D 562 2.11 1.76 -32.66
C TYR D 562 1.68 0.55 -31.84
N ALA D 563 1.73 0.72 -30.52
CA ALA D 563 1.26 -0.28 -29.57
C ALA D 563 0.22 0.37 -28.67
N ILE D 564 -0.97 -0.23 -28.60
CA ILE D 564 -2.09 0.37 -27.91
C ILE D 564 -2.81 -0.69 -27.08
N PHE D 565 -3.17 -0.33 -25.86
CA PHE D 565 -4.05 -1.16 -25.03
C PHE D 565 -4.78 -0.25 -24.06
N VAL D 566 -6.04 -0.56 -23.81
CA VAL D 566 -6.95 0.34 -23.09
C VAL D 566 -7.37 -0.34 -21.79
N LYS D 567 -7.34 0.43 -20.70
CA LYS D 567 -7.75 -0.04 -19.39
C LYS D 567 -8.91 0.82 -18.89
N THR D 568 -9.82 0.19 -18.15
CA THR D 568 -11.01 0.85 -17.64
C THR D 568 -10.77 1.34 -16.22
N LEU D 569 -11.14 2.59 -15.95
CA LEU D 569 -10.99 3.20 -14.64
C LEU D 569 -12.35 3.19 -13.94
N VAL D 570 -12.43 2.51 -12.80
CA VAL D 570 -13.68 2.38 -12.05
C VAL D 570 -13.40 2.64 -10.58
N THR D 571 -14.45 2.96 -9.84
CA THR D 571 -14.34 3.17 -8.41
C THR D 571 -14.15 1.82 -7.69
N PHE D 572 -13.49 1.88 -6.53
CA PHE D 572 -13.24 0.69 -5.75
C PHE D 572 -14.48 0.31 -4.94
N SER D 573 -14.77 -0.99 -4.90
CA SER D 573 -15.85 -1.54 -4.09
C SER D 573 -15.26 -2.56 -3.14
N ASP D 574 -15.46 -2.36 -1.84
CA ASP D 574 -14.83 -3.23 -0.84
C ASP D 574 -15.46 -4.61 -0.85
N GLU D 575 -16.79 -4.68 -0.85
CA GLU D 575 -17.49 -5.96 -0.76
C GLU D 575 -17.71 -6.57 -2.15
N ARG D 576 -16.64 -6.61 -2.94
CA ARG D 576 -16.67 -7.16 -4.29
C ARG D 576 -15.27 -7.13 -4.90
N ARG D 577 -14.94 -8.11 -5.73
CA ARG D 577 -13.75 -8.00 -6.56
C ARG D 577 -13.99 -6.94 -7.63
N THR D 578 -13.20 -5.87 -7.59
CA THR D 578 -13.43 -4.73 -8.46
C THR D 578 -13.37 -5.15 -9.92
N TYR D 579 -14.40 -4.77 -10.67
CA TYR D 579 -14.48 -5.12 -12.07
C TYR D 579 -13.49 -4.29 -12.89
N GLY D 580 -13.23 -4.76 -14.10
CA GLY D 580 -12.33 -4.04 -14.99
C GLY D 580 -12.26 -4.76 -16.32
N ALA D 581 -11.55 -4.13 -17.25
CA ALA D 581 -11.37 -4.70 -18.58
C ALA D 581 -10.09 -4.15 -19.18
N LYS D 582 -9.46 -4.95 -20.03
CA LYS D 582 -8.24 -4.55 -20.71
C LYS D 582 -8.16 -5.27 -22.04
N SER D 583 -8.04 -4.51 -23.12
CA SER D 583 -7.89 -5.11 -24.43
C SER D 583 -6.48 -5.66 -24.61
N ASP D 584 -6.35 -6.66 -25.47
CA ASP D 584 -5.05 -7.19 -25.80
C ASP D 584 -4.22 -6.15 -26.54
N ILE D 585 -2.90 -6.23 -26.37
CA ILE D 585 -2.00 -5.24 -26.96
C ILE D 585 -1.91 -5.50 -28.46
N ILE D 586 -2.67 -4.74 -29.24
CA ILE D 586 -2.65 -4.85 -30.68
C ILE D 586 -1.71 -3.79 -31.23
N TYR D 587 -1.27 -4.00 -32.47
CA TYR D 587 -0.32 -3.11 -33.13
C TYR D 587 -0.94 -2.51 -34.38
N VAL D 588 -0.87 -1.20 -34.49
CA VAL D 588 -1.26 -0.51 -35.72
C VAL D 588 -0.13 -0.66 -36.73
N GLN D 589 -0.48 -1.11 -37.94
CA GLN D 589 0.54 -1.45 -38.91
C GLN D 589 1.33 -0.22 -39.37
N THR D 590 0.66 0.76 -39.94
CA THR D 590 1.32 1.95 -40.48
C THR D 590 0.25 3.00 -40.77
N ASP D 591 0.66 4.07 -41.45
CA ASP D 591 -0.26 5.13 -41.89
C ASP D 591 -1.02 5.75 -40.73
N GLN D 691 -3.87 14.61 -9.13
CA GLN D 691 -5.33 14.66 -9.15
C GLN D 691 -5.91 13.38 -9.74
N ILE D 692 -5.74 12.28 -9.03
CA ILE D 692 -6.31 11.00 -9.44
C ILE D 692 -7.28 10.43 -8.43
N LEU D 693 -7.22 10.83 -7.16
CA LEU D 693 -8.17 10.38 -6.15
C LEU D 693 -9.28 11.38 -5.88
N LYS D 694 -9.05 12.67 -6.19
CA LYS D 694 -10.10 13.66 -5.99
C LYS D 694 -11.29 13.39 -6.92
N GLU D 695 -11.02 12.98 -8.16
CA GLU D 695 -12.10 12.64 -9.07
C GLU D 695 -12.87 11.42 -8.60
N LEU D 696 -12.16 10.41 -8.07
CA LEU D 696 -12.83 9.25 -7.50
C LEU D 696 -13.71 9.67 -6.32
N GLU D 697 -13.21 10.55 -5.47
CA GLU D 697 -14.00 11.00 -4.33
C GLU D 697 -15.22 11.78 -4.78
N GLU D 698 -15.09 12.61 -5.81
CA GLU D 698 -16.23 13.37 -6.31
C GLU D 698 -17.27 12.43 -6.92
N SER D 699 -16.84 11.43 -7.68
CA SER D 699 -17.78 10.48 -8.24
C SER D 699 -18.50 9.70 -7.14
N SER D 700 -17.75 9.29 -6.11
CA SER D 700 -18.36 8.58 -4.99
C SER D 700 -19.34 9.46 -4.23
N PHE D 701 -19.03 10.76 -4.11
CA PHE D 701 -19.96 11.69 -3.48
C PHE D 701 -21.24 11.83 -4.29
N ARG D 702 -21.11 11.93 -5.62
CA ARG D 702 -22.29 11.99 -6.47
C ARG D 702 -23.16 10.75 -6.28
N LYS D 703 -22.53 9.58 -6.32
CA LYS D 703 -23.27 8.34 -6.13
C LYS D 703 -23.92 8.28 -4.76
N THR D 704 -23.21 8.73 -3.72
CA THR D 704 -23.74 8.69 -2.37
C THR D 704 -24.97 9.58 -2.23
N PHE D 705 -24.90 10.81 -2.74
CA PHE D 705 -26.06 11.68 -2.65
C PHE D 705 -27.23 11.15 -3.45
N GLU D 706 -26.98 10.62 -4.65
CA GLU D 706 -28.09 10.10 -5.45
C GLU D 706 -28.74 8.90 -4.75
N ASP D 707 -27.92 8.03 -4.15
CA ASP D 707 -28.47 6.91 -3.40
C ASP D 707 -29.28 7.38 -2.19
N TYR D 708 -28.79 8.40 -1.48
CA TYR D 708 -29.52 8.93 -0.34
C TYR D 708 -30.86 9.51 -0.76
N LEU D 709 -30.87 10.26 -1.87
CA LEU D 709 -32.11 10.84 -2.37
C LEU D 709 -33.11 9.75 -2.75
N HIS D 710 -32.64 8.70 -3.44
CA HIS D 710 -33.53 7.62 -3.82
C HIS D 710 -34.06 6.89 -2.59
N ASN D 711 -33.21 6.66 -1.59
CA ASN D 711 -33.66 5.98 -0.37
C ASN D 711 -34.71 6.80 0.37
N VAL D 712 -34.48 8.11 0.49
CA VAL D 712 -35.40 8.95 1.25
C VAL D 712 -36.73 9.09 0.52
N VAL D 713 -36.68 9.38 -0.78
CA VAL D 713 -37.91 9.64 -1.53
C VAL D 713 -38.71 8.35 -1.71
N PHE D 714 -38.04 7.27 -2.09
CA PHE D 714 -38.71 6.00 -2.39
C PHE D 714 -38.81 5.15 -1.14
N VAL D 715 -40.03 5.02 -0.61
CA VAL D 715 -40.30 4.19 0.56
C VAL D 715 -41.48 3.27 0.24
N PRO D 716 -41.56 2.09 0.85
CA PRO D 716 -42.68 1.19 0.56
C PRO D 716 -43.97 1.65 1.23
N ARG D 717 -45.02 0.84 1.08
CA ARG D 717 -46.30 1.11 1.73
C ARG D 717 -46.12 1.11 3.25
N PRO D 718 -46.48 2.19 3.95
CA PRO D 718 -46.39 2.29 5.42
C PRO D 718 -47.01 1.10 6.14
N GLY E 1 -34.49 0.72 2.07
CA GLY E 1 -33.33 0.76 1.20
C GLY E 1 -33.62 0.29 -0.21
N ILE E 2 -34.13 1.19 -1.04
CA ILE E 2 -34.43 0.81 -2.42
C ILE E 2 -33.15 0.70 -3.24
N VAL E 3 -32.20 1.61 -3.02
CA VAL E 3 -30.91 1.46 -3.69
C VAL E 3 -30.26 0.14 -3.28
N GLU E 4 -30.35 -0.20 -1.99
CA GLU E 4 -29.89 -1.51 -1.51
C GLU E 4 -30.50 -2.68 -2.26
N GLN E 5 -31.78 -2.59 -2.65
CA GLN E 5 -32.59 -3.68 -3.16
C GLN E 5 -32.64 -3.74 -4.68
N CYS E 6 -32.57 -2.61 -5.36
CA CYS E 6 -32.64 -2.58 -6.82
C CYS E 6 -31.32 -2.23 -7.48
N CYS E 7 -30.26 -1.97 -6.73
CA CYS E 7 -28.99 -1.74 -7.40
C CYS E 7 -27.96 -2.80 -7.08
N THR E 8 -27.67 -3.05 -5.80
CA THR E 8 -26.70 -4.08 -5.47
C THR E 8 -27.21 -5.48 -5.78
N SER E 9 -28.52 -5.69 -5.62
CA SER E 9 -29.18 -6.94 -5.92
C SER E 9 -30.18 -6.72 -7.04
N ILE E 10 -30.97 -7.75 -7.33
CA ILE E 10 -31.97 -7.71 -8.40
C ILE E 10 -33.35 -7.73 -7.77
N CYS E 11 -34.18 -6.76 -8.18
CA CYS E 11 -35.53 -6.58 -7.65
C CYS E 11 -36.55 -6.88 -8.74
N SER E 12 -37.60 -7.62 -8.38
CA SER E 12 -38.58 -8.09 -9.35
C SER E 12 -39.70 -7.08 -9.51
N LEU E 13 -40.70 -7.45 -10.32
CA LEU E 13 -41.83 -6.57 -10.60
C LEU E 13 -42.66 -6.30 -9.35
N TYR E 14 -42.85 -7.32 -8.51
CA TYR E 14 -43.70 -7.17 -7.32
C TYR E 14 -43.13 -6.13 -6.36
N GLN E 15 -41.80 -6.12 -6.19
CA GLN E 15 -41.20 -5.16 -5.28
C GLN E 15 -41.30 -3.73 -5.80
N LEU E 16 -41.17 -3.54 -7.11
CA LEU E 16 -41.40 -2.21 -7.67
C LEU E 16 -42.85 -1.79 -7.50
N GLU E 17 -43.79 -2.71 -7.71
CA GLU E 17 -45.19 -2.39 -7.46
C GLU E 17 -45.43 -2.06 -5.99
N ASN E 18 -44.64 -2.65 -5.10
CA ASN E 18 -44.69 -2.30 -3.68
C ASN E 18 -44.19 -0.89 -3.43
N TYR E 19 -43.08 -0.51 -4.09
CA TYR E 19 -42.51 0.82 -3.94
C TYR E 19 -43.31 1.89 -4.67
N CYS E 20 -44.30 1.49 -5.47
CA CYS E 20 -45.16 2.44 -6.17
C CYS E 20 -45.86 3.44 -5.24
N HIS E 21 -45.96 3.15 -3.95
CA HIS E 21 -46.54 4.13 -3.02
C HIS E 21 -45.76 5.44 -3.04
N SER E 22 -44.44 5.36 -3.19
CA SER E 22 -43.61 6.56 -3.16
C SER E 22 -43.93 7.52 -4.29
N LEU E 23 -44.46 7.02 -5.41
CA LEU E 23 -44.92 7.90 -6.47
C LEU E 23 -46.40 8.25 -6.35
N GLN E 24 -47.20 7.37 -5.74
CA GLN E 24 -48.60 7.71 -5.51
C GLN E 24 -48.81 8.33 -4.15
N ASN F 3 -34.25 -7.66 -17.49
CA ASN F 3 -33.82 -7.79 -16.11
C ASN F 3 -32.36 -7.39 -15.94
N GLN F 4 -32.13 -6.26 -15.27
CA GLN F 4 -30.78 -5.77 -15.04
C GLN F 4 -30.81 -4.78 -13.88
N HIS F 5 -29.62 -4.50 -13.34
CA HIS F 5 -29.46 -3.51 -12.28
C HIS F 5 -29.80 -2.14 -12.82
N LEU F 6 -30.92 -1.55 -12.38
CA LEU F 6 -31.35 -0.29 -12.96
C LEU F 6 -30.49 0.88 -12.47
N CYS F 7 -30.59 1.20 -11.18
CA CYS F 7 -29.74 2.19 -10.51
C CYS F 7 -29.87 3.59 -11.10
N GLY F 8 -29.31 4.57 -10.40
CA GLY F 8 -29.14 5.92 -10.93
C GLY F 8 -30.37 6.56 -11.52
N SER F 9 -30.20 7.18 -12.69
CA SER F 9 -31.31 7.85 -13.36
C SER F 9 -32.27 6.86 -13.99
N GLU F 10 -31.91 5.57 -13.98
CA GLU F 10 -32.76 4.54 -14.57
C GLU F 10 -33.82 4.03 -13.61
N LEU F 11 -33.57 4.06 -12.30
CA LEU F 11 -34.60 3.70 -11.34
C LEU F 11 -35.79 4.66 -11.37
N VAL F 12 -35.51 5.97 -11.43
CA VAL F 12 -36.57 6.98 -11.41
C VAL F 12 -37.36 7.04 -12.69
N GLU F 13 -36.93 6.33 -13.73
CA GLU F 13 -37.65 6.27 -15.00
C GLU F 13 -37.93 4.81 -15.34
N ALA F 14 -37.72 3.92 -14.38
CA ALA F 14 -38.18 2.55 -14.52
C ALA F 14 -39.40 2.35 -13.62
N LEU F 15 -39.35 2.90 -12.41
CA LEU F 15 -40.52 2.90 -11.54
C LEU F 15 -41.69 3.58 -12.21
N TYR F 16 -41.43 4.62 -13.01
CA TYR F 16 -42.51 5.32 -13.69
C TYR F 16 -43.28 4.39 -14.61
N LEU F 17 -42.57 3.54 -15.36
CA LEU F 17 -43.25 2.62 -16.27
C LEU F 17 -43.95 1.51 -15.53
N VAL F 18 -43.31 0.95 -14.49
CA VAL F 18 -43.94 -0.12 -13.72
C VAL F 18 -45.17 0.39 -12.99
N CYS F 19 -45.10 1.61 -12.44
CA CYS F 19 -46.22 2.18 -11.70
C CYS F 19 -47.27 2.80 -12.60
N LEU F 20 -47.21 2.55 -13.90
CA LEU F 20 -48.19 3.10 -14.83
C LEU F 20 -48.50 2.09 -15.93
C1 NAG G . -27.96 35.44 6.89
C2 NAG G . -26.59 36.15 6.75
C3 NAG G . -25.73 35.87 7.98
C4 NAG G . -26.48 36.29 9.24
C5 NAG G . -27.81 35.53 9.32
C6 NAG G . -28.66 35.97 10.49
C7 NAG G . -25.68 36.56 4.52
C8 NAG G . -24.95 35.96 3.35
N2 NAG G . -25.91 35.73 5.54
O3 NAG G . -24.51 36.58 7.88
O4 NAG G . -25.69 36.11 10.41
O5 NAG G . -28.57 35.82 8.14
O6 NAG G . -28.03 37.00 11.24
O7 NAG G . -26.04 37.72 4.53
C1 NAG G . -25.41 34.77 10.82
C2 NAG G . -23.98 34.72 11.35
C3 NAG G . -23.64 33.34 11.88
C4 NAG G . -24.67 32.90 12.91
C5 NAG G . -26.07 32.99 12.32
C6 NAG G . -27.16 32.69 13.32
C7 NAG G . -22.41 36.31 10.33
C8 NAG G . -22.74 37.23 11.46
N2 NAG G . -23.03 35.13 10.33
O3 NAG G . -22.34 33.35 12.46
O4 NAG G . -24.42 31.56 13.33
O5 NAG G . -26.31 34.33 11.84
O6 NAG G . -28.44 32.62 12.70
O7 NAG G . -21.60 36.63 9.45
C1 NAG H . 33.31 -26.79 -16.00
C2 NAG H . 32.79 -26.15 -17.29
C3 NAG H . 31.41 -26.71 -17.65
C4 NAG H . 31.48 -28.22 -17.74
C5 NAG H . 31.99 -28.79 -16.42
C6 NAG H . 32.17 -30.30 -16.46
C7 NAG H . 33.52 -23.89 -17.89
C8 NAG H . 33.33 -22.42 -17.64
N2 NAG H . 32.74 -24.70 -17.18
O3 NAG H . 30.97 -26.16 -18.88
O4 NAG H . 30.22 -28.79 -18.13
O5 NAG H . 33.27 -28.24 -16.13
O6 NAG H . 31.85 -30.82 -17.74
O7 NAG H . 34.36 -24.31 -18.68
C1 NAG H . 29.15 -28.73 -17.18
C2 NAG H . 27.86 -28.46 -17.96
C3 NAG H . 26.67 -28.46 -17.01
C4 NAG H . 26.63 -29.75 -16.22
C5 NAG H . 27.95 -29.96 -15.49
C6 NAG H . 28.03 -31.29 -14.77
C7 NAG H . 28.09 -27.13 -20.02
C8 NAG H . 28.18 -28.44 -20.74
N2 NAG H . 27.94 -27.20 -18.69
O3 NAG H . 25.47 -28.32 -17.77
O4 NAG H . 25.57 -29.72 -15.26
O5 NAG H . 29.02 -29.94 -16.45
O6 NAG H . 29.21 -31.39 -13.99
O7 NAG H . 28.16 -26.05 -20.60
C1 NAG I . -38.79 44.67 -0.62
C2 NAG I . -38.85 44.40 -2.12
C3 NAG I . -39.83 45.36 -2.82
C4 NAG I . -41.18 45.33 -2.13
C5 NAG I . -41.02 45.64 -0.65
C6 NAG I . -42.31 45.56 0.12
C7 NAG I . -36.86 43.46 -3.20
C8 NAG I . -37.54 42.13 -3.09
N2 NAG I . -37.53 44.51 -2.72
O3 NAG I . -39.96 44.98 -4.18
O4 NAG I . -42.05 46.30 -2.72
O5 NAG I . -40.12 44.68 -0.07
O6 NAG I . -42.89 44.27 0.02
O7 NAG I . -35.75 43.58 -3.71
C1 NAG J . -8.33 12.39 32.38
C2 NAG J . -8.05 13.76 31.67
C3 NAG J . -8.21 14.94 32.63
C4 NAG J . -9.52 14.86 33.39
C5 NAG J . -9.52 13.57 34.17
C6 NAG J . -10.75 13.39 35.03
C7 NAG J . -6.27 12.90 30.16
C8 NAG J . -4.87 13.13 29.67
N2 NAG J . -6.73 13.80 31.05
O3 NAG J . -8.16 16.16 31.90
O4 NAG J . -9.64 15.96 34.28
O5 NAG J . -9.49 12.48 33.24
O6 NAG J . -10.49 12.53 36.13
O7 NAG J . -6.94 11.96 29.78
C1 NAG K . -52.29 32.25 24.01
C2 NAG K . -53.47 32.92 24.71
C3 NAG K . -54.77 32.52 24.03
C4 NAG K . -54.71 32.82 22.54
C5 NAG K . -53.47 32.17 21.92
C6 NAG K . -53.28 32.53 20.46
C7 NAG K . -53.30 33.48 27.09
C8 NAG K . -53.36 32.97 28.49
N2 NAG K . -53.50 32.58 26.12
O3 NAG K . -55.86 33.23 24.62
O4 NAG K . -55.88 32.32 21.89
O5 NAG K . -52.29 32.60 22.61
O6 NAG K . -54.46 32.28 19.70
O7 NAG K . -53.08 34.67 26.84
C1 NAG L . -54.31 13.80 -7.87
C2 NAG L . -55.53 13.22 -8.58
C3 NAG L . -56.43 12.49 -7.58
C4 NAG L . -55.62 11.46 -6.80
C5 NAG L . -54.37 12.10 -6.20
C6 NAG L . -53.45 11.08 -5.54
C7 NAG L . -56.26 14.40 -10.59
C8 NAG L . -57.08 15.53 -11.14
N2 NAG L . -56.28 14.26 -9.27
O3 NAG L . -57.51 11.87 -8.26
O4 NAG L . -56.41 10.90 -5.77
O5 NAG L . -53.60 12.75 -7.22
O6 NAG L . -52.30 11.70 -5.00
O7 NAG L . -55.62 13.66 -11.33
C1 NAG M . -15.85 -12.47 20.03
C2 NAG M . -15.35 -13.90 19.80
C3 NAG M . -16.42 -14.90 20.24
C4 NAG M . -16.86 -14.63 21.67
C5 NAG M . -17.29 -13.18 21.82
C6 NAG M . -17.64 -12.80 23.25
C7 NAG M . -13.76 -13.95 17.94
C8 NAG M . -13.57 -14.21 16.48
N2 NAG M . -15.00 -14.10 18.41
O3 NAG M . -15.90 -16.22 20.14
O4 NAG M . -17.94 -15.48 22.03
O5 NAG M . -16.23 -12.31 21.41
O6 NAG M . -16.46 -12.58 24.02
O7 NAG M . -12.82 -13.62 18.66
C1 NAG N . -57.82 31.37 2.60
C2 NAG N . -58.57 30.07 2.31
C3 NAG N . -59.90 30.38 1.65
C4 NAG N . -60.71 31.34 2.50
C5 NAG N . -59.88 32.59 2.82
C6 NAG N . -60.57 33.52 3.79
C7 NAG N . -57.11 28.13 1.98
C8 NAG N . -56.34 27.32 0.99
N2 NAG N . -57.78 29.18 1.48
O3 NAG N . -60.63 29.16 1.46
O4 NAG N . -61.89 31.73 1.81
O5 NAG N . -58.63 32.21 3.42
O6 NAG N . -60.70 32.93 5.07
O7 NAG N . -57.12 27.86 3.18
C1 NAG O . 49.33 -27.66 -17.32
C2 NAG O . 50.01 -26.35 -16.90
C3 NAG O . 51.53 -26.44 -17.13
C4 NAG O . 52.11 -27.68 -16.47
C5 NAG O . 51.36 -28.91 -16.97
C6 NAG O . 51.81 -30.19 -16.32
C7 NAG O . 48.74 -24.26 -17.04
C8 NAG O . 48.49 -24.43 -15.58
N2 NAG O . 49.47 -25.22 -17.62
O3 NAG O . 52.16 -25.28 -16.59
O4 NAG O . 53.49 -27.81 -16.78
O5 NAG O . 49.97 -28.77 -16.68
O6 NAG O . 51.63 -30.14 -14.90
O7 NAG O . 48.29 -23.31 -17.67
C1 NAG P . -5.06 -34.04 -9.53
C2 NAG P . -4.20 -33.57 -10.75
C3 NAG P . -4.00 -34.69 -11.77
C4 NAG P . -3.52 -35.97 -11.10
C5 NAG P . -4.58 -36.38 -10.10
C6 NAG P . -4.27 -37.68 -9.38
C7 NAG P . -5.08 -31.26 -10.80
C8 NAG P . -5.68 -30.19 -11.67
N2 NAG P . -4.77 -32.40 -11.41
O3 NAG P . -3.05 -34.31 -12.75
O4 NAG P . -3.36 -37.01 -12.06
O5 NAG P . -4.64 -35.36 -9.09
O6 NAG P . -5.44 -38.31 -8.90
O7 NAG P . -4.87 -31.06 -9.61
C1 NAG Q . 39.65 -52.66 -2.38
C2 NAG Q . 40.44 -53.97 -2.40
C3 NAG Q . 41.50 -53.96 -1.30
C4 NAG Q . 42.38 -52.73 -1.43
C5 NAG Q . 41.54 -51.47 -1.47
C6 NAG Q . 42.34 -50.22 -1.71
C7 NAG Q . 39.36 -56.02 -3.23
C8 NAG Q . 38.41 -57.13 -2.91
N2 NAG Q . 39.55 -55.12 -2.25
O3 NAG Q . 42.29 -55.14 -1.41
O4 NAG Q . 43.28 -52.66 -0.33
O5 NAG Q . 40.56 -51.56 -2.52
O6 NAG Q . 43.42 -50.11 -0.81
O7 NAG Q . 39.93 -55.93 -4.31
C1 NAG R . 48.57 -23.01 17.67
C2 NAG R . 49.50 -22.90 18.88
C3 NAG R . 49.24 -24.05 19.84
C4 NAG R . 47.76 -24.09 20.22
C5 NAG R . 46.88 -24.11 18.96
C6 NAG R . 45.41 -24.01 19.27
C7 NAG R . 51.65 -21.79 18.47
C8 NAG R . 53.07 -21.96 18.01
N2 NAG R . 50.90 -22.89 18.46
O3 NAG R . 50.03 -23.88 21.01
O4 NAG R . 47.49 -25.25 20.99
O5 NAG R . 47.21 -23.00 18.11
O6 NAG R . 44.63 -24.03 18.08
O7 NAG R . 51.21 -20.71 18.84
C1 NAG S . -5.71 -22.34 16.74
C2 NAG S . -6.64 -21.62 17.72
C3 NAG S . -6.63 -22.32 19.07
C4 NAG S . -6.94 -23.79 18.91
C5 NAG S . -6.00 -24.43 17.91
C6 NAG S . -6.32 -25.87 17.61
C7 NAG S . -6.81 -19.24 17.12
C8 NAG S . -6.30 -17.86 17.39
N2 NAG S . -6.27 -20.23 17.85
O3 NAG S . -7.60 -21.70 19.92
O4 NAG S . -6.80 -24.46 20.16
O5 NAG S . -6.08 -23.73 16.65
O6 NAG S . -7.43 -25.99 16.73
O7 NAG S . -7.67 -19.46 16.27
C1 NAG T . 54.24 -37.12 3.54
C2 NAG T . 54.28 -36.98 5.07
C3 NAG T . 55.70 -37.15 5.58
C4 NAG T . 56.29 -38.46 5.09
C5 NAG T . 56.16 -38.56 3.57
C6 NAG T . 56.60 -39.92 3.04
C7 NAG T . 52.46 -35.59 5.97
C8 NAG T . 52.04 -34.21 6.36
N2 NAG T . 53.71 -35.71 5.50
O3 NAG T . 55.69 -37.10 7.00
O4 NAG T . 57.66 -38.54 5.46
O5 NAG T . 54.79 -38.38 3.17
O6 NAG T . 55.72 -40.94 3.47
O7 NAG T . 51.71 -36.55 6.07
#